data_6JI2
#
_entry.id   6JI2
#
_cell.length_a   71.447
_cell.length_b   73.405
_cell.length_c   108.142
_cell.angle_alpha   98.64
_cell.angle_beta   93.80
_cell.angle_gamma   100.44
#
_symmetry.space_group_name_H-M   'P 1'
#
loop_
_entity.id
_entity.type
_entity.pdbx_description
1 polymer 'Elongation factor 1-alpha'
2 polymer 'Protein pelota homolog'
3 polymer 'Archaeal ribosomal stalk protein aP1'
4 non-polymer "GUANOSINE-5'-TRIPHOSPHATE"
5 non-polymer 'MAGNESIUM ION'
6 non-polymer 'SODIUM ION'
7 water water
#
loop_
_entity_poly.entity_id
_entity_poly.type
_entity_poly.pdbx_seq_one_letter_code
_entity_poly.pdbx_strand_id
1 'polypeptide(L)'
;GSHMAEKPHMNLVVIGHVDHGKSTLVGHLLYRLGYIEEKKLKELEEQAKSRGKESFKFAWILDKMKEERERGITIDLTFM
KFETKKYVFTIIDAPGHRDFVKNMITGASQADAAILVVSARKGEFEAGMSTEGQTREHLLLARTMGIEQIIVAVNKMDAP
DVNYDQKRYEFVVSVLKKFMKGLGYQVDKIPFIPVSAWKGDNLIERSPNMPWYNGPTLVEALDQLQPPAKPVDKPLRIPV
QNVYSIPGAGTVPVGRVETGVLRVGDKVVFMPPGVVGEVRSIEMHYQQLQQAEPGDNIGFAVRGVSKSDIKRGDVAGHLD
KPPTVAEEFEARIFVIWHPSAITVGYTPVIHVHTASVSSRIIEIKAKLDPKTGQVVEQNPQFLKAGDAAIVRFKPVKPLV
VEKFSEIPQLGRFAMRDMNRTVGIGIVTDVKPAKVDIKAKLARGSGC
;
A,E
2 'polypeptide(L)'
;MGSSHHHHHHSSGLVPRGSHMRVEVLDNKRRIVRLRPESEEDLWLLRITLRPGDVVRIRTSRDVPVGSGRKERVVMTLRI
RLDSIEFQPFTGKLRISGIVVEGPDEFGVKGRRHSTAVSIGTWLVVERDKGWSEQELERLASGRARGTAVIAAVDYDEFA
LAVLAGHGMKILEDTSARLPGKDDPSREQEVEKYVDRAAKRIVEEAARHRSPIAVIAGPGQLKTSVAEKVQRAMPSLKVA
TVDTSMGGVAGVREALRRESVTRILRELSIVEAEGVLEEFLRRIAKSRDTVAYTPGEVLAVARMGAVDTVLLVDTLLHSP
DDAVREAVDEALRLVESMGGRVIIIPGDSPAGERLVSFGGVIALLRYPVPQEARRL
;
B,F
3 'polypeptide(L)' KKEEEVDLSGLSGMFGF X
#
loop_
_chem_comp.id
_chem_comp.type
_chem_comp.name
_chem_comp.formula
GTP non-polymer GUANOSINE-5'-TRIPHOSPHATE 'C10 H16 N5 O14 P3'
MG non-polymer 'MAGNESIUM ION' 'Mg 2'
NA non-polymer 'SODIUM ION' 'Na 1'
#
# COMPACT_ATOMS: atom_id res chain seq x y z
N LYS A 7 0.85 -47.59 11.07
CA LYS A 7 -0.27 -47.33 10.12
C LYS A 7 0.05 -46.13 9.22
N PRO A 8 0.16 -46.36 7.89
CA PRO A 8 0.39 -45.22 7.00
C PRO A 8 -0.88 -44.39 6.80
N HIS A 9 -0.71 -43.12 6.42
CA HIS A 9 -1.82 -42.16 6.29
C HIS A 9 -2.17 -41.83 4.83
N MET A 10 -3.46 -41.71 4.54
CA MET A 10 -3.94 -41.37 3.20
C MET A 10 -5.16 -40.44 3.22
N ASN A 11 -5.18 -39.51 2.27
CA ASN A 11 -6.24 -38.52 2.15
C ASN A 11 -7.26 -38.98 1.11
N LEU A 12 -8.48 -39.23 1.57
CA LEU A 12 -9.55 -39.75 0.73
C LEU A 12 -10.56 -38.62 0.48
N VAL A 13 -10.93 -38.39 -0.78
CA VAL A 13 -11.92 -37.37 -1.15
C VAL A 13 -13.17 -38.00 -1.76
N VAL A 14 -14.34 -37.44 -1.45
CA VAL A 14 -15.61 -38.02 -1.90
C VAL A 14 -16.25 -37.10 -2.93
N ILE A 15 -16.44 -37.64 -4.13
CA ILE A 15 -16.87 -36.87 -5.29
C ILE A 15 -18.04 -37.56 -5.97
N GLY A 16 -18.94 -36.77 -6.54
CA GLY A 16 -20.03 -37.26 -7.38
C GLY A 16 -21.04 -36.16 -7.66
N HIS A 17 -22.04 -36.48 -8.46
CA HIS A 17 -23.08 -35.52 -8.84
C HIS A 17 -23.92 -35.13 -7.62
N VAL A 18 -24.59 -33.98 -7.70
CA VAL A 18 -25.48 -33.49 -6.64
C VAL A 18 -26.50 -34.53 -6.14
N ASP A 19 -26.51 -34.72 -4.82
CA ASP A 19 -27.42 -35.65 -4.12
C ASP A 19 -27.33 -37.13 -4.55
N HIS A 20 -26.16 -37.55 -5.04
CA HIS A 20 -25.90 -38.96 -5.33
C HIS A 20 -25.50 -39.77 -4.09
N GLY A 21 -25.28 -39.07 -2.97
CA GLY A 21 -25.15 -39.69 -1.64
C GLY A 21 -23.75 -39.76 -1.08
N LYS A 22 -22.96 -38.70 -1.29
CA LYS A 22 -21.61 -38.59 -0.70
C LYS A 22 -21.62 -38.49 0.83
N SER A 23 -22.36 -37.50 1.33
CA SER A 23 -22.35 -37.18 2.74
C SER A 23 -22.99 -38.28 3.61
N THR A 24 -24.05 -38.92 3.10
CA THR A 24 -24.66 -40.05 3.81
C THR A 24 -23.76 -41.28 3.80
N LEU A 25 -22.96 -41.46 2.75
CA LEU A 25 -21.99 -42.56 2.72
C LEU A 25 -20.97 -42.39 3.83
N VAL A 26 -20.36 -41.22 3.88
CA VAL A 26 -19.34 -40.90 4.89
C VAL A 26 -19.99 -40.87 6.28
N GLY A 27 -21.20 -40.33 6.36
CA GLY A 27 -21.99 -40.35 7.59
C GLY A 27 -22.20 -41.76 8.14
N HIS A 28 -22.79 -42.63 7.32
CA HIS A 28 -23.12 -44.00 7.73
C HIS A 28 -21.88 -44.88 7.89
N LEU A 29 -20.91 -44.75 6.98
CA LEU A 29 -19.64 -45.49 7.09
C LEU A 29 -18.91 -45.27 8.42
N LEU A 30 -18.94 -44.04 8.91
CA LEU A 30 -18.34 -43.72 10.22
C LEU A 30 -19.14 -44.35 11.36
N TYR A 31 -20.47 -44.22 11.31
CA TYR A 31 -21.37 -44.80 12.31
C TYR A 31 -21.23 -46.32 12.45
N ARG A 32 -21.02 -47.01 11.33
CA ARG A 32 -20.78 -48.46 11.35
C ARG A 32 -19.40 -48.83 11.89
N LEU A 33 -18.37 -48.05 11.53
CA LEU A 33 -17.01 -48.28 12.05
C LEU A 33 -16.81 -47.83 13.50
N GLY A 34 -17.82 -47.17 14.07
CA GLY A 34 -17.87 -46.88 15.51
C GLY A 34 -17.91 -45.42 15.92
N TYR A 35 -17.54 -44.52 15.00
CA TYR A 35 -17.14 -43.16 15.34
C TYR A 35 -18.28 -42.17 15.62
N ILE A 36 -19.53 -42.55 15.33
CA ILE A 36 -20.67 -41.68 15.58
C ILE A 36 -21.47 -42.23 16.77
N GLU A 37 -21.76 -41.35 17.73
CA GLU A 37 -22.52 -41.72 18.92
C GLU A 37 -24.00 -41.93 18.57
N GLU A 38 -24.61 -42.92 19.22
CA GLU A 38 -26.04 -43.21 19.09
C GLU A 38 -26.92 -41.99 19.41
N LYS A 39 -26.61 -41.32 20.53
CA LYS A 39 -27.34 -40.14 20.99
C LYS A 39 -27.23 -38.98 20.00
N LYS A 40 -26.09 -38.86 19.34
CA LYS A 40 -25.87 -37.82 18.32
C LYS A 40 -26.68 -38.09 17.05
N LEU A 41 -26.55 -39.30 16.52
CA LEU A 41 -27.23 -39.71 15.28
C LEU A 41 -28.75 -39.47 15.33
N LYS A 42 -29.38 -39.82 16.46
CA LYS A 42 -30.81 -39.62 16.63
C LYS A 42 -31.19 -38.17 16.92
N GLU A 43 -30.28 -37.42 17.54
CA GLU A 43 -30.43 -35.97 17.75
C GLU A 43 -30.49 -35.23 16.40
N LEU A 44 -29.65 -35.68 15.47
CA LEU A 44 -29.65 -35.18 14.11
C LEU A 44 -30.92 -35.59 13.36
N GLU A 45 -31.36 -36.84 13.58
CA GLU A 45 -32.61 -37.34 13.00
C GLU A 45 -33.83 -36.53 13.40
N GLU A 46 -33.88 -36.11 14.67
CA GLU A 46 -34.98 -35.31 15.19
C GLU A 46 -35.04 -33.93 14.52
N GLN A 47 -33.91 -33.22 14.49
CA GLN A 47 -33.81 -31.90 13.84
C GLN A 47 -34.04 -31.98 12.34
N ALA A 48 -33.48 -33.02 11.72
CA ALA A 48 -33.71 -33.33 10.32
C ALA A 48 -35.21 -33.45 10.06
N LYS A 49 -35.86 -34.29 10.87
CA LYS A 49 -37.32 -34.48 10.81
C LYS A 49 -38.13 -33.22 11.13
N SER A 50 -37.65 -32.41 12.06
CA SER A 50 -38.33 -31.16 12.43
C SER A 50 -38.37 -30.13 11.29
N ARG A 51 -37.36 -30.16 10.42
CA ARG A 51 -37.40 -29.45 9.13
C ARG A 51 -37.78 -30.46 8.04
N GLY A 52 -38.07 -29.99 6.83
CA GLY A 52 -38.59 -30.88 5.77
C GLY A 52 -37.52 -31.76 5.13
N LYS A 53 -36.66 -32.36 5.96
CA LYS A 53 -35.36 -32.91 5.53
C LYS A 53 -35.11 -34.29 6.17
N GLU A 54 -36.16 -35.10 6.28
CA GLU A 54 -36.13 -36.34 7.08
C GLU A 54 -34.90 -37.23 6.86
N SER A 55 -34.54 -37.46 5.59
CA SER A 55 -33.54 -38.46 5.22
C SER A 55 -32.08 -37.95 5.14
N PHE A 56 -31.82 -36.76 5.69
CA PHE A 56 -30.47 -36.20 5.71
C PHE A 56 -29.84 -36.36 7.11
N LYS A 57 -30.06 -37.48 7.78
CA LYS A 57 -29.56 -37.65 9.15
C LYS A 57 -28.06 -37.96 9.15
N PHE A 58 -27.63 -38.87 8.28
CA PHE A 58 -26.21 -39.21 8.15
C PHE A 58 -25.42 -38.08 7.51
N ALA A 59 -26.04 -37.37 6.58
CA ALA A 59 -25.41 -36.22 5.94
C ALA A 59 -25.07 -35.09 6.91
N TRP A 60 -25.91 -34.90 7.93
CA TRP A 60 -25.77 -33.80 8.90
C TRP A 60 -24.64 -33.98 9.93
N ILE A 61 -23.99 -35.14 9.90
CA ILE A 61 -22.69 -35.34 10.54
C ILE A 61 -21.63 -34.47 9.85
N LEU A 62 -21.72 -34.39 8.51
CA LEU A 62 -20.79 -33.64 7.67
C LEU A 62 -21.28 -32.22 7.37
N ASP A 63 -22.48 -32.11 6.81
CA ASP A 63 -23.07 -30.80 6.47
C ASP A 63 -23.44 -30.02 7.73
N LYS A 64 -23.03 -28.76 7.81
CA LYS A 64 -23.24 -27.93 9.02
C LYS A 64 -23.75 -26.51 8.81
N MET A 65 -23.43 -25.85 7.69
CA MET A 65 -23.76 -24.43 7.52
C MET A 65 -25.27 -24.21 7.42
N LYS A 66 -25.70 -22.99 7.74
CA LYS A 66 -27.12 -22.57 7.60
C LYS A 66 -27.68 -22.93 6.22
N GLU A 67 -26.92 -22.63 5.17
CA GLU A 67 -27.32 -22.96 3.79
C GLU A 67 -27.25 -24.46 3.50
N GLU A 68 -26.19 -25.12 3.97
CA GLU A 68 -26.02 -26.57 3.76
C GLU A 68 -27.18 -27.40 4.30
N ARG A 69 -27.72 -26.98 5.44
CA ARG A 69 -28.78 -27.75 6.12
C ARG A 69 -30.14 -27.36 5.53
N GLU A 70 -30.33 -26.07 5.22
CA GLU A 70 -31.55 -25.60 4.56
C GLU A 70 -31.72 -26.17 3.16
N ARG A 71 -30.64 -26.23 2.42
CA ARG A 71 -30.63 -26.71 1.06
C ARG A 71 -30.47 -28.20 0.93
N GLY A 72 -29.86 -28.80 1.92
CA GLY A 72 -29.55 -30.23 1.87
C GLY A 72 -28.45 -30.46 0.87
N ILE A 73 -27.45 -29.58 0.94
CA ILE A 73 -26.35 -29.50 -0.03
C ILE A 73 -25.03 -29.34 0.74
N THR A 74 -24.04 -30.18 0.46
CA THR A 74 -22.66 -29.90 0.89
C THR A 74 -22.13 -28.74 0.07
N ILE A 75 -21.50 -27.76 0.73
CA ILE A 75 -21.01 -26.55 0.06
C ILE A 75 -19.48 -26.46 0.13
N ASP A 76 -18.92 -26.56 1.33
CA ASP A 76 -17.47 -26.58 1.52
C ASP A 76 -17.04 -27.92 2.11
N LEU A 77 -15.74 -28.16 2.10
CA LEU A 77 -15.18 -29.44 2.49
C LEU A 77 -15.34 -29.68 3.98
N THR A 78 -15.75 -30.90 4.34
CA THR A 78 -15.78 -31.36 5.71
C THR A 78 -14.66 -32.36 5.87
N PHE A 79 -13.84 -32.19 6.91
CA PHE A 79 -12.71 -33.08 7.17
C PHE A 79 -13.01 -33.96 8.37
N MET A 80 -12.73 -35.26 8.23
CA MET A 80 -12.94 -36.23 9.29
C MET A 80 -11.93 -37.36 9.24
N LYS A 81 -11.85 -38.07 10.37
CA LYS A 81 -10.81 -39.06 10.62
C LYS A 81 -11.41 -40.40 10.99
N PHE A 82 -10.88 -41.46 10.39
CA PHE A 82 -11.08 -42.84 10.85
C PHE A 82 -9.90 -43.69 10.40
N GLU A 83 -9.92 -44.97 10.78
CA GLU A 83 -8.88 -45.91 10.35
C GLU A 83 -9.42 -47.33 10.19
N THR A 84 -8.83 -48.05 9.24
CA THR A 84 -9.18 -49.44 8.95
C THR A 84 -8.10 -50.37 9.54
N LYS A 85 -8.10 -51.64 9.13
CA LYS A 85 -7.02 -52.59 9.46
C LYS A 85 -5.62 -51.99 9.24
N LYS A 86 -5.38 -51.53 8.01
CA LYS A 86 -4.03 -51.18 7.53
C LYS A 86 -3.70 -49.69 7.59
N TYR A 87 -4.66 -48.83 7.24
CA TYR A 87 -4.42 -47.39 7.09
C TYR A 87 -5.26 -46.52 8.02
N VAL A 88 -4.83 -45.26 8.14
CA VAL A 88 -5.58 -44.19 8.84
C VAL A 88 -5.91 -43.10 7.81
N PHE A 89 -7.18 -42.71 7.73
CA PHE A 89 -7.66 -41.82 6.66
C PHE A 89 -8.01 -40.41 7.15
N THR A 90 -7.72 -39.41 6.31
CA THR A 90 -8.38 -38.12 6.39
C THR A 90 -9.43 -38.17 5.27
N ILE A 91 -10.70 -38.33 5.64
CA ILE A 91 -11.78 -38.36 4.65
C ILE A 91 -12.36 -36.95 4.46
N ILE A 92 -12.52 -36.57 3.19
CA ILE A 92 -12.81 -35.19 2.80
C ILE A 92 -14.09 -35.20 1.98
N ASP A 93 -15.22 -34.94 2.65
CA ASP A 93 -16.54 -34.90 2.00
C ASP A 93 -16.64 -33.61 1.18
N ALA A 94 -16.69 -33.75 -0.15
CA ALA A 94 -16.68 -32.61 -1.07
C ALA A 94 -18.06 -32.37 -1.67
N PRO A 95 -18.31 -31.16 -2.20
CA PRO A 95 -19.64 -30.80 -2.69
C PRO A 95 -19.93 -31.31 -4.09
N GLY A 96 -21.20 -31.68 -4.32
CA GLY A 96 -21.66 -32.15 -5.61
C GLY A 96 -22.10 -31.04 -6.52
N HIS A 97 -22.90 -30.12 -5.97
CA HIS A 97 -23.54 -29.05 -6.76
C HIS A 97 -22.52 -28.33 -7.64
N ARG A 98 -22.95 -27.97 -8.85
CA ARG A 98 -22.05 -27.30 -9.81
C ARG A 98 -21.48 -25.95 -9.34
N ASP A 99 -22.27 -25.21 -8.57
CA ASP A 99 -21.85 -23.89 -8.03
C ASP A 99 -20.61 -23.91 -7.12
N PHE A 100 -20.27 -25.08 -6.57
CA PHE A 100 -19.16 -25.19 -5.62
C PHE A 100 -18.11 -26.21 -6.03
N VAL A 101 -17.91 -26.43 -7.32
CA VAL A 101 -16.84 -27.34 -7.76
C VAL A 101 -15.44 -26.75 -7.51
N LYS A 102 -15.34 -25.46 -7.21
CA LYS A 102 -14.05 -24.89 -6.78
C LYS A 102 -13.55 -25.48 -5.45
N ASN A 103 -14.48 -25.83 -4.56
CA ASN A 103 -14.12 -26.48 -3.29
C ASN A 103 -13.79 -27.96 -3.47
N MET A 104 -14.51 -28.61 -4.39
CA MET A 104 -14.19 -29.97 -4.81
C MET A 104 -12.76 -30.06 -5.33
N ILE A 105 -12.32 -29.02 -6.07
CA ILE A 105 -10.95 -28.96 -6.59
C ILE A 105 -9.91 -28.82 -5.46
N THR A 106 -10.18 -27.97 -4.47
CA THR A 106 -9.24 -27.82 -3.35
C THR A 106 -9.12 -29.12 -2.56
N GLY A 107 -10.23 -29.85 -2.46
CA GLY A 107 -10.25 -31.16 -1.85
C GLY A 107 -9.53 -32.17 -2.69
N ALA A 108 -9.76 -32.13 -4.00
CA ALA A 108 -9.11 -33.02 -4.96
C ALA A 108 -7.60 -32.84 -5.01
N SER A 109 -7.12 -31.62 -4.80
CA SER A 109 -5.68 -31.32 -4.81
C SER A 109 -4.93 -31.97 -3.65
N GLN A 110 -5.64 -32.27 -2.56
CA GLN A 110 -5.08 -32.93 -1.37
C GLN A 110 -5.21 -34.45 -1.39
N ALA A 111 -6.11 -34.96 -2.22
CA ALA A 111 -6.48 -36.37 -2.20
C ALA A 111 -5.38 -37.27 -2.76
N ASP A 112 -5.10 -38.34 -2.02
CA ASP A 112 -4.25 -39.43 -2.52
C ASP A 112 -5.08 -40.42 -3.33
N ALA A 113 -6.36 -40.54 -2.99
CA ALA A 113 -7.30 -41.35 -3.76
C ALA A 113 -8.70 -40.76 -3.62
N ALA A 114 -9.67 -41.35 -4.31
CA ALA A 114 -11.05 -40.86 -4.26
C ALA A 114 -12.09 -41.97 -4.26
N ILE A 115 -13.25 -41.66 -3.65
CA ILE A 115 -14.44 -42.47 -3.76
C ILE A 115 -15.40 -41.69 -4.67
N LEU A 116 -15.72 -42.27 -5.84
CA LEU A 116 -16.66 -41.65 -6.78
C LEU A 116 -18.05 -42.23 -6.51
N VAL A 117 -18.89 -41.46 -5.81
CA VAL A 117 -20.23 -41.87 -5.45
C VAL A 117 -21.17 -41.60 -6.63
N VAL A 118 -21.66 -42.67 -7.24
CA VAL A 118 -22.58 -42.57 -8.35
C VAL A 118 -23.91 -43.19 -7.94
N SER A 119 -24.99 -42.68 -8.49
CA SER A 119 -26.34 -43.04 -8.07
C SER A 119 -26.95 -43.91 -9.15
N ALA A 120 -27.46 -45.08 -8.75
CA ALA A 120 -28.11 -46.00 -9.68
C ALA A 120 -29.57 -45.66 -10.01
N ARG A 121 -30.13 -44.58 -9.45
CA ARG A 121 -31.53 -44.20 -9.72
C ARG A 121 -31.71 -43.66 -11.14
N LYS A 122 -32.92 -43.80 -11.67
CA LYS A 122 -33.23 -43.45 -13.07
C LYS A 122 -33.31 -41.94 -13.26
N GLY A 123 -32.57 -41.43 -14.24
CA GLY A 123 -32.42 -39.99 -14.45
C GLY A 123 -31.20 -39.42 -13.74
N GLU A 124 -30.93 -39.90 -12.53
CA GLU A 124 -29.83 -39.41 -11.70
C GLU A 124 -28.46 -39.86 -12.21
N PHE A 125 -28.34 -41.12 -12.61
CA PHE A 125 -27.13 -41.58 -13.30
C PHE A 125 -26.90 -40.81 -14.59
N GLU A 126 -27.99 -40.62 -15.33
CA GLU A 126 -27.94 -39.97 -16.64
C GLU A 126 -27.60 -38.48 -16.49
N ALA A 127 -28.13 -37.83 -15.45
CA ALA A 127 -27.79 -36.44 -15.14
C ALA A 127 -26.35 -36.30 -14.66
N GLY A 128 -25.86 -37.32 -13.96
CA GLY A 128 -24.46 -37.38 -13.54
C GLY A 128 -23.48 -37.51 -14.70
N MET A 129 -23.87 -38.30 -15.71
CA MET A 129 -23.00 -38.59 -16.86
C MET A 129 -23.33 -37.82 -18.15
N SER A 130 -24.22 -36.82 -18.08
CA SER A 130 -24.55 -36.00 -19.26
C SER A 130 -23.38 -35.04 -19.56
N THR A 131 -23.56 -34.14 -20.53
CA THR A 131 -22.52 -33.19 -20.88
C THR A 131 -22.08 -32.34 -19.69
N GLU A 132 -23.07 -31.75 -19.02
CA GLU A 132 -22.83 -30.81 -17.91
C GLU A 132 -23.01 -31.45 -16.52
N GLY A 133 -22.87 -32.77 -16.44
CA GLY A 133 -22.95 -33.51 -15.18
C GLY A 133 -21.63 -33.51 -14.44
N GLN A 134 -21.66 -34.00 -13.20
CA GLN A 134 -20.53 -33.92 -12.27
C GLN A 134 -19.90 -35.27 -11.94
N THR A 135 -20.58 -36.38 -12.23
CA THR A 135 -19.91 -37.68 -12.31
C THR A 135 -18.79 -37.55 -13.35
N ARG A 136 -19.16 -36.96 -14.49
CA ARG A 136 -18.23 -36.68 -15.57
C ARG A 136 -17.17 -35.64 -15.18
N GLU A 137 -17.61 -34.50 -14.65
CA GLU A 137 -16.71 -33.37 -14.40
C GLU A 137 -15.73 -33.61 -13.25
N HIS A 138 -16.22 -34.17 -12.14
CA HIS A 138 -15.36 -34.50 -11.01
C HIS A 138 -14.34 -35.58 -11.38
N LEU A 139 -14.73 -36.54 -12.21
CA LEU A 139 -13.78 -37.52 -12.77
C LEU A 139 -12.71 -36.85 -13.61
N LEU A 140 -13.13 -35.86 -14.41
CA LEU A 140 -12.20 -35.05 -15.21
C LEU A 140 -11.26 -34.29 -14.29
N LEU A 141 -11.84 -33.53 -13.37
CA LEU A 141 -11.09 -32.68 -12.46
C LEU A 141 -10.17 -33.47 -11.51
N ALA A 142 -10.68 -34.58 -10.96
CA ALA A 142 -9.90 -35.48 -10.09
C ALA A 142 -8.66 -36.02 -10.80
N ARG A 143 -8.83 -36.41 -12.06
CA ARG A 143 -7.74 -36.88 -12.90
C ARG A 143 -6.66 -35.81 -13.08
N THR A 144 -7.07 -34.57 -13.38
CA THR A 144 -6.09 -33.51 -13.73
C THR A 144 -5.37 -32.98 -12.50
N MET A 145 -6.00 -33.12 -11.34
CA MET A 145 -5.41 -32.67 -10.07
C MET A 145 -4.45 -33.71 -9.46
N GLY A 146 -4.38 -34.91 -10.04
CA GLY A 146 -3.38 -35.91 -9.67
C GLY A 146 -3.87 -37.18 -8.99
N ILE A 147 -5.18 -37.32 -8.79
CA ILE A 147 -5.73 -38.51 -8.14
C ILE A 147 -5.61 -39.68 -9.12
N GLU A 148 -4.73 -40.63 -8.78
CA GLU A 148 -4.48 -41.81 -9.59
C GLU A 148 -5.33 -43.00 -9.13
N GLN A 149 -5.47 -43.17 -7.81
CA GLN A 149 -6.30 -44.24 -7.25
C GLN A 149 -7.74 -43.82 -7.10
N ILE A 150 -8.65 -44.76 -7.31
CA ILE A 150 -10.08 -44.45 -7.35
C ILE A 150 -10.90 -45.71 -7.02
N ILE A 151 -11.85 -45.55 -6.10
CA ILE A 151 -12.86 -46.56 -5.77
C ILE A 151 -14.19 -45.95 -6.16
N VAL A 152 -15.08 -46.72 -6.77
CA VAL A 152 -16.40 -46.17 -7.14
C VAL A 152 -17.48 -46.95 -6.39
N ALA A 153 -18.45 -46.21 -5.84
CA ALA A 153 -19.53 -46.76 -5.06
C ALA A 153 -20.85 -46.49 -5.75
N VAL A 154 -21.40 -47.53 -6.39
CA VAL A 154 -22.71 -47.42 -7.05
C VAL A 154 -23.78 -47.40 -5.95
N ASN A 155 -24.08 -46.19 -5.51
CA ASN A 155 -24.96 -45.95 -4.37
C ASN A 155 -26.45 -46.04 -4.74
N LYS A 156 -27.29 -46.14 -3.73
CA LYS A 156 -28.78 -46.12 -3.84
C LYS A 156 -29.34 -47.40 -4.48
N MET A 157 -28.73 -48.53 -4.14
CA MET A 157 -29.15 -49.82 -4.68
C MET A 157 -30.51 -50.22 -4.12
N ASP A 158 -30.77 -49.82 -2.88
CA ASP A 158 -32.05 -50.12 -2.21
C ASP A 158 -33.27 -49.38 -2.77
N ALA A 159 -33.08 -48.32 -3.53
CA ALA A 159 -34.20 -47.46 -3.97
C ALA A 159 -35.33 -48.21 -4.68
N PRO A 160 -36.60 -47.75 -4.51
CA PRO A 160 -37.77 -48.31 -5.21
C PRO A 160 -37.61 -48.54 -6.71
N ASP A 161 -37.02 -47.57 -7.42
CA ASP A 161 -36.82 -47.68 -8.88
C ASP A 161 -35.54 -48.42 -9.32
N VAL A 162 -34.84 -49.06 -8.37
CA VAL A 162 -33.70 -49.95 -8.67
C VAL A 162 -33.93 -51.32 -8.05
N ASN A 163 -33.99 -51.37 -6.71
CA ASN A 163 -34.31 -52.60 -5.95
C ASN A 163 -33.25 -53.70 -6.11
N TYR A 164 -32.01 -53.35 -5.78
CA TYR A 164 -30.87 -54.28 -5.73
C TYR A 164 -30.60 -55.02 -7.05
N ASP A 165 -30.92 -54.35 -8.16
CA ASP A 165 -30.88 -54.94 -9.50
C ASP A 165 -29.43 -55.08 -9.98
N GLN A 166 -29.15 -56.18 -10.68
CA GLN A 166 -27.85 -56.40 -11.33
C GLN A 166 -27.81 -55.78 -12.73
N LYS A 167 -28.94 -55.83 -13.44
CA LYS A 167 -29.11 -55.22 -14.78
C LYS A 167 -28.68 -53.73 -14.80
N ARG A 168 -29.03 -53.01 -13.73
CA ARG A 168 -28.60 -51.61 -13.55
C ARG A 168 -27.11 -51.53 -13.23
N TYR A 169 -26.66 -52.24 -12.20
CA TYR A 169 -25.24 -52.22 -11.79
C TYR A 169 -24.29 -52.49 -12.95
N GLU A 170 -24.59 -53.51 -13.76
CA GLU A 170 -23.75 -53.86 -14.91
C GLU A 170 -23.78 -52.73 -15.94
N PHE A 171 -24.97 -52.16 -16.17
CA PHE A 171 -25.14 -51.08 -17.14
C PHE A 171 -24.42 -49.79 -16.75
N VAL A 172 -24.53 -49.38 -15.48
CA VAL A 172 -23.85 -48.15 -15.00
C VAL A 172 -22.32 -48.30 -14.97
N VAL A 173 -21.84 -49.47 -14.58
CA VAL A 173 -20.41 -49.78 -14.59
C VAL A 173 -19.87 -49.76 -16.03
N SER A 174 -20.65 -50.26 -16.98
CA SER A 174 -20.29 -50.24 -18.41
C SER A 174 -19.98 -48.83 -18.94
N VAL A 175 -20.87 -47.87 -18.66
CA VAL A 175 -20.74 -46.49 -19.15
C VAL A 175 -19.59 -45.75 -18.43
N LEU A 176 -19.36 -46.08 -17.17
CA LEU A 176 -18.26 -45.47 -16.45
C LEU A 176 -16.94 -46.04 -16.92
N LYS A 177 -16.93 -47.33 -17.19
CA LYS A 177 -15.70 -47.98 -17.67
C LYS A 177 -15.26 -47.40 -19.02
N LYS A 178 -16.22 -47.15 -19.91
CA LYS A 178 -15.93 -46.55 -21.20
C LYS A 178 -15.35 -45.13 -21.05
N PHE A 179 -15.96 -44.34 -20.16
CA PHE A 179 -15.55 -42.95 -19.95
C PHE A 179 -14.18 -42.82 -19.27
N MET A 180 -13.97 -43.59 -18.20
CA MET A 180 -12.72 -43.50 -17.43
C MET A 180 -11.50 -43.96 -18.21
N LYS A 181 -11.66 -44.95 -19.09
CA LYS A 181 -10.56 -45.40 -19.96
C LYS A 181 -10.12 -44.35 -21.00
N GLY A 182 -11.03 -43.41 -21.33
CA GLY A 182 -10.66 -42.21 -22.08
C GLY A 182 -9.71 -41.33 -21.30
N LEU A 183 -10.07 -41.04 -20.05
CA LEU A 183 -9.21 -40.27 -19.14
C LEU A 183 -7.85 -40.94 -18.84
N GLY A 184 -7.79 -42.26 -19.02
CA GLY A 184 -6.56 -43.02 -18.85
C GLY A 184 -6.50 -43.57 -17.44
N TYR A 185 -7.55 -44.28 -17.05
CA TYR A 185 -7.62 -44.95 -15.75
C TYR A 185 -7.50 -46.46 -15.93
N GLN A 186 -7.10 -47.14 -14.86
CA GLN A 186 -6.89 -48.59 -14.86
C GLN A 186 -8.22 -49.24 -14.53
N VAL A 187 -9.07 -49.36 -15.55
CA VAL A 187 -10.50 -49.70 -15.37
C VAL A 187 -10.76 -51.11 -14.77
N ASP A 188 -9.96 -52.10 -15.17
CA ASP A 188 -10.04 -53.43 -14.55
C ASP A 188 -9.54 -53.46 -13.09
N LYS A 189 -8.66 -52.52 -12.72
CA LYS A 189 -8.00 -52.48 -11.40
C LYS A 189 -8.74 -51.70 -10.29
N ILE A 190 -9.91 -51.15 -10.59
CA ILE A 190 -10.65 -50.35 -9.61
C ILE A 190 -11.99 -51.01 -9.26
N PRO A 191 -12.35 -51.08 -7.96
CA PRO A 191 -13.58 -51.74 -7.54
C PRO A 191 -14.84 -50.89 -7.74
N PHE A 192 -15.85 -51.48 -8.37
CA PHE A 192 -17.17 -50.86 -8.53
C PHE A 192 -18.12 -51.56 -7.55
N ILE A 193 -18.41 -50.88 -6.45
CA ILE A 193 -19.10 -51.47 -5.31
C ILE A 193 -20.56 -51.03 -5.30
N PRO A 194 -21.52 -51.97 -5.47
CA PRO A 194 -22.93 -51.60 -5.34
C PRO A 194 -23.31 -51.50 -3.87
N VAL A 195 -23.51 -50.28 -3.39
CA VAL A 195 -23.78 -50.02 -1.97
C VAL A 195 -25.09 -49.26 -1.81
N SER A 196 -25.56 -49.22 -0.56
CA SER A 196 -26.60 -48.29 -0.15
C SER A 196 -26.08 -47.51 1.07
N ALA A 197 -25.93 -46.20 0.91
CA ALA A 197 -25.46 -45.33 1.98
C ALA A 197 -26.50 -45.14 3.08
N TRP A 198 -27.78 -45.15 2.70
CA TRP A 198 -28.88 -44.94 3.63
C TRP A 198 -29.12 -46.18 4.48
N LYS A 199 -29.29 -47.32 3.82
CA LYS A 199 -29.53 -48.60 4.51
C LYS A 199 -28.25 -49.27 5.03
N GLY A 200 -27.10 -48.90 4.47
CA GLY A 200 -25.79 -49.36 4.94
C GLY A 200 -25.23 -50.60 4.25
N ASP A 201 -25.84 -51.01 3.15
CA ASP A 201 -25.46 -52.24 2.44
C ASP A 201 -24.04 -52.14 1.86
N ASN A 202 -23.26 -53.20 2.02
CA ASN A 202 -21.88 -53.28 1.51
C ASN A 202 -20.84 -52.26 2.04
N LEU A 203 -21.21 -51.51 3.07
CA LEU A 203 -20.30 -50.50 3.64
C LEU A 203 -19.19 -51.17 4.45
N ILE A 204 -19.57 -52.10 5.34
CA ILE A 204 -18.62 -52.81 6.22
C ILE A 204 -18.74 -54.34 6.13
N GLU A 205 -19.96 -54.87 6.21
CA GLU A 205 -20.25 -56.30 6.09
C GLU A 205 -21.05 -56.53 4.81
N ARG A 206 -20.88 -57.72 4.23
CA ARG A 206 -21.55 -58.06 2.97
C ARG A 206 -23.07 -57.89 3.04
N SER A 207 -23.65 -57.40 1.94
CA SER A 207 -25.10 -57.23 1.87
C SER A 207 -25.72 -58.57 1.48
N PRO A 208 -26.64 -59.09 2.33
CA PRO A 208 -27.45 -60.24 1.93
C PRO A 208 -28.24 -60.00 0.64
N ASN A 209 -28.69 -58.75 0.43
CA ASN A 209 -29.56 -58.40 -0.70
C ASN A 209 -28.90 -58.37 -2.09
N MET A 210 -27.58 -58.56 -2.16
CA MET A 210 -26.86 -58.64 -3.45
C MET A 210 -25.86 -59.82 -3.45
N PRO A 211 -26.39 -61.08 -3.49
CA PRO A 211 -25.53 -62.27 -3.47
C PRO A 211 -24.71 -62.45 -4.75
N TRP A 212 -25.28 -61.98 -5.87
CA TRP A 212 -24.60 -61.91 -7.18
C TRP A 212 -23.31 -61.08 -7.27
N TYR A 213 -23.03 -60.24 -6.27
CA TYR A 213 -21.91 -59.27 -6.33
C TYR A 213 -20.50 -59.91 -6.42
N ASN A 214 -20.04 -60.59 -5.38
CA ASN A 214 -18.70 -61.26 -5.34
C ASN A 214 -17.44 -60.36 -5.38
N GLY A 215 -17.60 -59.05 -5.20
CA GLY A 215 -16.48 -58.10 -5.18
C GLY A 215 -16.20 -57.60 -3.77
N PRO A 216 -15.20 -56.71 -3.61
CA PRO A 216 -14.89 -56.21 -2.27
C PRO A 216 -15.94 -55.25 -1.72
N THR A 217 -16.07 -55.17 -0.40
CA THR A 217 -16.88 -54.14 0.26
C THR A 217 -16.05 -52.85 0.35
N LEU A 218 -16.69 -51.76 0.79
CA LEU A 218 -16.01 -50.46 0.83
C LEU A 218 -14.80 -50.45 1.76
N VAL A 219 -14.93 -51.05 2.95
CA VAL A 219 -13.80 -51.17 3.89
C VAL A 219 -12.69 -52.04 3.31
N GLU A 220 -13.07 -53.16 2.71
CA GLU A 220 -12.10 -54.07 2.10
C GLU A 220 -11.41 -53.44 0.88
N ALA A 221 -12.14 -52.57 0.17
CA ALA A 221 -11.56 -51.78 -0.91
C ALA A 221 -10.61 -50.68 -0.39
N LEU A 222 -10.94 -50.08 0.75
CA LEU A 222 -10.06 -49.08 1.38
C LEU A 222 -8.69 -49.65 1.72
N ASP A 223 -8.66 -50.84 2.31
CA ASP A 223 -7.41 -51.53 2.63
C ASP A 223 -6.65 -52.00 1.37
N GLN A 224 -7.37 -52.22 0.26
CA GLN A 224 -6.74 -52.48 -1.06
C GLN A 224 -5.82 -51.35 -1.56
N LEU A 225 -6.16 -50.09 -1.24
CA LEU A 225 -5.40 -48.93 -1.72
C LEU A 225 -3.94 -48.95 -1.22
N GLN A 226 -3.00 -48.62 -2.11
CA GLN A 226 -1.57 -48.54 -1.78
C GLN A 226 -1.23 -47.11 -1.33
N PRO A 227 -0.30 -46.93 -0.37
CA PRO A 227 0.06 -45.56 0.00
C PRO A 227 0.86 -44.86 -1.11
N PRO A 228 0.77 -43.52 -1.17
CA PRO A 228 1.49 -42.79 -2.21
C PRO A 228 2.98 -42.71 -1.92
N ALA A 229 3.75 -42.28 -2.91
CA ALA A 229 5.17 -41.94 -2.69
C ALA A 229 5.26 -40.64 -1.91
N LYS A 230 6.43 -40.40 -1.32
CA LYS A 230 6.68 -39.20 -0.52
C LYS A 230 7.75 -38.34 -1.19
N PRO A 231 7.34 -37.27 -1.90
CA PRO A 231 8.31 -36.30 -2.40
C PRO A 231 9.02 -35.49 -1.29
N VAL A 232 9.91 -36.16 -0.57
CA VAL A 232 10.86 -35.51 0.34
C VAL A 232 12.11 -35.35 -0.53
N ASP A 233 13.06 -34.54 -0.06
CA ASP A 233 14.21 -34.07 -0.86
C ASP A 233 13.68 -33.09 -1.92
N LYS A 234 12.82 -32.19 -1.44
CA LYS A 234 12.22 -31.13 -2.24
C LYS A 234 11.88 -29.97 -1.29
N PRO A 235 11.66 -28.76 -1.82
CA PRO A 235 11.29 -27.63 -0.96
C PRO A 235 9.97 -27.83 -0.21
N LEU A 236 9.76 -27.05 0.85
CA LEU A 236 8.55 -27.14 1.66
C LEU A 236 7.42 -26.44 0.93
N ARG A 237 6.34 -27.17 0.66
CA ARG A 237 5.12 -26.59 0.11
C ARG A 237 3.90 -27.08 0.88
N ILE A 238 3.23 -26.14 1.56
CA ILE A 238 1.97 -26.40 2.24
C ILE A 238 0.95 -25.37 1.73
N PRO A 239 0.15 -25.73 0.70
CA PRO A 239 -0.97 -24.87 0.33
C PRO A 239 -1.99 -24.82 1.46
N VAL A 240 -2.34 -23.61 1.93
CA VAL A 240 -3.29 -23.49 3.04
C VAL A 240 -4.71 -23.73 2.52
N GLN A 241 -5.51 -24.39 3.35
CA GLN A 241 -6.89 -24.75 3.06
C GLN A 241 -7.77 -23.72 3.76
N ASN A 242 -7.57 -23.57 5.06
CA ASN A 242 -8.26 -22.57 5.86
C ASN A 242 -7.30 -21.93 6.84
N VAL A 243 -7.80 -20.93 7.54
CA VAL A 243 -7.05 -20.20 8.56
C VAL A 243 -8.02 -19.90 9.70
N TYR A 244 -7.71 -20.46 10.88
CA TYR A 244 -8.54 -20.29 12.07
C TYR A 244 -7.84 -19.39 13.09
N SER A 245 -8.63 -18.80 13.98
CA SER A 245 -8.11 -18.17 15.20
C SER A 245 -8.69 -18.96 16.36
N ILE A 246 -7.89 -19.91 16.83
CA ILE A 246 -8.24 -20.77 17.92
C ILE A 246 -7.54 -20.22 19.17
N PRO A 247 -8.31 -19.83 20.21
CA PRO A 247 -7.66 -19.50 21.49
C PRO A 247 -6.92 -20.70 22.09
N GLY A 248 -5.79 -20.41 22.73
CA GLY A 248 -4.84 -21.44 23.18
C GLY A 248 -3.75 -21.75 22.15
N ALA A 249 -3.80 -21.02 21.04
CA ALA A 249 -2.89 -21.24 19.93
C ALA A 249 -2.54 -20.05 19.04
N GLY A 250 -3.49 -19.15 18.83
CA GLY A 250 -3.31 -17.98 17.98
C GLY A 250 -3.89 -18.28 16.62
N THR A 251 -3.26 -17.77 15.56
CA THR A 251 -3.75 -17.96 14.20
C THR A 251 -3.09 -19.22 13.61
N VAL A 252 -3.94 -20.19 13.32
CA VAL A 252 -3.49 -21.45 12.81
C VAL A 252 -4.02 -21.85 11.45
N PRO A 253 -3.17 -21.72 10.44
CA PRO A 253 -3.54 -22.22 9.13
C PRO A 253 -3.57 -23.73 9.10
N VAL A 254 -4.44 -24.29 8.26
CA VAL A 254 -4.58 -25.73 8.09
C VAL A 254 -4.33 -26.03 6.63
N GLY A 255 -3.62 -27.11 6.37
CA GLY A 255 -3.34 -27.54 5.00
C GLY A 255 -2.64 -28.88 4.93
N ARG A 256 -2.66 -29.47 3.74
CA ARG A 256 -1.86 -30.65 3.45
C ARG A 256 -0.46 -30.22 3.05
N VAL A 257 0.54 -30.98 3.52
CA VAL A 257 1.90 -30.81 3.06
C VAL A 257 2.03 -31.63 1.78
N GLU A 258 2.42 -30.96 0.70
CA GLU A 258 2.62 -31.61 -0.60
C GLU A 258 4.07 -32.09 -0.77
N THR A 259 5.02 -31.25 -0.37
CA THR A 259 6.46 -31.53 -0.46
C THR A 259 7.24 -30.98 0.74
N GLY A 260 8.40 -31.58 1.00
CA GLY A 260 9.31 -31.11 2.06
C GLY A 260 8.90 -31.57 3.43
N VAL A 261 9.57 -31.02 4.45
CA VAL A 261 9.33 -31.39 5.84
C VAL A 261 9.19 -30.13 6.70
N LEU A 262 8.02 -29.98 7.33
CA LEU A 262 7.79 -28.91 8.30
C LEU A 262 8.05 -29.47 9.69
N ARG A 263 8.85 -28.75 10.47
CA ARG A 263 9.16 -29.10 11.86
C ARG A 263 8.78 -27.93 12.74
N VAL A 264 8.53 -28.19 14.02
CA VAL A 264 8.23 -27.12 14.98
C VAL A 264 9.44 -26.22 15.05
N GLY A 265 9.21 -24.93 15.30
CA GLY A 265 10.30 -23.96 15.39
C GLY A 265 10.77 -23.39 14.06
N ASP A 266 10.49 -24.07 12.95
CA ASP A 266 10.82 -23.55 11.62
C ASP A 266 10.15 -22.20 11.41
N LYS A 267 10.93 -21.23 10.94
CA LYS A 267 10.36 -19.99 10.44
C LYS A 267 9.89 -20.26 9.02
N VAL A 268 8.69 -19.76 8.73
CA VAL A 268 7.97 -20.07 7.51
C VAL A 268 7.47 -18.76 6.91
N VAL A 269 7.38 -18.72 5.57
CA VAL A 269 6.84 -17.57 4.85
C VAL A 269 5.62 -18.00 4.02
N PHE A 270 4.58 -17.17 4.05
CA PHE A 270 3.33 -17.42 3.33
C PHE A 270 3.25 -16.53 2.09
N MET A 271 3.37 -17.14 0.91
CA MET A 271 3.25 -16.43 -0.36
C MET A 271 1.84 -16.64 -0.93
N PRO A 272 1.25 -15.63 -1.59
CA PRO A 272 1.91 -14.36 -1.96
C PRO A 272 2.11 -13.25 -0.93
N PRO A 273 1.38 -13.25 0.21
CA PRO A 273 1.49 -12.11 1.15
C PRO A 273 2.90 -11.71 1.58
N GLY A 274 3.82 -12.67 1.63
CA GLY A 274 5.19 -12.44 2.07
C GLY A 274 5.36 -12.39 3.58
N VAL A 275 4.33 -12.77 4.34
CA VAL A 275 4.39 -12.73 5.81
C VAL A 275 5.18 -13.91 6.34
N VAL A 276 6.02 -13.63 7.34
CA VAL A 276 6.91 -14.60 7.97
C VAL A 276 6.36 -14.92 9.35
N GLY A 277 6.42 -16.19 9.73
CA GLY A 277 5.97 -16.62 11.04
C GLY A 277 6.72 -17.84 11.54
N GLU A 278 6.88 -17.92 12.86
CA GLU A 278 7.54 -19.06 13.49
C GLU A 278 6.47 -20.09 13.79
N VAL A 279 6.71 -21.34 13.40
CA VAL A 279 5.76 -22.43 13.66
C VAL A 279 5.88 -22.90 15.11
N ARG A 280 4.84 -22.69 15.91
CA ARG A 280 4.87 -22.96 17.37
C ARG A 280 4.45 -24.38 17.75
N SER A 281 3.57 -24.98 16.93
CA SER A 281 3.04 -26.32 17.19
C SER A 281 2.44 -26.90 15.92
N ILE A 282 2.31 -28.22 15.90
CA ILE A 282 1.74 -28.95 14.77
C ILE A 282 0.74 -29.96 15.33
N GLU A 283 -0.48 -29.89 14.81
CA GLU A 283 -1.59 -30.75 15.25
C GLU A 283 -2.16 -31.47 14.02
N MET A 284 -2.41 -32.78 14.15
CA MET A 284 -3.05 -33.58 13.10
C MET A 284 -3.96 -34.62 13.73
N HIS A 285 -5.27 -34.49 13.51
CA HIS A 285 -6.28 -35.30 14.20
C HIS A 285 -6.19 -35.15 15.72
N TYR A 286 -5.93 -33.93 16.17
CA TYR A 286 -5.68 -33.61 17.60
C TYR A 286 -4.44 -34.29 18.20
N GLN A 287 -3.51 -34.77 17.36
CA GLN A 287 -2.27 -35.40 17.81
C GLN A 287 -1.15 -34.38 17.69
N GLN A 288 -0.38 -34.20 18.76
CA GLN A 288 0.78 -33.33 18.75
C GLN A 288 1.90 -33.96 17.92
N LEU A 289 2.37 -33.24 16.90
CA LEU A 289 3.50 -33.67 16.08
C LEU A 289 4.65 -32.69 16.23
N GLN A 290 5.88 -33.21 16.20
CA GLN A 290 7.10 -32.38 16.14
C GLN A 290 7.51 -32.09 14.69
N GLN A 291 7.00 -32.88 13.75
CA GLN A 291 7.16 -32.60 12.34
C GLN A 291 6.06 -33.22 11.49
N ALA A 292 5.89 -32.67 10.29
CA ALA A 292 4.95 -33.18 9.30
C ALA A 292 5.67 -33.36 7.96
N GLU A 293 5.19 -34.33 7.17
CA GLU A 293 5.83 -34.72 5.91
C GLU A 293 4.75 -34.93 4.83
N PRO A 294 5.17 -35.15 3.55
CA PRO A 294 4.19 -35.30 2.47
C PRO A 294 3.12 -36.35 2.78
N GLY A 295 1.85 -35.92 2.70
CA GLY A 295 0.72 -36.75 3.10
C GLY A 295 -0.04 -36.05 4.21
N ASP A 296 0.69 -35.59 5.22
CA ASP A 296 0.09 -35.05 6.45
C ASP A 296 -0.76 -33.79 6.22
N ASN A 297 -2.04 -33.88 6.58
CA ASN A 297 -2.98 -32.75 6.56
C ASN A 297 -3.06 -32.18 7.98
N ILE A 298 -2.32 -31.10 8.23
CA ILE A 298 -2.09 -30.63 9.60
C ILE A 298 -2.58 -29.21 9.80
N GLY A 299 -2.94 -28.92 11.05
CA GLY A 299 -3.05 -27.55 11.54
C GLY A 299 -1.71 -27.22 12.13
N PHE A 300 -1.22 -26.00 11.90
CA PHE A 300 0.05 -25.57 12.46
C PHE A 300 0.02 -24.11 12.91
N ALA A 301 0.16 -23.91 14.22
CA ALA A 301 0.15 -22.58 14.82
C ALA A 301 1.37 -21.81 14.36
N VAL A 302 1.21 -20.49 14.28
CA VAL A 302 2.24 -19.61 13.76
C VAL A 302 2.25 -18.28 14.55
N ARG A 303 3.35 -18.04 15.28
CA ARG A 303 3.55 -16.76 15.95
C ARG A 303 3.81 -15.73 14.87
N GLY A 304 3.29 -14.51 15.06
CA GLY A 304 3.60 -13.38 14.19
C GLY A 304 2.58 -13.07 13.12
N VAL A 305 2.06 -14.11 12.47
CA VAL A 305 1.05 -13.95 11.42
C VAL A 305 -0.35 -13.84 12.05
N SER A 306 -1.21 -12.98 11.50
CA SER A 306 -2.60 -12.83 11.96
C SER A 306 -3.59 -13.46 10.97
N LYS A 307 -4.87 -13.47 11.35
CA LYS A 307 -5.91 -14.03 10.49
C LYS A 307 -6.13 -13.24 9.20
N SER A 308 -5.95 -11.92 9.29
CA SER A 308 -6.11 -11.02 8.13
C SER A 308 -4.97 -11.11 7.10
N ASP A 309 -3.81 -11.64 7.50
CA ASP A 309 -2.63 -11.68 6.64
C ASP A 309 -2.63 -12.82 5.61
N ILE A 310 -3.30 -13.93 5.94
CA ILE A 310 -3.27 -15.13 5.09
C ILE A 310 -4.65 -15.74 4.87
N LYS A 311 -4.77 -16.51 3.78
CA LYS A 311 -6.03 -17.15 3.41
C LYS A 311 -5.79 -18.30 2.44
N ARG A 312 -6.82 -19.13 2.28
CA ARG A 312 -6.85 -20.21 1.28
C ARG A 312 -6.24 -19.76 -0.04
N GLY A 313 -5.46 -20.65 -0.65
CA GLY A 313 -4.72 -20.35 -1.88
C GLY A 313 -3.29 -19.91 -1.65
N ASP A 314 -3.00 -19.33 -0.48
CA ASP A 314 -1.63 -19.03 -0.06
C ASP A 314 -0.88 -20.32 0.21
N VAL A 315 0.41 -20.34 -0.13
CA VAL A 315 1.27 -21.50 0.07
C VAL A 315 2.44 -21.17 1.00
N ALA A 316 2.65 -22.01 2.00
CA ALA A 316 3.69 -21.83 3.00
C ALA A 316 4.95 -22.61 2.63
N GLY A 317 6.11 -22.01 2.88
CA GLY A 317 7.39 -22.67 2.66
C GLY A 317 8.46 -22.07 3.55
N HIS A 318 9.65 -22.66 3.53
CA HIS A 318 10.80 -22.10 4.27
C HIS A 318 11.32 -20.86 3.54
N LEU A 319 12.09 -20.04 4.24
CA LEU A 319 12.69 -18.84 3.61
C LEU A 319 13.84 -19.24 2.68
N ASP A 320 14.41 -20.43 2.91
CA ASP A 320 15.48 -20.99 2.08
C ASP A 320 15.13 -20.85 0.60
N LYS A 321 13.96 -21.38 0.24
CA LYS A 321 13.41 -21.22 -1.10
C LYS A 321 11.89 -21.02 -0.98
N PRO A 322 11.42 -19.75 -0.96
CA PRO A 322 9.99 -19.54 -0.79
C PRO A 322 9.21 -19.97 -2.02
N PRO A 323 7.88 -20.19 -1.90
CA PRO A 323 7.10 -20.55 -3.08
C PRO A 323 7.08 -19.43 -4.12
N THR A 324 7.15 -19.82 -5.40
CA THR A 324 7.20 -18.87 -6.51
C THR A 324 5.87 -18.16 -6.62
N VAL A 325 5.92 -16.83 -6.65
CA VAL A 325 4.76 -16.01 -6.95
C VAL A 325 4.84 -15.64 -8.42
N ALA A 326 3.94 -16.19 -9.24
CA ALA A 326 3.98 -15.97 -10.71
C ALA A 326 3.45 -14.58 -11.08
N GLU A 327 4.37 -13.71 -11.52
CA GLU A 327 4.00 -12.43 -12.12
C GLU A 327 3.32 -12.69 -13.46
N GLU A 328 3.94 -13.57 -14.24
CA GLU A 328 3.32 -14.24 -15.39
C GLU A 328 3.71 -15.71 -15.31
N PHE A 329 3.08 -16.55 -16.11
CA PHE A 329 3.50 -17.95 -16.24
C PHE A 329 3.06 -18.56 -17.57
N GLU A 330 3.92 -19.41 -18.12
CA GLU A 330 3.67 -20.12 -19.36
C GLU A 330 3.07 -21.48 -19.04
N ALA A 331 2.33 -22.05 -19.98
CA ALA A 331 1.65 -23.33 -19.76
C ALA A 331 1.21 -24.00 -21.06
N ARG A 332 1.18 -25.34 -21.06
CA ARG A 332 0.54 -26.10 -22.12
C ARG A 332 -0.85 -26.42 -21.63
N ILE A 333 -1.85 -26.24 -22.49
CA ILE A 333 -3.25 -26.45 -22.12
C ILE A 333 -3.99 -27.24 -23.18
N PHE A 334 -5.15 -27.76 -22.81
CA PHE A 334 -6.06 -28.45 -23.73
C PHE A 334 -7.50 -27.99 -23.50
N VAL A 335 -8.13 -27.46 -24.55
CA VAL A 335 -9.43 -26.82 -24.41
C VAL A 335 -10.53 -27.88 -24.54
N ILE A 336 -11.26 -28.10 -23.45
CA ILE A 336 -12.28 -29.12 -23.36
C ILE A 336 -13.58 -28.57 -23.95
N TRP A 337 -14.02 -27.43 -23.44
CA TRP A 337 -15.26 -26.78 -23.86
C TRP A 337 -15.07 -25.27 -23.87
N HIS A 338 -15.68 -24.62 -24.86
CA HIS A 338 -15.76 -23.16 -24.88
C HIS A 338 -16.91 -22.78 -25.80
N PRO A 339 -17.71 -21.75 -25.44
CA PRO A 339 -18.87 -21.46 -26.31
C PRO A 339 -18.42 -21.02 -27.72
N SER A 340 -17.62 -19.97 -27.77
CA SER A 340 -17.12 -19.40 -29.00
C SER A 340 -15.65 -19.77 -29.27
N ALA A 341 -14.70 -18.93 -28.85
CA ALA A 341 -13.29 -19.13 -29.14
C ALA A 341 -12.43 -18.35 -28.15
N ILE A 342 -11.33 -18.96 -27.73
CA ILE A 342 -10.37 -18.35 -26.80
C ILE A 342 -9.39 -17.47 -27.56
N THR A 343 -9.11 -16.28 -27.04
CA THR A 343 -8.23 -15.31 -27.69
C THR A 343 -7.36 -14.61 -26.65
N VAL A 344 -6.39 -13.84 -27.13
CA VAL A 344 -5.58 -13.01 -26.24
C VAL A 344 -6.51 -11.99 -25.57
N GLY A 345 -6.45 -11.96 -24.23
CA GLY A 345 -7.36 -11.15 -23.41
C GLY A 345 -8.26 -11.98 -22.50
N TYR A 346 -8.58 -13.20 -22.94
CA TYR A 346 -9.45 -14.12 -22.18
C TYR A 346 -8.91 -14.37 -20.78
N THR A 347 -9.79 -14.35 -19.78
CA THR A 347 -9.39 -14.38 -18.37
C THR A 347 -10.23 -15.37 -17.55
N PRO A 348 -9.95 -16.68 -17.71
CA PRO A 348 -10.66 -17.70 -16.94
C PRO A 348 -10.02 -17.87 -15.58
N VAL A 349 -10.69 -18.60 -14.68
CA VAL A 349 -10.17 -18.82 -13.33
C VAL A 349 -9.28 -20.07 -13.31
N ILE A 350 -8.01 -19.86 -12.95
CA ILE A 350 -7.01 -20.92 -12.86
C ILE A 350 -7.08 -21.57 -11.48
N HIS A 351 -7.49 -22.83 -11.44
CA HIS A 351 -7.53 -23.60 -10.20
C HIS A 351 -6.26 -24.46 -10.06
N VAL A 352 -5.31 -24.01 -9.24
CA VAL A 352 -4.08 -24.76 -8.87
C VAL A 352 -4.10 -25.01 -7.37
N HIS A 353 -3.58 -26.17 -6.94
CA HIS A 353 -3.58 -26.56 -5.53
C HIS A 353 -4.87 -26.06 -4.82
N THR A 354 -4.78 -25.31 -3.72
CA THR A 354 -5.96 -24.75 -3.06
C THR A 354 -6.45 -23.38 -3.60
N ALA A 355 -5.76 -22.85 -4.61
CA ALA A 355 -6.01 -21.50 -5.11
C ALA A 355 -6.93 -21.51 -6.33
N SER A 356 -7.72 -20.45 -6.45
CA SER A 356 -8.61 -20.21 -7.60
C SER A 356 -8.52 -18.72 -8.01
N VAL A 357 -7.67 -18.44 -9.00
CA VAL A 357 -7.31 -17.07 -9.37
C VAL A 357 -7.46 -16.83 -10.89
N SER A 358 -8.31 -15.86 -11.25
CA SER A 358 -8.41 -15.36 -12.63
C SER A 358 -7.01 -14.99 -13.16
N SER A 359 -6.72 -15.40 -14.40
CA SER A 359 -5.43 -15.11 -15.03
C SER A 359 -5.64 -14.80 -16.51
N ARG A 360 -5.19 -13.64 -16.95
CA ARG A 360 -5.40 -13.18 -18.32
C ARG A 360 -4.44 -13.86 -19.29
N ILE A 361 -4.96 -14.40 -20.39
CA ILE A 361 -4.11 -14.92 -21.46
C ILE A 361 -3.55 -13.69 -22.16
N ILE A 362 -2.26 -13.42 -21.94
CA ILE A 362 -1.58 -12.29 -22.61
C ILE A 362 -0.93 -12.68 -23.93
N GLU A 363 -0.80 -13.98 -24.20
CA GLU A 363 -0.32 -14.47 -25.50
C GLU A 363 -0.72 -15.91 -25.75
N ILE A 364 -0.93 -16.25 -27.02
CA ILE A 364 -1.03 -17.63 -27.48
C ILE A 364 0.20 -17.86 -28.35
N LYS A 365 1.20 -18.55 -27.80
CA LYS A 365 2.48 -18.73 -28.50
C LYS A 365 2.42 -19.72 -29.65
N ALA A 366 1.68 -20.82 -29.47
CA ALA A 366 1.51 -21.81 -30.54
C ALA A 366 0.31 -22.71 -30.31
N LYS A 367 -0.32 -23.14 -31.40
CA LYS A 367 -1.34 -24.18 -31.36
C LYS A 367 -0.62 -25.51 -31.49
N LEU A 368 -1.26 -26.59 -31.02
CA LEU A 368 -0.71 -27.96 -31.09
C LEU A 368 -1.81 -28.97 -31.43
N ASP A 369 -1.41 -30.07 -32.07
CA ASP A 369 -2.34 -31.15 -32.42
C ASP A 369 -2.71 -31.90 -31.14
N PRO A 370 -4.02 -32.12 -30.90
CA PRO A 370 -4.45 -32.71 -29.61
C PRO A 370 -4.03 -34.18 -29.39
N LYS A 371 -3.75 -34.92 -30.46
CA LYS A 371 -3.38 -36.33 -30.38
C LYS A 371 -1.86 -36.58 -30.50
N THR A 372 -1.07 -35.54 -30.76
CA THR A 372 0.39 -35.66 -30.92
C THR A 372 1.13 -34.54 -30.16
N GLY A 373 0.98 -33.30 -30.63
CA GLY A 373 1.45 -32.11 -29.89
C GLY A 373 2.72 -31.45 -30.39
N GLN A 374 2.73 -31.04 -31.66
CA GLN A 374 3.87 -30.31 -32.28
C GLN A 374 3.36 -28.95 -32.75
N VAL A 375 4.27 -27.98 -32.86
CA VAL A 375 3.91 -26.59 -33.20
C VAL A 375 3.31 -26.51 -34.62
N VAL A 376 1.98 -26.63 -34.70
CA VAL A 376 1.20 -26.55 -35.95
C VAL A 376 1.20 -25.10 -36.49
N GLU A 377 0.72 -24.19 -35.65
CA GLU A 377 0.62 -22.77 -35.97
C GLU A 377 1.43 -21.99 -34.93
N GLN A 378 1.81 -20.76 -35.25
CA GLN A 378 2.57 -19.90 -34.34
C GLN A 378 1.89 -18.54 -34.21
N ASN A 379 1.58 -18.16 -32.97
CA ASN A 379 0.69 -17.03 -32.65
C ASN A 379 -0.62 -17.09 -33.42
N PRO A 380 -1.43 -18.14 -33.17
CA PRO A 380 -2.75 -18.24 -33.78
C PRO A 380 -3.71 -17.21 -33.21
N GLN A 381 -4.65 -16.77 -34.05
CA GLN A 381 -5.61 -15.72 -33.67
C GLN A 381 -6.59 -16.20 -32.59
N PHE A 382 -6.91 -17.50 -32.62
CA PHE A 382 -7.78 -18.09 -31.62
C PHE A 382 -7.54 -19.58 -31.38
N LEU A 383 -8.04 -20.04 -30.24
CA LEU A 383 -8.15 -21.46 -29.92
C LEU A 383 -9.63 -21.77 -29.74
N LYS A 384 -10.04 -22.99 -30.09
CA LYS A 384 -11.41 -23.44 -29.86
C LYS A 384 -11.42 -24.82 -29.20
N ALA A 385 -12.61 -25.29 -28.84
CA ALA A 385 -12.79 -26.58 -28.19
C ALA A 385 -12.16 -27.70 -29.04
N GLY A 386 -11.36 -28.54 -28.39
CA GLY A 386 -10.64 -29.62 -29.06
C GLY A 386 -9.18 -29.31 -29.34
N ASP A 387 -8.79 -28.04 -29.25
CA ASP A 387 -7.41 -27.63 -29.50
C ASP A 387 -6.57 -27.77 -28.25
N ALA A 388 -5.26 -27.87 -28.46
CA ALA A 388 -4.26 -27.77 -27.39
C ALA A 388 -3.21 -26.76 -27.82
N ALA A 389 -2.48 -26.19 -26.87
CA ALA A 389 -1.65 -25.01 -27.16
C ALA A 389 -0.71 -24.59 -26.04
N ILE A 390 0.28 -23.78 -26.40
CA ILE A 390 1.16 -23.10 -25.45
C ILE A 390 0.65 -21.67 -25.31
N VAL A 391 0.46 -21.20 -24.07
CA VAL A 391 -0.05 -19.84 -23.81
C VAL A 391 0.67 -19.21 -22.62
N ARG A 392 0.66 -17.89 -22.55
CA ARG A 392 1.24 -17.15 -21.44
C ARG A 392 0.16 -16.42 -20.63
N PHE A 393 0.02 -16.81 -19.36
CA PHE A 393 -0.95 -16.22 -18.44
C PHE A 393 -0.31 -15.09 -17.63
N LYS A 394 -1.13 -14.10 -17.27
CA LYS A 394 -0.77 -13.08 -16.29
C LYS A 394 -1.86 -13.08 -15.21
N PRO A 395 -1.54 -13.57 -13.99
CA PRO A 395 -2.52 -13.57 -12.92
C PRO A 395 -3.02 -12.17 -12.55
N VAL A 396 -4.35 -12.02 -12.58
CA VAL A 396 -5.05 -10.78 -12.21
C VAL A 396 -4.71 -10.36 -10.77
N LYS A 397 -4.46 -11.35 -9.91
CA LYS A 397 -3.97 -11.14 -8.55
C LYS A 397 -2.80 -12.09 -8.32
N PRO A 398 -1.97 -11.85 -7.27
CA PRO A 398 -0.81 -12.72 -7.04
C PRO A 398 -1.18 -14.19 -6.88
N LEU A 399 -0.58 -15.03 -7.73
CA LEU A 399 -0.80 -16.47 -7.72
C LEU A 399 0.53 -17.19 -7.49
N VAL A 400 0.48 -18.27 -6.74
CA VAL A 400 1.61 -19.17 -6.59
C VAL A 400 1.39 -20.33 -7.55
N VAL A 401 2.33 -20.50 -8.49
CA VAL A 401 2.44 -21.74 -9.26
C VAL A 401 3.89 -22.15 -9.32
N GLU A 402 4.10 -23.40 -9.71
CA GLU A 402 5.43 -23.99 -9.85
C GLU A 402 5.43 -24.79 -11.16
N LYS A 403 6.61 -25.02 -11.73
CA LYS A 403 6.70 -25.81 -12.97
C LYS A 403 6.24 -27.24 -12.68
N PHE A 404 5.53 -27.84 -13.63
CA PHE A 404 5.06 -29.22 -13.52
C PHE A 404 6.22 -30.24 -13.41
N SER A 405 7.34 -29.93 -14.05
CA SER A 405 8.58 -30.71 -13.94
C SER A 405 9.13 -30.73 -12.51
N GLU A 406 9.17 -29.55 -11.88
CA GLU A 406 9.66 -29.41 -10.51
C GLU A 406 8.67 -29.92 -9.45
N ILE A 407 7.51 -29.28 -9.33
CA ILE A 407 6.52 -29.61 -8.29
C ILE A 407 5.14 -29.81 -8.94
N PRO A 408 4.91 -30.99 -9.56
CA PRO A 408 3.71 -31.21 -10.41
C PRO A 408 2.36 -30.87 -9.76
N GLN A 409 2.25 -31.14 -8.46
CA GLN A 409 1.05 -30.84 -7.69
C GLN A 409 0.73 -29.33 -7.54
N LEU A 410 1.75 -28.46 -7.64
CA LEU A 410 1.53 -27.00 -7.72
C LEU A 410 1.51 -26.49 -9.17
N GLY A 411 1.73 -27.38 -10.14
CA GLY A 411 1.77 -26.99 -11.54
C GLY A 411 0.81 -27.73 -12.47
N ARG A 412 -0.24 -28.30 -11.90
CA ARG A 412 -1.31 -28.92 -12.69
C ARG A 412 -2.58 -28.15 -12.36
N PHE A 413 -3.34 -27.75 -13.37
CA PHE A 413 -4.48 -26.85 -13.15
C PHE A 413 -5.66 -27.04 -14.08
N ALA A 414 -6.82 -26.59 -13.61
CA ALA A 414 -8.04 -26.52 -14.41
C ALA A 414 -8.33 -25.06 -14.73
N MET A 415 -8.83 -24.82 -15.94
CA MET A 415 -9.30 -23.52 -16.37
C MET A 415 -10.81 -23.61 -16.32
N ARG A 416 -11.42 -22.75 -15.52
CA ARG A 416 -12.86 -22.69 -15.41
C ARG A 416 -13.34 -21.28 -15.72
N ASP A 417 -14.58 -21.21 -16.18
CA ASP A 417 -15.21 -19.96 -16.54
C ASP A 417 -16.65 -20.27 -16.83
N MET A 418 -17.55 -19.46 -16.28
CA MET A 418 -18.97 -19.50 -16.62
C MET A 418 -19.68 -20.75 -16.07
N ASN A 419 -19.30 -21.16 -14.87
CA ASN A 419 -19.82 -22.38 -14.23
C ASN A 419 -19.56 -23.66 -15.04
N ARG A 420 -18.47 -23.67 -15.81
CA ARG A 420 -18.03 -24.82 -16.61
C ARG A 420 -16.52 -24.95 -16.52
N THR A 421 -16.01 -26.14 -16.80
CA THR A 421 -14.57 -26.34 -16.96
C THR A 421 -14.24 -26.14 -18.44
N VAL A 422 -13.44 -25.12 -18.71
CA VAL A 422 -13.09 -24.72 -20.06
C VAL A 422 -12.03 -25.66 -20.60
N GLY A 423 -10.99 -25.86 -19.80
CA GLY A 423 -9.87 -26.72 -20.17
C GLY A 423 -9.03 -27.13 -18.97
N ILE A 424 -7.89 -27.74 -19.27
CA ILE A 424 -6.93 -28.19 -18.28
C ILE A 424 -5.52 -27.91 -18.79
N GLY A 425 -4.53 -27.91 -17.89
CA GLY A 425 -3.18 -27.59 -18.29
C GLY A 425 -2.13 -27.82 -17.23
N ILE A 426 -0.87 -27.80 -17.66
CA ILE A 426 0.29 -27.83 -16.77
C ILE A 426 1.14 -26.61 -17.07
N VAL A 427 1.92 -26.18 -16.07
CA VAL A 427 2.74 -24.96 -16.19
C VAL A 427 4.17 -25.37 -16.53
N THR A 428 4.69 -24.77 -17.60
CA THR A 428 5.98 -25.10 -18.19
C THR A 428 7.06 -24.06 -17.90
N ASP A 429 6.66 -22.85 -17.48
CA ASP A 429 7.62 -21.81 -17.12
C ASP A 429 6.94 -20.76 -16.24
N VAL A 430 7.72 -20.03 -15.45
CA VAL A 430 7.20 -18.99 -14.56
C VAL A 430 8.13 -17.78 -14.47
N LYS A 431 7.69 -16.62 -14.96
CA LYS A 431 8.37 -15.36 -14.68
C LYS A 431 8.00 -14.95 -13.25
N PRO A 432 8.94 -15.06 -12.29
CA PRO A 432 8.57 -14.85 -10.89
C PRO A 432 8.40 -13.38 -10.53
N ALA A 433 7.71 -13.13 -9.42
CA ALA A 433 7.44 -11.78 -8.91
C ALA A 433 8.52 -11.31 -7.94
N LYS A 434 8.45 -10.02 -7.59
CA LYS A 434 9.45 -9.40 -6.71
C LYS A 434 9.18 -9.79 -5.25
N VAL A 435 9.98 -10.75 -4.76
CA VAL A 435 9.90 -11.24 -3.36
C VAL A 435 9.97 -10.11 -2.31
N ASP A 436 8.81 -9.72 -1.78
CA ASP A 436 8.65 -8.51 -0.98
C ASP A 436 8.33 -8.81 0.49
N ILE A 437 9.36 -9.21 1.24
CA ILE A 437 9.24 -9.60 2.65
C ILE A 437 9.14 -8.35 3.53
N LYS A 438 8.41 -8.44 4.64
CA LYS A 438 8.24 -7.30 5.56
C LYS A 438 9.51 -7.09 6.41
N SER B 19 -31.74 14.89 -19.08
CA SER B 19 -31.71 13.96 -20.25
C SER B 19 -30.79 14.51 -21.38
N HIS B 20 -31.08 14.22 -22.66
CA HIS B 20 -30.09 14.37 -23.76
C HIS B 20 -29.50 15.77 -23.95
N MET B 21 -28.32 15.81 -24.56
CA MET B 21 -27.56 17.03 -24.72
C MET B 21 -28.25 18.04 -25.63
N ARG B 22 -28.26 19.31 -25.20
CA ARG B 22 -28.81 20.39 -26.01
C ARG B 22 -27.77 20.69 -27.11
N VAL B 23 -28.05 20.24 -28.33
CA VAL B 23 -27.16 20.49 -29.48
C VAL B 23 -27.85 21.45 -30.44
N GLU B 24 -27.10 22.45 -30.88
CA GLU B 24 -27.69 23.62 -31.54
C GLU B 24 -26.68 24.21 -32.53
N VAL B 25 -26.86 23.88 -33.80
CA VAL B 25 -25.98 24.39 -34.87
C VAL B 25 -26.22 25.90 -35.10
N LEU B 26 -25.12 26.65 -35.19
CA LEU B 26 -25.18 28.11 -35.24
C LEU B 26 -25.12 28.64 -36.66
N ASP B 27 -23.94 28.62 -37.27
CA ASP B 27 -23.67 29.34 -38.53
C ASP B 27 -24.34 28.69 -39.77
N ASN B 28 -24.25 29.39 -40.90
CA ASN B 28 -24.82 28.91 -42.16
C ASN B 28 -24.17 27.62 -42.61
N LYS B 29 -22.84 27.61 -42.63
CA LYS B 29 -22.05 26.47 -43.14
C LYS B 29 -22.03 25.25 -42.20
N ARG B 30 -22.67 25.35 -41.03
CA ARG B 30 -22.75 24.26 -40.05
C ARG B 30 -21.36 23.79 -39.57
N ARG B 31 -20.45 24.75 -39.43
CA ARG B 31 -19.13 24.51 -38.88
C ARG B 31 -19.09 24.72 -37.37
N ILE B 32 -20.03 25.49 -36.81
CA ILE B 32 -20.07 25.84 -35.39
C ILE B 32 -21.28 25.20 -34.70
N VAL B 33 -21.05 24.62 -33.52
CA VAL B 33 -22.09 24.01 -32.69
C VAL B 33 -21.97 24.52 -31.25
N ARG B 34 -23.11 24.76 -30.62
CA ARG B 34 -23.20 25.28 -29.25
C ARG B 34 -23.94 24.26 -28.40
N LEU B 35 -23.30 23.73 -27.37
CA LEU B 35 -23.89 22.67 -26.57
C LEU B 35 -23.56 22.70 -25.08
N ARG B 36 -24.37 21.99 -24.31
CA ARG B 36 -24.31 21.98 -22.86
C ARG B 36 -24.55 20.55 -22.37
N PRO B 37 -23.49 19.88 -21.87
CA PRO B 37 -23.70 18.51 -21.37
C PRO B 37 -24.52 18.50 -20.09
N GLU B 38 -25.52 17.61 -20.03
CA GLU B 38 -26.47 17.55 -18.93
C GLU B 38 -26.48 16.18 -18.24
N SER B 39 -25.44 15.38 -18.50
CA SER B 39 -25.30 14.04 -17.89
C SER B 39 -23.89 13.55 -18.16
N GLU B 40 -23.50 12.47 -17.51
CA GLU B 40 -22.16 11.91 -17.72
C GLU B 40 -22.06 11.21 -19.08
N GLU B 41 -23.18 10.66 -19.56
CA GLU B 41 -23.26 10.15 -20.93
C GLU B 41 -22.94 11.24 -21.97
N ASP B 42 -23.38 12.48 -21.71
CA ASP B 42 -23.08 13.61 -22.61
C ASP B 42 -21.58 14.00 -22.61
N LEU B 43 -20.88 13.75 -21.52
CA LEU B 43 -19.42 13.91 -21.49
C LEU B 43 -18.73 12.80 -22.29
N TRP B 44 -19.24 11.56 -22.17
CA TRP B 44 -18.78 10.44 -23.00
C TRP B 44 -18.97 10.71 -24.50
N LEU B 45 -20.15 11.19 -24.87
CA LEU B 45 -20.44 11.54 -26.27
C LEU B 45 -19.46 12.58 -26.80
N LEU B 46 -19.09 13.55 -25.97
CA LEU B 46 -18.08 14.56 -26.34
C LEU B 46 -16.70 13.92 -26.54
N ARG B 47 -16.39 12.90 -25.76
CA ARG B 47 -15.11 12.22 -25.86
C ARG B 47 -14.98 11.44 -27.14
N ILE B 48 -16.05 10.73 -27.50
CA ILE B 48 -16.06 9.98 -28.76
C ILE B 48 -16.24 10.86 -29.99
N THR B 49 -16.74 12.09 -29.81
CA THR B 49 -17.02 13.01 -30.91
C THR B 49 -15.88 13.99 -31.20
N LEU B 50 -15.38 14.67 -30.18
CA LEU B 50 -14.36 15.72 -30.36
C LEU B 50 -13.04 15.15 -30.88
N ARG B 51 -12.17 16.03 -31.40
CA ARG B 51 -11.03 15.60 -32.18
C ARG B 51 -9.94 16.68 -32.19
N PRO B 52 -8.64 16.28 -32.22
CA PRO B 52 -7.62 17.31 -32.19
C PRO B 52 -7.69 18.20 -33.43
N GLY B 53 -8.04 19.47 -33.23
CA GLY B 53 -8.24 20.41 -34.34
C GLY B 53 -9.49 21.22 -34.16
N ASP B 54 -10.52 20.64 -33.55
CA ASP B 54 -11.72 21.39 -33.16
C ASP B 54 -11.31 22.53 -32.23
N VAL B 55 -12.01 23.66 -32.31
CA VAL B 55 -11.75 24.79 -31.40
C VAL B 55 -12.97 25.01 -30.50
N VAL B 56 -12.82 24.79 -29.20
CA VAL B 56 -13.90 25.05 -28.23
C VAL B 56 -13.83 26.49 -27.72
N ARG B 57 -14.98 27.01 -27.32
CA ARG B 57 -15.10 28.35 -26.79
C ARG B 57 -15.80 28.25 -25.42
N ILE B 58 -14.99 28.26 -24.35
CA ILE B 58 -15.48 28.08 -22.99
C ILE B 58 -15.09 29.28 -22.14
N ARG B 59 -15.96 29.63 -21.20
CA ARG B 59 -15.64 30.62 -20.18
C ARG B 59 -14.92 29.88 -19.05
N THR B 60 -13.63 30.16 -18.89
CA THR B 60 -12.82 29.63 -17.79
C THR B 60 -12.20 30.76 -16.98
N SER B 61 -11.49 30.40 -15.92
CA SER B 61 -10.60 31.32 -15.23
C SER B 61 -9.15 30.96 -15.57
N ARG B 62 -8.29 31.95 -15.46
CA ARG B 62 -6.88 31.77 -15.72
C ARG B 62 -6.12 32.82 -14.89
N ASP B 63 -5.02 32.40 -14.25
CA ASP B 63 -4.17 33.31 -13.48
C ASP B 63 -3.39 34.20 -14.43
N VAL B 64 -3.32 35.49 -14.09
CA VAL B 64 -2.71 36.51 -14.93
C VAL B 64 -1.87 37.46 -14.07
N PRO B 65 -0.67 37.89 -14.54
CA PRO B 65 0.13 38.77 -13.71
C PRO B 65 -0.38 40.21 -13.79
N VAL B 66 -0.99 40.67 -12.70
CA VAL B 66 -1.55 42.02 -12.59
C VAL B 66 -1.04 42.65 -11.30
N GLY B 67 -0.58 43.89 -11.40
CA GLY B 67 0.17 44.53 -10.33
C GLY B 67 1.64 44.10 -10.40
N SER B 68 2.31 44.16 -9.26
CA SER B 68 3.76 44.00 -9.16
C SER B 68 4.15 42.83 -8.27
N GLY B 69 4.63 41.75 -8.88
CA GLY B 69 4.91 40.49 -8.15
C GLY B 69 3.65 39.82 -7.62
N ARG B 70 2.55 39.99 -8.36
CA ARG B 70 1.19 39.63 -7.92
C ARG B 70 0.33 39.11 -9.09
N LYS B 71 -0.61 38.23 -8.76
CA LYS B 71 -1.49 37.57 -9.73
C LYS B 71 -2.94 37.61 -9.25
N GLU B 72 -3.88 37.57 -10.20
CA GLU B 72 -5.31 37.48 -9.89
C GLU B 72 -5.97 36.41 -10.77
N ARG B 73 -6.82 35.60 -10.14
CA ARG B 73 -7.63 34.63 -10.85
C ARG B 73 -8.77 35.38 -11.52
N VAL B 74 -8.60 35.74 -12.80
CA VAL B 74 -9.62 36.51 -13.52
C VAL B 74 -10.34 35.67 -14.59
N VAL B 75 -11.65 35.56 -14.44
CA VAL B 75 -12.48 34.75 -15.35
C VAL B 75 -12.55 35.44 -16.73
N MET B 76 -12.44 34.64 -17.78
CA MET B 76 -12.38 35.12 -19.15
C MET B 76 -12.89 34.09 -20.15
N THR B 77 -13.15 34.55 -21.37
CA THR B 77 -13.62 33.70 -22.46
C THR B 77 -12.44 33.41 -23.39
N LEU B 78 -12.26 32.14 -23.72
CA LEU B 78 -11.15 31.68 -24.56
C LEU B 78 -11.67 30.82 -25.71
N ARG B 79 -10.94 30.84 -26.82
CA ARG B 79 -11.11 29.88 -27.90
C ARG B 79 -9.81 29.07 -28.01
N ILE B 80 -9.94 27.74 -27.95
CA ILE B 80 -8.80 26.85 -27.79
C ILE B 80 -8.78 25.78 -28.89
N ARG B 81 -7.70 25.76 -29.67
CA ARG B 81 -7.47 24.70 -30.67
C ARG B 81 -7.13 23.40 -29.92
N LEU B 82 -8.12 22.50 -29.80
CA LEU B 82 -7.99 21.27 -28.99
C LEU B 82 -6.80 20.41 -29.38
N ASP B 83 -6.05 20.04 -28.36
CA ASP B 83 -4.80 19.27 -28.45
C ASP B 83 -4.94 17.89 -27.79
N SER B 84 -5.91 17.76 -26.87
CA SER B 84 -6.00 16.61 -25.98
C SER B 84 -7.42 16.48 -25.44
N ILE B 85 -8.03 15.31 -25.59
CA ILE B 85 -9.35 15.01 -25.06
C ILE B 85 -9.23 13.72 -24.26
N GLU B 86 -9.35 13.81 -22.92
CA GLU B 86 -9.32 12.63 -22.04
C GLU B 86 -10.51 12.65 -21.06
N PHE B 87 -11.01 11.45 -20.75
CA PHE B 87 -12.20 11.28 -19.93
C PHE B 87 -12.05 10.09 -18.99
N GLN B 88 -11.93 10.38 -17.70
CA GLN B 88 -11.93 9.37 -16.65
C GLN B 88 -13.40 9.17 -16.22
N PRO B 89 -13.92 7.92 -16.24
CA PRO B 89 -15.32 7.74 -15.85
C PRO B 89 -15.61 7.99 -14.39
N PHE B 90 -16.88 8.27 -14.11
CA PHE B 90 -17.39 8.57 -12.78
C PHE B 90 -16.70 9.74 -12.07
N THR B 91 -16.24 10.73 -12.84
CA THR B 91 -15.69 11.99 -12.31
C THR B 91 -16.53 13.22 -12.67
N GLY B 92 -17.40 13.10 -13.67
CA GLY B 92 -18.14 14.26 -14.16
C GLY B 92 -17.23 15.30 -14.78
N LYS B 93 -16.19 14.85 -15.48
CA LYS B 93 -15.19 15.73 -16.06
C LYS B 93 -14.61 15.20 -17.38
N LEU B 94 -14.98 15.84 -18.48
CA LEU B 94 -14.31 15.68 -19.77
C LEU B 94 -13.16 16.67 -19.74
N ARG B 95 -11.92 16.16 -19.71
CA ARG B 95 -10.73 17.01 -19.53
C ARG B 95 -10.11 17.36 -20.87
N ILE B 96 -10.02 18.64 -21.15
CA ILE B 96 -9.55 19.16 -22.46
C ILE B 96 -8.34 20.05 -22.30
N SER B 97 -7.53 20.12 -23.35
CA SER B 97 -6.36 20.99 -23.36
C SER B 97 -6.00 21.39 -24.78
N GLY B 98 -5.24 22.46 -24.88
CA GLY B 98 -4.75 22.93 -26.17
C GLY B 98 -4.22 24.34 -26.12
N ILE B 99 -3.76 24.81 -27.27
CA ILE B 99 -3.22 26.16 -27.44
C ILE B 99 -4.38 27.13 -27.66
N VAL B 100 -4.35 28.26 -26.94
CA VAL B 100 -5.40 29.28 -27.05
C VAL B 100 -5.17 30.05 -28.35
N VAL B 101 -6.16 30.00 -29.23
CA VAL B 101 -6.09 30.68 -30.53
C VAL B 101 -6.73 32.08 -30.48
N GLU B 102 -7.66 32.31 -29.55
CA GLU B 102 -8.22 33.65 -29.31
C GLU B 102 -8.58 33.92 -27.83
N GLY B 103 -8.27 35.13 -27.39
CA GLY B 103 -8.64 35.61 -26.05
C GLY B 103 -8.33 37.10 -25.92
N PRO B 104 -8.76 37.73 -24.81
CA PRO B 104 -8.49 39.16 -24.54
C PRO B 104 -7.00 39.53 -24.69
N ASP B 105 -6.74 40.60 -25.43
CA ASP B 105 -5.39 40.88 -25.97
C ASP B 105 -4.37 41.43 -24.94
N GLU B 106 -4.86 42.06 -23.87
CA GLU B 106 -3.96 42.60 -22.83
C GLU B 106 -3.32 41.50 -21.97
N PHE B 107 -4.05 40.40 -21.76
CA PHE B 107 -3.56 39.27 -20.96
C PHE B 107 -2.49 38.42 -21.66
N GLY B 108 -2.34 38.57 -22.98
CA GLY B 108 -1.24 37.95 -23.73
C GLY B 108 -1.28 36.42 -23.79
N VAL B 109 -2.48 35.87 -23.73
CA VAL B 109 -2.69 34.42 -23.64
C VAL B 109 -2.68 33.69 -24.98
N LYS B 110 -2.73 34.43 -26.09
CA LYS B 110 -2.78 33.82 -27.42
C LYS B 110 -1.50 33.03 -27.68
N GLY B 111 -1.64 31.77 -28.09
CA GLY B 111 -0.50 30.87 -28.30
C GLY B 111 -0.07 30.04 -27.09
N ARG B 112 -0.70 30.28 -25.92
CA ARG B 112 -0.37 29.55 -24.69
C ARG B 112 -1.30 28.37 -24.47
N ARG B 113 -0.82 27.38 -23.73
CA ARG B 113 -1.61 26.18 -23.44
C ARG B 113 -2.62 26.45 -22.33
N HIS B 114 -3.88 26.12 -22.58
CA HIS B 114 -4.92 26.16 -21.54
C HIS B 114 -5.45 24.76 -21.38
N SER B 115 -5.15 24.13 -20.24
CA SER B 115 -5.74 22.87 -19.83
C SER B 115 -6.89 23.18 -18.87
N THR B 116 -8.04 22.54 -19.07
CA THR B 116 -9.21 22.74 -18.19
C THR B 116 -10.18 21.55 -18.31
N ALA B 117 -11.38 21.70 -17.75
CA ALA B 117 -12.34 20.59 -17.68
C ALA B 117 -13.77 21.04 -17.99
N VAL B 118 -14.37 20.41 -19.00
CA VAL B 118 -15.78 20.57 -19.28
C VAL B 118 -16.55 19.80 -18.22
N SER B 119 -17.52 20.46 -17.59
CA SER B 119 -18.38 19.84 -16.58
C SER B 119 -19.79 19.61 -17.12
N ILE B 120 -20.63 19.05 -16.27
CA ILE B 120 -22.08 19.02 -16.51
C ILE B 120 -22.53 20.46 -16.27
N GLY B 121 -23.31 20.99 -17.21
CA GLY B 121 -23.76 22.39 -17.16
C GLY B 121 -22.89 23.38 -17.91
N THR B 122 -21.69 22.98 -18.31
CA THR B 122 -20.77 23.90 -19.00
C THR B 122 -21.22 24.14 -20.45
N TRP B 123 -21.59 25.37 -20.75
CA TRP B 123 -21.83 25.78 -22.13
C TRP B 123 -20.48 25.84 -22.82
N LEU B 124 -20.38 25.19 -23.97
CA LEU B 124 -19.22 25.36 -24.83
C LEU B 124 -19.62 25.31 -26.30
N VAL B 125 -19.11 26.26 -27.06
CA VAL B 125 -19.31 26.34 -28.50
C VAL B 125 -18.05 25.73 -29.10
N VAL B 126 -18.22 24.90 -30.11
CA VAL B 126 -17.09 24.18 -30.71
C VAL B 126 -17.22 24.23 -32.24
N GLU B 127 -16.12 24.54 -32.92
CA GLU B 127 -16.12 24.70 -34.37
C GLU B 127 -15.21 23.68 -35.05
N ARG B 128 -15.73 23.02 -36.10
CA ARG B 128 -14.96 22.07 -36.90
C ARG B 128 -14.77 22.66 -38.29
N ASP B 129 -13.53 22.69 -38.75
CA ASP B 129 -13.18 23.41 -39.99
C ASP B 129 -13.91 22.85 -41.22
N LYS B 130 -13.93 21.53 -41.35
CA LYS B 130 -14.61 20.85 -42.46
C LYS B 130 -16.08 20.52 -42.17
N GLY B 131 -16.72 21.26 -41.28
CA GLY B 131 -18.16 21.14 -41.04
C GLY B 131 -18.57 19.92 -40.23
N TRP B 132 -19.67 20.05 -39.50
CA TRP B 132 -20.24 18.94 -38.75
C TRP B 132 -21.21 18.17 -39.64
N SER B 133 -21.12 16.85 -39.61
CA SER B 133 -22.04 15.99 -40.35
C SER B 133 -23.38 15.91 -39.62
N GLU B 134 -24.37 15.39 -40.34
CA GLU B 134 -25.68 15.11 -39.75
C GLU B 134 -25.55 13.92 -38.80
N GLN B 135 -24.74 12.93 -39.18
CA GLN B 135 -24.48 11.76 -38.32
C GLN B 135 -23.77 12.14 -37.01
N GLU B 136 -22.78 13.03 -37.11
CA GLU B 136 -22.05 13.51 -35.95
C GLU B 136 -22.96 14.21 -34.94
N LEU B 137 -23.83 15.09 -35.43
CA LEU B 137 -24.84 15.78 -34.59
C LEU B 137 -25.85 14.82 -33.97
N GLU B 138 -26.36 13.89 -34.78
CA GLU B 138 -27.33 12.89 -34.31
C GLU B 138 -26.74 12.07 -33.16
N ARG B 139 -25.50 11.64 -33.33
CA ARG B 139 -24.74 10.95 -32.28
C ARG B 139 -24.59 11.84 -31.04
N LEU B 140 -24.21 13.09 -31.28
CA LEU B 140 -24.05 14.10 -30.22
C LEU B 140 -25.34 14.36 -29.41
N ALA B 141 -26.50 14.22 -30.06
CA ALA B 141 -27.82 14.37 -29.42
C ALA B 141 -28.47 13.05 -28.98
N SER B 142 -27.74 11.93 -29.10
CA SER B 142 -28.28 10.61 -28.79
C SER B 142 -28.27 10.29 -27.30
N GLY B 143 -27.58 11.10 -26.50
CA GLY B 143 -27.30 10.73 -25.11
C GLY B 143 -28.45 10.83 -24.14
N ARG B 144 -29.50 10.04 -24.37
CA ARG B 144 -30.61 9.89 -23.42
C ARG B 144 -30.01 9.45 -22.09
N ALA B 145 -29.95 10.37 -21.12
CA ALA B 145 -29.10 10.22 -19.92
C ALA B 145 -29.36 8.94 -19.12
N ARG B 146 -28.81 7.84 -19.62
CA ARG B 146 -28.93 6.53 -18.98
C ARG B 146 -28.21 6.61 -17.64
N GLY B 147 -28.71 5.86 -16.68
CA GLY B 147 -28.22 5.94 -15.31
C GLY B 147 -26.88 5.25 -15.12
N THR B 148 -26.73 4.61 -13.96
CA THR B 148 -25.46 4.05 -13.56
C THR B 148 -25.70 2.98 -12.50
N ALA B 149 -25.87 1.74 -12.95
CA ALA B 149 -26.13 0.59 -12.06
C ALA B 149 -24.91 0.20 -11.22
N VAL B 150 -25.15 -0.56 -10.16
CA VAL B 150 -24.06 -1.23 -9.43
C VAL B 150 -24.25 -2.75 -9.52
N ILE B 151 -23.15 -3.47 -9.70
CA ILE B 151 -23.16 -4.91 -9.80
C ILE B 151 -22.19 -5.39 -8.76
N ALA B 152 -22.59 -6.43 -8.04
CA ALA B 152 -21.75 -7.03 -7.03
C ALA B 152 -21.86 -8.53 -7.17
N ALA B 153 -20.93 -9.26 -6.57
CA ALA B 153 -20.96 -10.72 -6.55
C ALA B 153 -20.49 -11.23 -5.20
N VAL B 154 -21.23 -12.19 -4.64
CA VAL B 154 -20.96 -12.68 -3.29
C VAL B 154 -20.90 -14.20 -3.28
N ASP B 155 -19.78 -14.73 -2.80
CA ASP B 155 -19.70 -16.12 -2.36
C ASP B 155 -19.00 -16.17 -0.98
N TYR B 156 -18.71 -17.37 -0.50
CA TYR B 156 -18.05 -17.53 0.79
C TYR B 156 -16.57 -17.12 0.83
N ASP B 157 -15.93 -17.03 -0.34
CA ASP B 157 -14.53 -16.61 -0.46
C ASP B 157 -14.33 -15.11 -0.70
N GLU B 158 -15.24 -14.50 -1.47
CA GLU B 158 -15.02 -13.15 -2.04
C GLU B 158 -16.29 -12.33 -2.12
N PHE B 159 -16.12 -11.03 -1.93
CA PHE B 159 -17.13 -10.03 -2.28
C PHE B 159 -16.45 -8.95 -3.11
N ALA B 160 -17.04 -8.63 -4.26
CA ALA B 160 -16.67 -7.43 -5.02
C ALA B 160 -17.92 -6.62 -5.35
N LEU B 161 -17.70 -5.35 -5.66
CA LEU B 161 -18.75 -4.43 -6.04
C LEU B 161 -18.18 -3.48 -7.07
N ALA B 162 -18.96 -3.21 -8.11
CA ALA B 162 -18.56 -2.28 -9.16
C ALA B 162 -19.71 -1.41 -9.60
N VAL B 163 -19.38 -0.20 -10.04
CA VAL B 163 -20.35 0.76 -10.59
C VAL B 163 -20.24 0.79 -12.10
N LEU B 164 -21.36 0.55 -12.77
CA LEU B 164 -21.43 0.24 -14.20
C LEU B 164 -22.20 1.36 -14.90
N ALA B 165 -21.56 2.07 -15.84
CA ALA B 165 -22.24 2.98 -16.78
C ALA B 165 -22.16 2.38 -18.18
N GLY B 166 -22.81 3.00 -19.15
CA GLY B 166 -22.66 2.59 -20.55
C GLY B 166 -21.23 2.75 -21.06
N HIS B 167 -20.54 3.74 -20.50
CA HIS B 167 -19.22 4.17 -20.95
C HIS B 167 -18.05 3.75 -20.04
N GLY B 168 -18.35 3.10 -18.92
CA GLY B 168 -17.32 2.78 -17.94
C GLY B 168 -17.76 1.79 -16.87
N MET B 169 -16.77 1.10 -16.31
CA MET B 169 -16.97 0.21 -15.18
C MET B 169 -15.82 0.46 -14.20
N LYS B 170 -16.12 0.48 -12.91
CA LYS B 170 -15.11 0.71 -11.88
C LYS B 170 -15.34 -0.21 -10.69
N ILE B 171 -14.31 -0.96 -10.31
CA ILE B 171 -14.42 -1.89 -9.18
C ILE B 171 -14.22 -1.04 -7.93
N LEU B 172 -15.28 -0.88 -7.16
CA LEU B 172 -15.27 -0.03 -5.96
C LEU B 172 -14.86 -0.79 -4.70
N GLU B 173 -15.16 -2.09 -4.65
CA GLU B 173 -14.75 -2.99 -3.58
C GLU B 173 -14.25 -4.30 -4.18
N ASP B 174 -13.25 -4.90 -3.54
CA ASP B 174 -12.77 -6.24 -3.92
C ASP B 174 -12.10 -6.89 -2.72
N THR B 175 -12.91 -7.59 -1.94
CA THR B 175 -12.54 -8.08 -0.62
C THR B 175 -12.54 -9.60 -0.61
N SER B 176 -11.66 -10.17 0.21
CA SER B 176 -11.74 -11.58 0.56
C SER B 176 -12.47 -11.66 1.91
N ALA B 177 -13.50 -12.49 1.97
CA ALA B 177 -14.17 -12.80 3.22
C ALA B 177 -13.29 -13.82 3.91
N ARG B 178 -12.37 -13.33 4.74
CA ARG B 178 -11.40 -14.20 5.41
C ARG B 178 -12.15 -14.91 6.52
N LEU B 179 -12.95 -15.88 6.09
CA LEU B 179 -14.01 -16.45 6.92
C LEU B 179 -13.44 -17.66 7.65
N PRO B 180 -14.00 -18.00 8.82
CA PRO B 180 -13.57 -19.25 9.44
C PRO B 180 -13.95 -20.49 8.61
N GLY B 181 -13.28 -21.61 8.86
CA GLY B 181 -13.72 -22.90 8.34
C GLY B 181 -15.06 -23.21 8.98
N LYS B 182 -15.93 -23.92 8.26
CA LYS B 182 -17.31 -24.18 8.73
C LYS B 182 -17.39 -24.91 10.08
N ASP B 183 -16.36 -25.70 10.40
CA ASP B 183 -16.21 -26.31 11.73
C ASP B 183 -16.00 -25.32 12.89
N ASP B 184 -15.50 -24.12 12.60
CA ASP B 184 -15.20 -23.12 13.62
C ASP B 184 -16.50 -22.58 14.26
N PRO B 185 -16.56 -22.52 15.60
CA PRO B 185 -17.65 -21.74 16.23
C PRO B 185 -17.53 -20.26 15.88
N SER B 186 -18.63 -19.53 15.95
CA SER B 186 -18.67 -18.14 15.46
C SER B 186 -18.50 -17.98 13.93
N ARG B 187 -18.50 -19.08 13.18
CA ARG B 187 -18.49 -19.00 11.72
C ARG B 187 -19.82 -18.43 11.23
N GLU B 188 -20.90 -18.82 11.90
CA GLU B 188 -22.23 -18.40 11.52
C GLU B 188 -22.43 -16.91 11.75
N GLN B 189 -21.92 -16.38 12.86
CA GLN B 189 -21.99 -14.93 13.09
C GLN B 189 -21.02 -14.14 12.21
N GLU B 190 -19.90 -14.77 11.82
CA GLU B 190 -18.89 -14.10 10.98
C GLU B 190 -19.39 -13.87 9.54
N VAL B 191 -20.20 -14.79 9.01
CA VAL B 191 -20.84 -14.61 7.68
C VAL B 191 -21.94 -13.55 7.76
N GLU B 192 -22.62 -13.47 8.91
CA GLU B 192 -23.62 -12.42 9.16
C GLU B 192 -23.02 -11.02 9.11
N LYS B 193 -21.90 -10.84 9.80
CA LYS B 193 -21.15 -9.57 9.74
C LYS B 193 -20.70 -9.28 8.31
N TYR B 194 -20.24 -10.32 7.63
CA TYR B 194 -19.78 -10.23 6.25
C TYR B 194 -20.91 -9.86 5.24
N VAL B 195 -22.11 -10.43 5.42
CA VAL B 195 -23.26 -10.00 4.59
C VAL B 195 -23.78 -8.61 4.95
N ASP B 196 -23.58 -8.18 6.20
CA ASP B 196 -23.88 -6.80 6.58
C ASP B 196 -22.88 -5.86 5.93
N ARG B 197 -21.58 -6.12 6.14
CA ARG B 197 -20.51 -5.34 5.49
C ARG B 197 -20.68 -5.24 3.98
N ALA B 198 -21.15 -6.32 3.35
CA ALA B 198 -21.40 -6.33 1.90
C ALA B 198 -22.60 -5.44 1.53
N ALA B 199 -23.73 -5.70 2.18
CA ALA B 199 -24.97 -4.95 1.96
C ALA B 199 -24.79 -3.46 2.20
N LYS B 200 -24.16 -3.12 3.33
CA LYS B 200 -23.81 -1.74 3.67
C LYS B 200 -23.11 -1.06 2.48
N ARG B 201 -22.02 -1.67 2.02
CA ARG B 201 -21.19 -1.14 0.94
C ARG B 201 -21.93 -1.00 -0.40
N ILE B 202 -22.91 -1.87 -0.66
CA ILE B 202 -23.73 -1.75 -1.87
C ILE B 202 -24.57 -0.47 -1.77
N VAL B 203 -25.36 -0.39 -0.70
CA VAL B 203 -26.20 0.78 -0.40
C VAL B 203 -25.38 2.08 -0.42
N GLU B 204 -24.23 2.07 0.25
CA GLU B 204 -23.33 3.23 0.25
C GLU B 204 -23.04 3.78 -1.16
N GLU B 205 -22.77 2.89 -2.11
CA GLU B 205 -22.32 3.31 -3.45
C GLU B 205 -23.48 3.52 -4.43
N ALA B 206 -24.61 2.84 -4.22
CA ALA B 206 -25.84 3.17 -4.96
C ALA B 206 -26.29 4.60 -4.64
N ALA B 207 -26.09 5.02 -3.40
CA ALA B 207 -26.33 6.42 -2.99
C ALA B 207 -25.31 7.35 -3.63
N ARG B 208 -24.03 7.04 -3.43
CA ARG B 208 -22.94 7.87 -3.95
C ARG B 208 -22.97 8.06 -5.47
N HIS B 209 -23.58 7.11 -6.20
CA HIS B 209 -23.70 7.19 -7.67
C HIS B 209 -25.12 7.36 -8.21
N ARG B 210 -26.13 7.47 -7.34
CA ARG B 210 -27.53 7.62 -7.76
C ARG B 210 -27.92 6.48 -8.71
N SER B 211 -27.77 5.28 -8.21
CA SER B 211 -28.04 4.08 -8.98
C SER B 211 -29.48 3.66 -8.75
N PRO B 212 -30.26 3.47 -9.82
CA PRO B 212 -31.61 2.91 -9.63
C PRO B 212 -31.61 1.39 -9.41
N ILE B 213 -30.85 0.66 -10.24
CA ILE B 213 -30.77 -0.80 -10.15
C ILE B 213 -29.49 -1.18 -9.42
N ALA B 214 -29.54 -2.29 -8.69
CA ALA B 214 -28.37 -2.91 -8.09
C ALA B 214 -28.46 -4.42 -8.27
N VAL B 215 -27.66 -4.96 -9.19
CA VAL B 215 -27.63 -6.41 -9.47
C VAL B 215 -26.66 -7.09 -8.52
N ILE B 216 -27.07 -8.22 -7.96
CA ILE B 216 -26.29 -8.95 -6.96
C ILE B 216 -26.10 -10.37 -7.45
N ALA B 217 -24.89 -10.67 -7.92
CA ALA B 217 -24.52 -11.99 -8.40
C ALA B 217 -24.08 -12.88 -7.25
N GLY B 218 -24.06 -14.18 -7.51
CA GLY B 218 -23.39 -15.16 -6.64
C GLY B 218 -24.00 -16.55 -6.70
N PRO B 219 -23.27 -17.56 -6.18
CA PRO B 219 -23.84 -18.90 -6.04
C PRO B 219 -24.63 -19.03 -4.75
N GLY B 220 -25.91 -19.40 -4.89
CA GLY B 220 -26.74 -19.78 -3.74
C GLY B 220 -27.39 -18.62 -3.01
N GLN B 221 -27.44 -18.73 -1.68
CA GLN B 221 -28.26 -17.86 -0.83
C GLN B 221 -27.58 -16.57 -0.36
N LEU B 222 -26.25 -16.49 -0.40
CA LEU B 222 -25.56 -15.30 0.11
C LEU B 222 -26.01 -14.04 -0.59
N LYS B 223 -26.17 -14.12 -1.91
CA LYS B 223 -26.66 -12.98 -2.70
C LYS B 223 -28.07 -12.53 -2.29
N THR B 224 -28.95 -13.48 -1.96
CA THR B 224 -30.30 -13.14 -1.48
C THR B 224 -30.27 -12.56 -0.05
N SER B 225 -29.44 -13.13 0.83
CA SER B 225 -29.21 -12.57 2.16
C SER B 225 -28.76 -11.10 2.06
N VAL B 226 -27.81 -10.84 1.16
CA VAL B 226 -27.32 -9.48 0.92
C VAL B 226 -28.41 -8.60 0.27
N ALA B 227 -29.16 -9.18 -0.67
CA ALA B 227 -30.24 -8.46 -1.38
C ALA B 227 -31.31 -7.94 -0.42
N GLU B 228 -31.74 -8.80 0.49
CA GLU B 228 -32.73 -8.43 1.52
C GLU B 228 -32.26 -7.25 2.37
N LYS B 229 -31.00 -7.26 2.78
CA LYS B 229 -30.44 -6.20 3.60
C LYS B 229 -30.46 -4.85 2.87
N VAL B 230 -30.17 -4.83 1.57
CA VAL B 230 -30.18 -3.57 0.81
C VAL B 230 -31.60 -3.05 0.52
N GLN B 231 -32.55 -3.96 0.23
CA GLN B 231 -33.97 -3.57 0.08
C GLN B 231 -34.54 -2.95 1.35
N ARG B 232 -34.13 -3.47 2.50
CA ARG B 232 -34.49 -2.93 3.81
C ARG B 232 -34.00 -1.49 3.96
N ALA B 233 -32.72 -1.27 3.64
CA ALA B 233 -32.08 0.04 3.77
C ALA B 233 -32.33 1.00 2.59
N MET B 234 -32.90 0.50 1.48
CA MET B 234 -33.27 1.30 0.31
C MET B 234 -34.44 0.64 -0.42
N PRO B 235 -35.68 0.88 0.03
CA PRO B 235 -36.85 0.29 -0.65
C PRO B 235 -37.13 0.86 -2.05
N SER B 236 -36.78 2.13 -2.28
CA SER B 236 -36.91 2.76 -3.61
C SER B 236 -35.96 2.14 -4.66
N LEU B 237 -34.82 1.63 -4.20
CA LEU B 237 -33.81 0.99 -5.06
C LEU B 237 -34.30 -0.35 -5.60
N LYS B 238 -34.17 -0.57 -6.91
CA LYS B 238 -34.44 -1.89 -7.52
C LYS B 238 -33.24 -2.80 -7.30
N VAL B 239 -33.52 -4.08 -7.06
CA VAL B 239 -32.50 -5.06 -6.69
C VAL B 239 -32.75 -6.36 -7.42
N ALA B 240 -31.79 -6.79 -8.25
CA ALA B 240 -31.91 -8.06 -8.98
C ALA B 240 -30.90 -9.09 -8.45
N THR B 241 -31.36 -10.31 -8.21
CA THR B 241 -30.48 -11.41 -7.84
C THR B 241 -30.27 -12.26 -9.09
N VAL B 242 -29.02 -12.43 -9.47
CA VAL B 242 -28.63 -13.23 -10.63
C VAL B 242 -27.82 -14.43 -10.15
N ASP B 243 -28.18 -15.63 -10.62
CA ASP B 243 -27.39 -16.83 -10.38
C ASP B 243 -26.04 -16.71 -11.10
N THR B 244 -24.99 -17.25 -10.48
CA THR B 244 -23.61 -17.08 -10.94
C THR B 244 -22.71 -18.09 -10.21
N SER B 245 -21.64 -18.54 -10.85
CA SER B 245 -20.79 -19.62 -10.30
C SER B 245 -19.94 -19.18 -9.12
N MET B 246 -19.46 -17.93 -9.14
CA MET B 246 -18.62 -17.43 -8.06
C MET B 246 -18.80 -15.94 -7.77
N GLY B 247 -18.14 -15.48 -6.72
CA GLY B 247 -18.22 -14.09 -6.28
C GLY B 247 -17.15 -13.23 -6.90
N GLY B 248 -16.79 -12.16 -6.19
CA GLY B 248 -15.64 -11.32 -6.56
C GLY B 248 -15.74 -10.65 -7.90
N VAL B 249 -14.63 -10.10 -8.38
CA VAL B 249 -14.61 -9.43 -9.67
C VAL B 249 -14.96 -10.41 -10.81
N ALA B 250 -14.51 -11.66 -10.71
CA ALA B 250 -14.88 -12.69 -11.67
C ALA B 250 -16.40 -12.82 -11.76
N GLY B 251 -17.06 -12.89 -10.61
CA GLY B 251 -18.53 -12.99 -10.52
C GLY B 251 -19.28 -11.82 -11.11
N VAL B 252 -18.71 -10.62 -10.96
CA VAL B 252 -19.27 -9.42 -11.56
C VAL B 252 -19.17 -9.57 -13.07
N ARG B 253 -17.97 -9.92 -13.53
CA ARG B 253 -17.71 -10.12 -14.96
C ARG B 253 -18.45 -11.28 -15.58
N GLU B 254 -18.77 -12.30 -14.77
CA GLU B 254 -19.63 -13.42 -15.16
C GLU B 254 -21.08 -12.97 -15.36
N ALA B 255 -21.57 -12.17 -14.40
CA ALA B 255 -22.92 -11.62 -14.46
C ALA B 255 -23.17 -10.78 -15.73
N LEU B 256 -22.17 -10.02 -16.17
CA LEU B 256 -22.28 -9.21 -17.40
C LEU B 256 -22.60 -9.99 -18.67
N ARG B 257 -22.31 -11.28 -18.67
CA ARG B 257 -22.54 -12.16 -19.81
C ARG B 257 -23.80 -13.02 -19.69
N ARG B 258 -24.45 -13.03 -18.52
CA ARG B 258 -25.68 -13.82 -18.34
C ARG B 258 -26.87 -13.21 -19.07
N GLU B 259 -27.84 -14.07 -19.39
CA GLU B 259 -29.08 -13.66 -20.07
C GLU B 259 -29.87 -12.65 -19.23
N SER B 260 -29.96 -12.92 -17.93
CA SER B 260 -30.67 -12.05 -16.98
C SER B 260 -30.24 -10.59 -17.11
N VAL B 261 -28.93 -10.36 -17.05
CA VAL B 261 -28.34 -9.01 -16.97
C VAL B 261 -28.40 -8.30 -18.32
N THR B 262 -28.29 -9.04 -19.42
CA THR B 262 -28.43 -8.46 -20.76
C THR B 262 -29.84 -7.93 -21.03
N ARG B 263 -30.86 -8.47 -20.36
CA ARG B 263 -32.21 -7.89 -20.39
C ARG B 263 -32.30 -6.66 -19.48
N ILE B 264 -31.86 -6.81 -18.23
CA ILE B 264 -32.06 -5.78 -17.19
C ILE B 264 -31.19 -4.53 -17.41
N LEU B 265 -30.02 -4.71 -18.03
CA LEU B 265 -29.11 -3.61 -18.38
C LEU B 265 -28.83 -3.63 -19.89
N ARG B 266 -29.90 -3.70 -20.70
CA ARG B 266 -29.73 -3.83 -22.17
C ARG B 266 -29.32 -2.52 -22.86
N GLU B 267 -29.49 -1.38 -22.17
CA GLU B 267 -29.14 -0.06 -22.73
C GLU B 267 -27.66 0.34 -22.54
N LEU B 268 -26.86 -0.51 -21.92
CA LEU B 268 -25.45 -0.21 -21.59
C LEU B 268 -24.47 -0.78 -22.62
N SER B 269 -23.77 0.07 -23.34
CA SER B 269 -22.86 -0.41 -24.32
C SER B 269 -22.04 -1.52 -23.74
N ILE B 270 -21.24 -1.17 -22.77
CA ILE B 270 -20.37 -2.17 -22.12
C ILE B 270 -20.97 -3.58 -22.12
N VAL B 271 -22.24 -3.69 -21.75
CA VAL B 271 -22.92 -4.99 -21.70
C VAL B 271 -23.25 -5.45 -23.12
N GLU B 272 -23.83 -4.55 -23.91
CA GLU B 272 -24.12 -4.78 -25.33
C GLU B 272 -22.92 -5.42 -26.06
N ALA B 273 -21.75 -4.82 -25.84
CA ALA B 273 -20.48 -5.27 -26.44
C ALA B 273 -20.17 -6.78 -26.28
N GLU B 274 -20.51 -7.32 -25.12
CA GLU B 274 -20.15 -8.70 -24.77
C GLU B 274 -20.89 -9.74 -25.62
N GLY B 275 -22.13 -9.42 -26.00
CA GLY B 275 -22.94 -10.28 -26.85
C GLY B 275 -22.61 -10.24 -28.33
N VAL B 276 -22.02 -9.14 -28.78
CA VAL B 276 -21.59 -9.07 -30.15
C VAL B 276 -20.23 -9.75 -30.17
N LEU B 277 -19.36 -9.37 -29.26
CA LEU B 277 -18.07 -10.06 -29.13
C LEU B 277 -18.22 -11.57 -29.11
N GLU B 278 -19.18 -12.07 -28.34
CA GLU B 278 -19.49 -13.50 -28.32
C GLU B 278 -19.92 -14.01 -29.70
N GLU B 279 -20.78 -13.25 -30.38
CA GLU B 279 -21.23 -13.57 -31.74
C GLU B 279 -20.08 -13.51 -32.76
N PHE B 280 -19.19 -12.52 -32.62
CA PHE B 280 -18.00 -12.39 -33.46
C PHE B 280 -17.07 -13.59 -33.31
N LEU B 281 -16.86 -14.03 -32.07
CA LEU B 281 -15.98 -15.16 -31.80
C LEU B 281 -16.61 -16.50 -32.21
N ARG B 282 -17.91 -16.66 -32.00
CA ARG B 282 -18.63 -17.86 -32.47
C ARG B 282 -18.50 -18.00 -34.01
N ARG B 283 -18.44 -16.86 -34.72
CA ARG B 283 -18.21 -16.83 -36.17
C ARG B 283 -16.75 -17.07 -36.57
N ILE B 284 -15.78 -16.55 -35.80
CA ILE B 284 -14.36 -16.72 -36.14
C ILE B 284 -13.94 -18.20 -36.18
N ALA B 285 -14.60 -19.03 -35.37
CA ALA B 285 -14.40 -20.47 -35.37
C ALA B 285 -14.92 -21.11 -36.65
N LYS B 286 -16.22 -20.96 -36.91
CA LYS B 286 -16.87 -21.62 -38.04
C LYS B 286 -16.66 -20.76 -39.32
N SER B 287 -17.41 -19.65 -39.38
CA SER B 287 -17.64 -18.87 -40.60
C SER B 287 -16.77 -17.61 -40.63
N ARG B 288 -15.48 -17.80 -40.87
CA ARG B 288 -14.47 -16.73 -40.79
C ARG B 288 -14.78 -15.51 -41.70
N ASP B 289 -15.36 -15.76 -42.87
CA ASP B 289 -15.67 -14.67 -43.84
C ASP B 289 -16.88 -13.79 -43.47
N THR B 290 -17.71 -14.20 -42.51
CA THR B 290 -18.83 -13.36 -42.03
C THR B 290 -18.43 -12.36 -40.91
N VAL B 291 -17.13 -12.19 -40.65
CA VAL B 291 -16.62 -11.08 -39.82
C VAL B 291 -15.39 -10.43 -40.42
N ALA B 292 -15.07 -9.27 -39.88
CA ALA B 292 -13.81 -8.58 -40.17
C ALA B 292 -13.35 -7.88 -38.91
N TYR B 293 -12.05 -7.62 -38.85
CA TYR B 293 -11.47 -6.90 -37.72
C TYR B 293 -10.25 -6.14 -38.18
N THR B 294 -9.73 -5.26 -37.31
CA THR B 294 -8.61 -4.37 -37.63
C THR B 294 -9.11 -3.18 -38.48
N PRO B 295 -8.66 -1.94 -38.17
CA PRO B 295 -9.20 -0.72 -38.81
C PRO B 295 -9.35 -0.72 -40.32
N GLY B 296 -8.35 -1.25 -41.04
CA GLY B 296 -8.33 -1.24 -42.50
C GLY B 296 -9.28 -2.24 -43.13
N GLU B 297 -9.32 -3.45 -42.59
CA GLU B 297 -10.20 -4.52 -43.11
C GLU B 297 -11.66 -4.17 -42.82
N VAL B 298 -11.91 -3.56 -41.67
CA VAL B 298 -13.25 -3.07 -41.31
C VAL B 298 -13.70 -2.01 -42.31
N LEU B 299 -12.86 -1.01 -42.53
CA LEU B 299 -13.10 0.03 -43.54
C LEU B 299 -13.38 -0.55 -44.94
N ALA B 300 -12.64 -1.58 -45.33
CA ALA B 300 -12.81 -2.22 -46.64
C ALA B 300 -14.22 -2.78 -46.84
N VAL B 301 -14.66 -3.62 -45.90
CA VAL B 301 -16.00 -4.19 -45.92
C VAL B 301 -17.11 -3.19 -45.58
N ALA B 302 -16.76 -2.07 -44.92
CA ALA B 302 -17.73 -0.99 -44.64
C ALA B 302 -18.16 -0.26 -45.90
N ARG B 303 -17.19 0.04 -46.79
CA ARG B 303 -17.49 0.59 -48.13
C ARG B 303 -18.48 -0.28 -48.93
N MET B 304 -18.32 -1.59 -48.81
CA MET B 304 -19.17 -2.56 -49.51
C MET B 304 -20.63 -2.56 -49.06
N GLY B 305 -20.90 -2.04 -47.86
CA GLY B 305 -22.22 -2.11 -47.23
C GLY B 305 -22.46 -3.47 -46.58
N ALA B 306 -21.40 -4.06 -46.05
CA ALA B 306 -21.45 -5.41 -45.49
C ALA B 306 -21.66 -5.43 -43.97
N VAL B 307 -21.34 -4.33 -43.29
CA VAL B 307 -21.27 -4.31 -41.82
C VAL B 307 -22.65 -4.14 -41.16
N ASP B 308 -23.03 -5.09 -40.30
CA ASP B 308 -24.27 -5.00 -39.51
C ASP B 308 -24.03 -4.18 -38.24
N THR B 309 -23.09 -4.64 -37.42
CA THR B 309 -22.66 -3.89 -36.24
C THR B 309 -21.12 -3.88 -36.17
N VAL B 310 -20.58 -2.80 -35.62
CA VAL B 310 -19.14 -2.67 -35.44
C VAL B 310 -18.86 -2.35 -33.97
N LEU B 311 -18.05 -3.18 -33.32
CA LEU B 311 -17.64 -2.98 -31.92
C LEU B 311 -16.23 -2.38 -31.92
N LEU B 312 -16.07 -1.28 -31.19
CA LEU B 312 -14.92 -0.40 -31.33
C LEU B 312 -14.37 0.01 -29.96
N VAL B 313 -13.05 0.01 -29.81
CA VAL B 313 -12.39 0.61 -28.64
C VAL B 313 -12.24 2.13 -28.83
N ASP B 314 -12.61 2.90 -27.81
CA ASP B 314 -12.66 4.36 -27.93
C ASP B 314 -11.33 5.06 -28.16
N THR B 315 -10.23 4.40 -27.81
CA THR B 315 -8.87 4.94 -28.03
C THR B 315 -8.49 5.03 -29.53
N LEU B 316 -9.04 4.16 -30.37
CA LEU B 316 -8.84 4.27 -31.82
C LEU B 316 -9.31 5.61 -32.42
N LEU B 317 -10.39 6.18 -31.88
CA LEU B 317 -10.86 7.51 -32.27
C LEU B 317 -9.80 8.60 -32.04
N HIS B 318 -8.93 8.42 -31.05
CA HIS B 318 -7.88 9.41 -30.70
C HIS B 318 -6.42 8.96 -30.95
N SER B 319 -6.22 7.86 -31.67
CA SER B 319 -4.88 7.35 -32.03
C SER B 319 -3.97 8.47 -32.54
N PRO B 320 -2.71 8.53 -32.07
CA PRO B 320 -1.82 9.62 -32.50
C PRO B 320 -1.51 9.65 -34.01
N ASP B 321 -1.63 8.49 -34.67
CA ASP B 321 -1.50 8.40 -36.14
C ASP B 321 -2.72 9.00 -36.82
N ASP B 322 -2.51 10.00 -37.67
CA ASP B 322 -3.61 10.67 -38.39
C ASP B 322 -4.33 9.74 -39.35
N ALA B 323 -3.58 8.85 -40.01
CA ALA B 323 -4.13 7.91 -41.00
C ALA B 323 -5.27 7.04 -40.46
N VAL B 324 -5.12 6.54 -39.23
CA VAL B 324 -6.15 5.65 -38.65
C VAL B 324 -7.36 6.38 -38.04
N ARG B 325 -7.17 7.59 -37.52
CA ARG B 325 -8.33 8.40 -37.05
C ARG B 325 -9.26 8.74 -38.22
N GLU B 326 -8.68 9.05 -39.37
CA GLU B 326 -9.46 9.31 -40.60
C GLU B 326 -10.07 8.03 -41.17
N ALA B 327 -9.31 6.94 -41.13
CA ALA B 327 -9.77 5.64 -41.62
C ALA B 327 -10.89 5.03 -40.75
N VAL B 328 -10.71 5.07 -39.43
CA VAL B 328 -11.72 4.58 -38.48
C VAL B 328 -13.00 5.43 -38.56
N ASP B 329 -12.86 6.75 -38.64
CA ASP B 329 -14.02 7.63 -38.82
C ASP B 329 -14.75 7.37 -40.13
N GLU B 330 -13.99 7.12 -41.21
CA GLU B 330 -14.61 6.81 -42.52
C GLU B 330 -15.45 5.54 -42.48
N ALA B 331 -14.92 4.50 -41.84
CA ALA B 331 -15.64 3.24 -41.69
C ALA B 331 -16.91 3.44 -40.86
N LEU B 332 -16.76 4.04 -39.69
CA LEU B 332 -17.91 4.35 -38.82
C LEU B 332 -18.98 5.19 -39.53
N ARG B 333 -18.55 6.18 -40.30
CA ARG B 333 -19.47 7.01 -41.08
C ARG B 333 -20.19 6.17 -42.13
N LEU B 334 -19.44 5.32 -42.82
CA LEU B 334 -19.98 4.41 -43.85
C LEU B 334 -21.01 3.41 -43.32
N VAL B 335 -20.71 2.74 -42.19
CA VAL B 335 -21.61 1.68 -41.70
C VAL B 335 -22.95 2.26 -41.24
N GLU B 336 -22.91 3.46 -40.66
CA GLU B 336 -24.10 4.14 -40.21
C GLU B 336 -24.86 4.82 -41.37
N SER B 337 -24.16 5.11 -42.47
CA SER B 337 -24.82 5.60 -43.69
C SER B 337 -25.67 4.52 -44.39
N MET B 338 -25.35 3.26 -44.14
CA MET B 338 -26.12 2.12 -44.65
C MET B 338 -26.76 1.33 -43.50
N GLY B 339 -27.28 2.07 -42.51
CA GLY B 339 -28.11 1.52 -41.44
C GLY B 339 -27.49 0.46 -40.54
N GLY B 340 -26.17 0.53 -40.35
CA GLY B 340 -25.47 -0.35 -39.42
C GLY B 340 -25.38 0.28 -38.04
N ARG B 341 -25.16 -0.55 -37.02
CA ARG B 341 -24.98 -0.10 -35.65
C ARG B 341 -23.50 0.12 -35.38
N VAL B 342 -23.19 1.06 -34.50
CA VAL B 342 -21.81 1.35 -34.10
C VAL B 342 -21.78 1.43 -32.56
N ILE B 343 -21.00 0.55 -31.96
CA ILE B 343 -20.89 0.41 -30.50
C ILE B 343 -19.47 0.80 -30.09
N ILE B 344 -19.35 1.90 -29.36
CA ILE B 344 -18.05 2.41 -28.92
C ILE B 344 -17.98 2.22 -27.42
N ILE B 345 -16.86 1.64 -26.96
CA ILE B 345 -16.66 1.31 -25.54
C ILE B 345 -15.24 1.64 -25.10
N PRO B 346 -15.00 1.73 -23.78
CA PRO B 346 -13.63 1.88 -23.30
C PRO B 346 -12.80 0.60 -23.46
N GLY B 347 -11.53 0.74 -23.83
CA GLY B 347 -10.57 -0.36 -23.78
C GLY B 347 -10.41 -0.93 -22.39
N ASP B 348 -10.58 -0.08 -21.38
CA ASP B 348 -10.63 -0.46 -19.96
C ASP B 348 -12.03 -1.00 -19.61
N SER B 349 -12.32 -2.22 -20.07
CA SER B 349 -13.59 -2.91 -19.81
C SER B 349 -13.52 -4.39 -20.23
N PRO B 350 -14.41 -5.25 -19.68
CA PRO B 350 -14.29 -6.69 -19.93
C PRO B 350 -14.40 -7.11 -21.41
N ALA B 351 -15.23 -6.39 -22.17
CA ALA B 351 -15.29 -6.59 -23.61
C ALA B 351 -14.04 -6.03 -24.28
N GLY B 352 -13.73 -4.77 -23.96
CA GLY B 352 -12.55 -4.06 -24.48
C GLY B 352 -11.22 -4.81 -24.43
N GLU B 353 -11.00 -5.55 -23.36
CA GLU B 353 -9.77 -6.33 -23.18
C GLU B 353 -9.52 -7.41 -24.24
N ARG B 354 -10.59 -8.00 -24.78
CA ARG B 354 -10.47 -9.04 -25.82
C ARG B 354 -10.21 -8.48 -27.21
N LEU B 355 -10.49 -7.19 -27.41
CA LEU B 355 -10.35 -6.52 -28.70
C LEU B 355 -8.91 -6.13 -29.08
N VAL B 356 -7.97 -6.15 -28.13
CA VAL B 356 -6.56 -5.75 -28.38
C VAL B 356 -5.87 -6.58 -29.46
N SER B 357 -6.17 -7.86 -29.48
CA SER B 357 -5.62 -8.79 -30.47
C SER B 357 -6.27 -8.66 -31.86
N PHE B 358 -7.35 -7.90 -31.96
CA PHE B 358 -8.05 -7.65 -33.24
C PHE B 358 -7.90 -6.21 -33.73
N GLY B 359 -6.85 -5.52 -33.28
CA GLY B 359 -6.60 -4.13 -33.67
C GLY B 359 -7.57 -3.10 -33.13
N GLY B 360 -8.34 -3.45 -32.10
CA GLY B 360 -9.34 -2.54 -31.51
C GLY B 360 -10.73 -2.52 -32.14
N VAL B 361 -10.89 -3.17 -33.28
CA VAL B 361 -12.17 -3.19 -33.95
C VAL B 361 -12.61 -4.52 -34.46
N ILE B 362 -13.88 -4.83 -34.29
CA ILE B 362 -14.45 -6.05 -34.85
C ILE B 362 -15.79 -5.71 -35.49
N ALA B 363 -16.16 -6.46 -36.53
CA ALA B 363 -17.38 -6.20 -37.27
C ALA B 363 -18.11 -7.50 -37.57
N LEU B 364 -19.43 -7.46 -37.49
CA LEU B 364 -20.29 -8.57 -37.94
C LEU B 364 -20.81 -8.22 -39.33
N LEU B 365 -20.63 -9.13 -40.27
CA LEU B 365 -21.04 -8.89 -41.66
C LEU B 365 -22.38 -9.55 -42.01
N ARG B 366 -23.16 -8.85 -42.83
CA ARG B 366 -24.48 -9.29 -43.28
C ARG B 366 -24.45 -10.44 -44.30
N TYR B 367 -23.29 -10.60 -44.95
CA TYR B 367 -23.06 -11.70 -45.88
C TYR B 367 -21.57 -12.05 -45.91
N PRO B 368 -21.21 -13.24 -46.43
CA PRO B 368 -19.80 -13.58 -46.61
C PRO B 368 -19.08 -12.67 -47.61
N VAL B 369 -17.91 -12.15 -47.21
CA VAL B 369 -17.02 -11.40 -48.07
C VAL B 369 -15.68 -12.15 -48.09
N PRO B 370 -15.31 -12.81 -49.22
CA PRO B 370 -14.01 -13.49 -49.34
C PRO B 370 -12.81 -12.59 -49.07
N GLN B 371 -11.73 -13.18 -48.57
CA GLN B 371 -10.58 -12.41 -48.08
C GLN B 371 -9.83 -11.68 -49.20
N GLU B 372 -9.81 -12.27 -50.40
CA GLU B 372 -9.20 -11.64 -51.57
C GLU B 372 -10.05 -10.53 -52.21
N ALA B 373 -11.29 -10.33 -51.73
CA ALA B 373 -12.16 -9.22 -52.15
C ALA B 373 -12.07 -7.96 -51.27
N ARG B 374 -11.28 -7.99 -50.20
CA ARG B 374 -11.25 -6.90 -49.21
C ARG B 374 -10.13 -5.89 -49.49
N ARG B 375 -10.49 -4.81 -50.20
CA ARG B 375 -9.55 -3.74 -50.59
C ARG B 375 -9.51 -2.64 -49.53
N LYS C 7 20.54 37.22 -22.92
CA LYS C 7 20.64 37.81 -21.55
C LYS C 7 20.55 36.72 -20.46
N PRO C 8 21.71 36.21 -19.98
CA PRO C 8 21.68 34.94 -19.24
C PRO C 8 21.12 35.07 -17.82
N HIS C 9 20.52 33.98 -17.36
CA HIS C 9 19.78 33.97 -16.09
C HIS C 9 20.66 33.56 -14.91
N MET C 10 20.36 34.10 -13.73
CA MET C 10 20.95 33.64 -12.47
C MET C 10 19.95 33.70 -11.31
N ASN C 11 20.25 32.94 -10.26
CA ASN C 11 19.40 32.83 -9.07
C ASN C 11 20.09 33.42 -7.84
N LEU C 12 19.55 34.53 -7.35
CA LEU C 12 20.05 35.20 -6.14
C LEU C 12 19.24 34.78 -4.93
N VAL C 13 19.89 34.19 -3.93
CA VAL C 13 19.28 34.05 -2.62
C VAL C 13 19.73 35.21 -1.72
N VAL C 14 18.81 35.74 -0.92
CA VAL C 14 19.13 36.78 0.07
C VAL C 14 19.12 36.18 1.47
N ILE C 15 20.19 36.40 2.23
CA ILE C 15 20.40 35.73 3.52
C ILE C 15 20.84 36.74 4.60
N GLY C 16 20.81 36.30 5.85
CA GLY C 16 21.26 37.11 6.99
C GLY C 16 20.45 36.86 8.25
N HIS C 17 20.81 37.56 9.32
CA HIS C 17 20.19 37.38 10.64
C HIS C 17 18.77 37.96 10.62
N VAL C 18 17.98 37.56 11.61
CA VAL C 18 16.62 38.11 11.78
C VAL C 18 16.61 39.65 11.86
N ASP C 19 15.79 40.25 10.98
CA ASP C 19 15.56 41.69 10.91
C ASP C 19 16.78 42.56 10.48
N HIS C 20 17.75 41.95 9.83
CA HIS C 20 18.89 42.69 9.27
C HIS C 20 18.56 43.46 7.98
N GLY C 21 17.38 43.22 7.42
CA GLY C 21 16.82 44.04 6.34
C GLY C 21 17.01 43.46 4.94
N LYS C 22 16.66 42.19 4.79
CA LYS C 22 16.68 41.50 3.50
C LYS C 22 15.47 41.88 2.67
N SER C 23 14.29 41.81 3.29
CA SER C 23 13.04 42.05 2.58
C SER C 23 12.87 43.53 2.23
N THR C 24 13.30 44.44 3.11
CA THR C 24 13.34 45.87 2.75
C THR C 24 14.37 46.13 1.65
N LEU C 25 15.50 45.41 1.68
CA LEU C 25 16.51 45.51 0.62
C LEU C 25 15.94 45.10 -0.74
N VAL C 26 15.34 43.92 -0.79
CA VAL C 26 14.76 43.40 -2.04
C VAL C 26 13.58 44.28 -2.44
N GLY C 27 12.75 44.67 -1.47
CA GLY C 27 11.61 45.54 -1.73
C GLY C 27 11.97 46.85 -2.40
N HIS C 28 12.95 47.55 -1.83
CA HIS C 28 13.39 48.86 -2.32
C HIS C 28 14.17 48.73 -3.63
N LEU C 29 15.11 47.79 -3.68
CA LEU C 29 15.89 47.54 -4.91
C LEU C 29 14.98 47.35 -6.11
N LEU C 30 13.92 46.56 -5.94
CA LEU C 30 12.94 46.36 -6.99
C LEU C 30 12.13 47.63 -7.28
N TYR C 31 11.77 48.37 -6.22
CA TYR C 31 11.09 49.67 -6.41
C TYR C 31 11.95 50.67 -7.18
N ARG C 32 13.24 50.76 -6.85
CA ARG C 32 14.18 51.65 -7.55
C ARG C 32 14.40 51.24 -9.01
N LEU C 33 14.49 49.95 -9.30
CA LEU C 33 14.58 49.44 -10.68
C LEU C 33 13.27 49.63 -11.47
N GLY C 34 12.16 49.87 -10.75
CA GLY C 34 10.87 50.23 -11.35
C GLY C 34 9.92 49.05 -11.55
N TYR C 35 9.96 48.10 -10.62
CA TYR C 35 9.15 46.87 -10.70
C TYR C 35 7.92 46.88 -9.79
N ILE C 36 7.82 47.83 -8.86
CA ILE C 36 6.63 48.03 -8.03
C ILE C 36 6.01 49.41 -8.31
N GLU C 37 4.69 49.43 -8.42
CA GLU C 37 3.96 50.66 -8.74
C GLU C 37 3.92 51.58 -7.53
N GLU C 38 3.80 52.88 -7.79
CA GLU C 38 3.64 53.88 -6.72
C GLU C 38 2.34 53.68 -5.91
N LYS C 39 1.26 53.32 -6.61
CA LYS C 39 -0.05 53.13 -5.97
C LYS C 39 -0.11 51.92 -5.03
N LYS C 40 0.60 50.84 -5.38
CA LYS C 40 0.68 49.64 -4.54
C LYS C 40 1.54 49.88 -3.29
N LEU C 41 2.69 50.55 -3.48
CA LEU C 41 3.59 50.89 -2.37
C LEU C 41 2.95 51.85 -1.36
N LYS C 42 2.17 52.81 -1.86
CA LYS C 42 1.40 53.72 -1.00
C LYS C 42 0.31 53.00 -0.21
N GLU C 43 -0.30 51.96 -0.80
CA GLU C 43 -1.27 51.13 -0.08
C GLU C 43 -0.61 50.32 1.03
N LEU C 44 0.56 49.74 0.74
CA LEU C 44 1.34 49.00 1.73
C LEU C 44 1.88 49.89 2.86
N GLU C 45 2.14 51.17 2.56
CA GLU C 45 2.57 52.14 3.58
C GLU C 45 1.48 52.37 4.62
N GLU C 46 0.26 52.63 4.15
CA GLU C 46 -0.90 52.81 5.03
C GLU C 46 -1.35 51.50 5.67
N GLN C 47 -1.25 50.39 4.92
CA GLN C 47 -1.55 49.05 5.44
C GLN C 47 -0.64 48.68 6.61
N ALA C 48 0.67 48.88 6.43
CA ALA C 48 1.64 48.70 7.50
C ALA C 48 1.32 49.59 8.69
N LYS C 49 1.09 50.89 8.41
CA LYS C 49 0.67 51.87 9.43
C LYS C 49 -0.63 51.51 10.16
N SER C 50 -1.58 50.89 9.45
CA SER C 50 -2.85 50.46 10.05
C SER C 50 -2.62 49.47 11.20
N ARG C 51 -1.76 48.49 10.97
CA ARG C 51 -1.31 47.57 12.03
C ARG C 51 -0.13 48.18 12.78
N GLY C 52 0.35 47.48 13.81
CA GLY C 52 1.49 47.94 14.61
C GLY C 52 2.78 48.28 13.87
N LYS C 53 2.92 47.78 12.63
CA LYS C 53 4.15 47.95 11.85
C LYS C 53 4.17 49.36 11.25
N GLU C 54 5.22 49.67 10.48
CA GLU C 54 5.33 50.98 9.81
C GLU C 54 6.47 51.03 8.80
N SER C 55 7.66 50.66 9.25
CA SER C 55 8.84 50.59 8.39
C SER C 55 9.03 49.23 7.68
N PHE C 56 7.96 48.42 7.59
CA PHE C 56 7.99 47.14 6.90
C PHE C 56 7.37 47.22 5.49
N LYS C 57 7.13 48.43 4.99
CA LYS C 57 6.38 48.60 3.74
C LYS C 57 7.11 47.99 2.53
N PHE C 58 8.42 48.16 2.47
CA PHE C 58 9.23 47.53 1.43
C PHE C 58 9.25 46.02 1.62
N ALA C 59 9.45 45.59 2.87
CA ALA C 59 9.44 44.16 3.21
C ALA C 59 8.13 43.47 2.83
N TRP C 60 7.02 44.18 3.00
CA TRP C 60 5.68 43.64 2.75
C TRP C 60 5.31 43.39 1.28
N ILE C 61 6.17 43.77 0.33
CA ILE C 61 5.99 43.32 -1.06
C ILE C 61 6.36 41.82 -1.18
N LEU C 62 7.25 41.34 -0.30
CA LEU C 62 7.62 39.92 -0.21
C LEU C 62 6.76 39.18 0.82
N ASP C 63 6.75 39.70 2.05
CA ASP C 63 6.07 39.04 3.18
C ASP C 63 4.57 39.14 3.01
N LYS C 64 3.92 38.00 2.76
CA LYS C 64 2.49 37.94 2.45
C LYS C 64 1.61 37.19 3.45
N MET C 65 2.18 36.24 4.21
CA MET C 65 1.39 35.38 5.11
C MET C 65 0.80 36.19 6.26
N LYS C 66 -0.28 35.69 6.86
CA LYS C 66 -0.87 36.33 8.04
C LYS C 66 0.15 36.46 9.18
N GLU C 67 0.87 35.37 9.44
CA GLU C 67 1.92 35.36 10.48
C GLU C 67 3.12 36.28 10.14
N GLU C 68 3.51 36.32 8.87
CA GLU C 68 4.62 37.17 8.43
C GLU C 68 4.34 38.67 8.64
N ARG C 69 3.09 39.07 8.45
CA ARG C 69 2.68 40.48 8.63
C ARG C 69 2.58 40.81 10.14
N GLU C 70 1.99 39.91 10.92
CA GLU C 70 1.85 40.10 12.37
C GLU C 70 3.20 40.10 13.09
N ARG C 71 4.00 39.06 12.84
CA ARG C 71 5.32 38.91 13.48
C ARG C 71 6.37 39.87 12.89
N GLY C 72 6.18 40.28 11.63
CA GLY C 72 7.17 41.09 10.91
C GLY C 72 8.37 40.25 10.56
N ILE C 73 8.10 39.00 10.21
CA ILE C 73 9.13 37.98 10.02
C ILE C 73 8.84 37.28 8.69
N THR C 74 9.85 37.10 7.85
CA THR C 74 9.74 36.22 6.69
C THR C 74 9.80 34.78 7.19
N ILE C 75 8.92 33.94 6.65
CA ILE C 75 8.75 32.54 7.06
C ILE C 75 9.11 31.63 5.89
N ASP C 76 8.36 31.72 4.79
CA ASP C 76 8.65 30.96 3.59
C ASP C 76 9.28 31.85 2.52
N LEU C 77 9.97 31.22 1.56
CA LEU C 77 10.66 31.93 0.48
C LEU C 77 9.71 32.75 -0.38
N THR C 78 10.27 33.75 -1.07
CA THR C 78 9.50 34.58 -2.00
C THR C 78 10.32 34.87 -3.24
N PHE C 79 9.74 34.60 -4.41
CA PHE C 79 10.44 34.70 -5.69
C PHE C 79 9.95 35.94 -6.46
N MET C 80 10.90 36.70 -6.99
CA MET C 80 10.62 37.94 -7.70
C MET C 80 11.55 38.02 -8.90
N LYS C 81 11.04 38.62 -9.97
CA LYS C 81 11.73 38.74 -11.24
C LYS C 81 12.25 40.16 -11.38
N PHE C 82 13.52 40.30 -11.72
CA PHE C 82 14.09 41.60 -12.14
C PHE C 82 15.31 41.41 -13.01
N GLU C 83 15.77 42.49 -13.63
CA GLU C 83 16.95 42.42 -14.48
C GLU C 83 17.77 43.72 -14.52
N THR C 84 19.07 43.54 -14.79
CA THR C 84 20.03 44.62 -14.93
C THR C 84 20.48 44.66 -16.39
N LYS C 85 21.47 45.49 -16.70
CA LYS C 85 22.06 45.52 -18.04
C LYS C 85 22.60 44.16 -18.49
N LYS C 86 23.44 43.54 -17.65
CA LYS C 86 24.16 42.31 -18.02
C LYS C 86 23.31 41.04 -17.87
N TYR C 87 22.56 40.94 -16.77
CA TYR C 87 21.87 39.71 -16.36
C TYR C 87 20.40 39.92 -16.01
N VAL C 88 19.68 38.80 -15.91
CA VAL C 88 18.28 38.74 -15.43
C VAL C 88 18.22 37.75 -14.26
N PHE C 89 17.47 38.11 -13.22
CA PHE C 89 17.52 37.38 -11.95
C PHE C 89 16.16 36.86 -11.45
N THR C 90 16.19 35.67 -10.85
CA THR C 90 15.19 35.23 -9.90
C THR C 90 15.80 35.51 -8.53
N ILE C 91 15.25 36.49 -7.81
CA ILE C 91 15.72 36.78 -6.46
C ILE C 91 14.83 36.05 -5.46
N ILE C 92 15.47 35.39 -4.50
CA ILE C 92 14.82 34.49 -3.55
C ILE C 92 15.01 35.08 -2.15
N ASP C 93 13.95 35.66 -1.61
CA ASP C 93 13.98 36.29 -0.30
C ASP C 93 13.81 35.24 0.79
N ALA C 94 14.89 34.91 1.48
CA ALA C 94 14.93 33.83 2.47
C ALA C 94 14.70 34.35 3.89
N PRO C 95 14.22 33.47 4.82
CA PRO C 95 13.94 33.88 6.18
C PRO C 95 15.16 33.88 7.10
N GLY C 96 15.29 34.91 7.91
CA GLY C 96 16.43 35.07 8.82
C GLY C 96 16.25 34.44 10.20
N HIS C 97 15.01 34.20 10.62
CA HIS C 97 14.72 33.58 11.92
C HIS C 97 15.36 32.20 11.97
N ARG C 98 15.83 31.79 13.15
CA ARG C 98 16.37 30.44 13.34
C ARG C 98 15.34 29.28 13.23
N ASP C 99 14.04 29.57 13.31
CA ASP C 99 13.02 28.53 13.33
C ASP C 99 12.61 28.10 11.93
N PHE C 100 13.09 28.82 10.92
CA PHE C 100 12.77 28.53 9.52
C PHE C 100 14.01 28.51 8.65
N VAL C 101 15.16 28.09 9.20
CA VAL C 101 16.37 28.03 8.37
C VAL C 101 16.23 26.92 7.32
N LYS C 102 15.41 25.91 7.59
CA LYS C 102 15.14 24.88 6.59
C LYS C 102 14.55 25.45 5.30
N ASN C 103 13.75 26.51 5.41
CA ASN C 103 13.21 27.21 4.24
C ASN C 103 14.28 28.03 3.52
N MET C 104 15.18 28.65 4.28
CA MET C 104 16.36 29.29 3.69
C MET C 104 17.21 28.27 2.93
N ILE C 105 17.51 27.15 3.58
CA ILE C 105 18.38 26.11 3.00
C ILE C 105 17.91 25.65 1.61
N THR C 106 16.59 25.53 1.41
CA THR C 106 16.07 25.16 0.08
C THR C 106 16.27 26.31 -0.91
N GLY C 107 16.13 27.54 -0.45
CA GLY C 107 16.48 28.73 -1.23
C GLY C 107 17.95 28.75 -1.63
N ALA C 108 18.83 28.38 -0.71
CA ALA C 108 20.28 28.31 -0.99
C ALA C 108 20.60 27.28 -2.07
N SER C 109 19.95 26.11 -2.01
CA SER C 109 20.17 25.04 -2.99
C SER C 109 19.85 25.45 -4.43
N GLN C 110 18.94 26.41 -4.61
CA GLN C 110 18.63 26.99 -5.93
C GLN C 110 19.55 28.14 -6.38
N ALA C 111 20.32 28.70 -5.45
CA ALA C 111 21.08 29.92 -5.72
C ALA C 111 22.38 29.65 -6.48
N ASP C 112 22.69 30.55 -7.42
CA ASP C 112 24.00 30.61 -8.07
C ASP C 112 24.92 31.59 -7.35
N ALA C 113 24.35 32.62 -6.76
CA ALA C 113 25.07 33.53 -5.88
C ALA C 113 24.22 33.94 -4.69
N ALA C 114 24.88 34.42 -3.64
CA ALA C 114 24.20 34.91 -2.44
C ALA C 114 24.36 36.41 -2.29
N ILE C 115 23.38 37.04 -1.64
CA ILE C 115 23.54 38.38 -1.08
C ILE C 115 23.42 38.24 0.43
N LEU C 116 24.53 38.42 1.13
CA LEU C 116 24.54 38.42 2.59
C LEU C 116 24.22 39.82 3.08
N VAL C 117 23.23 39.93 3.97
CA VAL C 117 22.84 41.20 4.55
C VAL C 117 23.27 41.20 6.02
N VAL C 118 24.33 41.94 6.33
CA VAL C 118 24.65 42.25 7.73
C VAL C 118 24.11 43.63 8.09
N SER C 119 23.61 43.76 9.32
CA SER C 119 23.15 45.02 9.84
C SER C 119 24.37 45.60 10.55
N ALA C 120 24.70 46.85 10.22
CA ALA C 120 25.83 47.55 10.83
C ALA C 120 25.49 48.21 12.17
N ARG C 121 24.27 48.01 12.68
CA ARG C 121 23.84 48.57 13.97
C ARG C 121 24.52 47.91 15.19
N LYS C 122 24.57 48.65 16.29
CA LYS C 122 25.25 48.21 17.52
C LYS C 122 24.55 47.01 18.14
N GLY C 123 25.27 45.89 18.27
CA GLY C 123 24.72 44.67 18.86
C GLY C 123 24.03 43.74 17.88
N GLU C 124 23.32 44.31 16.90
CA GLU C 124 22.71 43.54 15.82
C GLU C 124 23.75 42.76 15.03
N PHE C 125 24.82 43.45 14.63
CA PHE C 125 25.94 42.80 13.93
C PHE C 125 26.53 41.66 14.74
N GLU C 126 26.77 41.94 16.03
CA GLU C 126 27.32 40.96 16.97
C GLU C 126 26.37 39.78 17.20
N ALA C 127 25.07 40.07 17.23
CA ALA C 127 24.03 39.03 17.40
C ALA C 127 24.09 37.99 16.29
N GLY C 128 24.04 38.47 15.05
CA GLY C 128 24.16 37.62 13.87
C GLY C 128 25.46 36.85 13.74
N MET C 129 26.55 37.42 14.25
CA MET C 129 27.87 36.76 14.21
C MET C 129 28.20 35.93 15.45
N SER C 130 27.32 35.89 16.44
CA SER C 130 27.53 35.08 17.64
C SER C 130 27.55 33.59 17.32
N THR C 131 27.92 32.76 18.30
CA THR C 131 28.05 31.32 18.08
C THR C 131 26.75 30.72 17.53
N GLU C 132 25.61 31.12 18.14
CA GLU C 132 24.28 30.70 17.70
C GLU C 132 23.63 31.77 16.81
N GLY C 133 24.41 32.36 15.91
CA GLY C 133 23.97 33.44 15.03
C GLY C 133 23.77 32.99 13.60
N GLN C 134 22.95 33.74 12.86
CA GLN C 134 22.51 33.41 11.51
C GLN C 134 23.23 34.16 10.38
N THR C 135 23.98 35.21 10.69
CA THR C 135 24.99 35.71 9.76
C THR C 135 26.07 34.62 9.60
N ARG C 136 26.42 33.99 10.72
CA ARG C 136 27.35 32.86 10.74
C ARG C 136 26.74 31.63 10.09
N GLU C 137 25.53 31.26 10.52
CA GLU C 137 24.87 30.01 10.09
C GLU C 137 24.52 30.01 8.59
N HIS C 138 23.94 31.11 8.10
CA HIS C 138 23.57 31.18 6.68
C HIS C 138 24.79 31.18 5.77
N LEU C 139 25.88 31.82 6.22
CA LEU C 139 27.17 31.78 5.50
C LEU C 139 27.72 30.36 5.39
N LEU C 140 27.68 29.65 6.51
CA LEU C 140 28.12 28.25 6.56
C LEU C 140 27.24 27.49 5.60
N LEU C 141 25.92 27.53 5.85
CA LEU C 141 24.94 26.80 5.05
C LEU C 141 25.00 27.11 3.55
N ALA C 142 25.28 28.38 3.21
CA ALA C 142 25.48 28.78 1.83
C ALA C 142 26.67 28.05 1.21
N ARG C 143 27.79 28.03 1.92
CA ARG C 143 29.01 27.37 1.44
C ARG C 143 28.77 25.89 1.18
N THR C 144 28.11 25.22 2.12
CA THR C 144 27.93 23.76 2.06
C THR C 144 26.99 23.39 0.92
N MET C 145 25.98 24.22 0.66
CA MET C 145 24.96 23.90 -0.33
C MET C 145 25.36 24.21 -1.79
N GLY C 146 26.46 24.94 -2.01
CA GLY C 146 27.00 25.16 -3.35
C GLY C 146 27.51 26.54 -3.66
N ILE C 147 26.96 27.56 -2.99
CA ILE C 147 27.21 28.95 -3.37
C ILE C 147 28.67 29.34 -3.14
N GLU C 148 29.36 29.71 -4.23
CA GLU C 148 30.74 30.23 -4.15
C GLU C 148 30.88 31.72 -4.51
N GLN C 149 29.90 32.28 -5.22
CA GLN C 149 29.79 33.73 -5.39
C GLN C 149 28.89 34.31 -4.30
N ILE C 150 29.42 35.20 -3.47
CA ILE C 150 28.57 36.01 -2.59
C ILE C 150 28.84 37.51 -2.79
N ILE C 151 27.91 38.31 -2.26
CA ILE C 151 28.00 39.76 -2.23
C ILE C 151 27.45 40.16 -0.87
N VAL C 152 28.24 40.83 -0.04
CA VAL C 152 27.74 41.25 1.28
C VAL C 152 27.33 42.73 1.22
N ALA C 153 26.09 43.00 1.61
CA ALA C 153 25.51 44.34 1.67
C ALA C 153 25.43 44.76 3.14
N VAL C 154 26.40 45.55 3.57
CA VAL C 154 26.47 46.02 4.96
C VAL C 154 25.37 47.08 5.15
N ASN C 155 24.24 46.62 5.66
CA ASN C 155 22.99 47.36 5.66
C ASN C 155 22.81 48.25 6.90
N LYS C 156 21.94 49.25 6.77
CA LYS C 156 21.53 50.17 7.84
C LYS C 156 22.61 51.21 8.21
N MET C 157 23.19 51.84 7.19
CA MET C 157 24.15 52.92 7.42
C MET C 157 23.46 54.24 7.73
N ASP C 158 22.15 54.32 7.48
CA ASP C 158 21.36 55.50 7.84
C ASP C 158 20.91 55.56 9.31
N ALA C 159 21.04 54.46 10.04
CA ALA C 159 20.56 54.37 11.43
C ALA C 159 21.25 55.39 12.35
N PRO C 160 20.53 55.92 13.37
CA PRO C 160 21.10 56.81 14.41
C PRO C 160 22.44 56.38 14.99
N ASP C 161 22.58 55.09 15.28
CA ASP C 161 23.81 54.52 15.85
C ASP C 161 24.92 54.18 14.83
N VAL C 162 24.69 54.46 13.55
CA VAL C 162 25.73 54.29 12.50
C VAL C 162 26.09 55.63 11.83
N ASN C 163 25.07 56.32 11.31
CA ASN C 163 25.21 57.57 10.53
C ASN C 163 26.40 57.57 9.56
N TYR C 164 26.40 56.56 8.69
CA TYR C 164 27.31 56.43 7.55
C TYR C 164 28.80 56.36 7.93
N ASP C 165 29.10 55.83 9.12
CA ASP C 165 30.47 55.73 9.62
C ASP C 165 31.27 54.70 8.81
N GLN C 166 32.47 55.09 8.39
CA GLN C 166 33.40 54.16 7.75
C GLN C 166 33.98 53.15 8.74
N LYS C 167 34.25 53.60 9.98
CA LYS C 167 35.00 52.79 10.96
C LYS C 167 34.19 51.62 11.57
N ARG C 168 32.86 51.67 11.47
CA ARG C 168 32.01 50.51 11.76
C ARG C 168 32.11 49.53 10.58
N TYR C 169 31.95 50.06 9.36
CA TYR C 169 32.19 49.30 8.12
C TYR C 169 33.61 48.68 8.06
N GLU C 170 34.61 49.34 8.64
CA GLU C 170 35.96 48.75 8.78
C GLU C 170 35.91 47.50 9.65
N PHE C 171 35.22 47.61 10.79
CA PHE C 171 35.12 46.54 11.78
C PHE C 171 34.35 45.34 11.24
N VAL C 172 33.19 45.58 10.63
CA VAL C 172 32.34 44.49 10.13
C VAL C 172 32.99 43.68 9.01
N VAL C 173 33.70 44.36 8.10
CA VAL C 173 34.38 43.68 7.01
C VAL C 173 35.47 42.76 7.57
N SER C 174 36.23 43.25 8.55
CA SER C 174 37.32 42.49 9.18
C SER C 174 36.86 41.16 9.79
N VAL C 175 35.76 41.22 10.55
CA VAL C 175 35.23 40.05 11.25
C VAL C 175 34.65 39.04 10.24
N LEU C 176 33.99 39.55 9.23
CA LEU C 176 33.43 38.72 8.22
C LEU C 176 34.55 38.04 7.49
N LYS C 177 35.45 38.84 6.96
CA LYS C 177 36.55 38.31 6.15
C LYS C 177 37.35 37.23 6.90
N LYS C 178 37.52 37.40 8.20
CA LYS C 178 38.20 36.40 9.04
C LYS C 178 37.44 35.07 9.08
N PHE C 179 36.11 35.14 9.17
CA PHE C 179 35.25 33.97 9.19
C PHE C 179 35.17 33.31 7.81
N MET C 180 34.87 34.11 6.79
CA MET C 180 34.69 33.61 5.42
C MET C 180 35.96 33.02 4.79
N LYS C 181 37.13 33.50 5.20
CA LYS C 181 38.41 32.92 4.79
C LYS C 181 38.50 31.47 5.30
N GLY C 182 38.09 31.23 6.54
CA GLY C 182 38.03 29.89 7.12
C GLY C 182 37.04 28.95 6.44
N LEU C 183 35.92 29.51 5.98
CA LEU C 183 34.94 28.77 5.17
C LEU C 183 35.43 28.42 3.76
N GLY C 184 36.47 29.12 3.30
CA GLY C 184 37.09 28.82 2.00
C GLY C 184 36.61 29.71 0.88
N TYR C 185 35.90 30.80 1.22
CA TYR C 185 35.58 31.84 0.23
C TYR C 185 36.86 32.60 -0.09
N GLN C 186 37.10 32.83 -1.39
CA GLN C 186 38.16 33.73 -1.83
C GLN C 186 37.72 35.15 -1.48
N VAL C 187 38.27 35.62 -0.37
CA VAL C 187 37.77 36.81 0.33
C VAL C 187 38.18 38.14 -0.35
N ASP C 188 39.26 38.11 -1.13
CA ASP C 188 39.70 39.27 -1.93
C ASP C 188 38.81 39.57 -3.15
N LYS C 189 38.07 38.57 -3.65
CA LYS C 189 37.31 38.69 -4.90
C LYS C 189 35.80 38.76 -4.65
N ILE C 190 35.40 39.53 -3.64
CA ILE C 190 34.01 39.56 -3.19
C ILE C 190 33.64 40.92 -2.56
N PRO C 191 32.63 41.61 -3.12
CA PRO C 191 32.32 43.00 -2.72
C PRO C 191 31.62 43.17 -1.37
N PHE C 192 32.00 44.21 -0.64
CA PHE C 192 31.36 44.60 0.61
C PHE C 192 30.79 46.00 0.45
N ILE C 193 29.47 46.08 0.31
CA ILE C 193 28.79 47.30 -0.10
C ILE C 193 28.06 47.92 1.10
N PRO C 194 28.52 49.11 1.56
CA PRO C 194 27.80 49.82 2.61
C PRO C 194 26.55 50.49 2.05
N VAL C 195 25.38 49.94 2.40
CA VAL C 195 24.08 50.40 1.86
C VAL C 195 23.09 50.74 2.96
N SER C 196 21.98 51.36 2.57
CA SER C 196 20.82 51.49 3.45
C SER C 196 19.61 51.02 2.68
N ALA C 197 19.04 49.89 3.11
CA ALA C 197 17.86 49.32 2.47
C ALA C 197 16.63 50.22 2.61
N TRP C 198 16.55 50.96 3.73
CA TRP C 198 15.40 51.82 4.02
C TRP C 198 15.49 53.15 3.27
N LYS C 199 16.66 53.80 3.33
CA LYS C 199 16.88 55.09 2.65
C LYS C 199 17.33 54.97 1.19
N GLY C 200 17.79 53.78 0.78
CA GLY C 200 18.08 53.47 -0.62
C GLY C 200 19.49 53.75 -1.10
N ASP C 201 20.41 53.90 -0.17
CA ASP C 201 21.79 54.22 -0.52
C ASP C 201 22.56 53.08 -1.15
N ASN C 202 23.34 53.42 -2.16
CA ASN C 202 24.17 52.43 -2.87
C ASN C 202 23.44 51.21 -3.47
N LEU C 203 22.13 51.35 -3.70
CA LEU C 203 21.35 50.29 -4.37
C LEU C 203 21.59 50.37 -5.88
N ILE C 204 21.12 51.46 -6.51
CA ILE C 204 21.41 51.72 -7.93
C ILE C 204 22.33 52.94 -8.12
N GLU C 205 22.03 54.06 -7.46
CA GLU C 205 22.84 55.29 -7.54
C GLU C 205 23.88 55.38 -6.43
N ARG C 206 25.01 56.02 -6.72
CA ARG C 206 26.03 56.34 -5.71
C ARG C 206 25.43 57.21 -4.59
N SER C 207 25.79 56.91 -3.34
CA SER C 207 25.29 57.62 -2.18
C SER C 207 26.18 58.85 -1.90
N PRO C 208 25.58 60.06 -1.84
CA PRO C 208 26.33 61.24 -1.40
C PRO C 208 26.83 61.15 0.06
N ASN C 209 26.09 60.40 0.90
CA ASN C 209 26.38 60.30 2.33
C ASN C 209 27.62 59.47 2.68
N MET C 210 28.11 58.67 1.74
CA MET C 210 29.32 57.84 1.93
C MET C 210 30.33 58.05 0.79
N PRO C 211 30.93 59.26 0.71
CA PRO C 211 31.92 59.54 -0.33
C PRO C 211 33.24 58.80 -0.12
N TRP C 212 33.54 58.44 1.12
CA TRP C 212 34.66 57.55 1.48
C TRP C 212 34.66 56.14 0.85
N TYR C 213 33.57 55.73 0.18
CA TYR C 213 33.39 54.34 -0.23
C TYR C 213 34.43 53.79 -1.23
N ASN C 214 34.27 54.05 -2.53
CA ASN C 214 35.05 53.41 -3.61
C ASN C 214 34.89 51.88 -3.67
N GLY C 215 34.20 51.43 -4.71
CA GLY C 215 33.66 50.07 -4.80
C GLY C 215 32.32 50.16 -5.53
N PRO C 216 31.77 49.01 -5.96
CA PRO C 216 30.57 49.06 -6.79
C PRO C 216 29.29 49.31 -5.99
N THR C 217 28.29 49.87 -6.65
CA THR C 217 26.93 49.90 -6.10
C THR C 217 26.35 48.47 -6.17
N LEU C 218 25.19 48.25 -5.54
CA LEU C 218 24.59 46.91 -5.52
C LEU C 218 24.33 46.38 -6.92
N VAL C 219 23.69 47.19 -7.77
CA VAL C 219 23.46 46.83 -9.18
C VAL C 219 24.77 46.55 -9.93
N GLU C 220 25.81 47.34 -9.66
CA GLU C 220 27.12 47.12 -10.30
C GLU C 220 27.74 45.79 -9.89
N ALA C 221 27.65 45.43 -8.61
CA ALA C 221 28.19 44.17 -8.11
C ALA C 221 27.45 42.95 -8.66
N LEU C 222 26.13 43.10 -8.84
CA LEU C 222 25.32 42.08 -9.50
C LEU C 222 25.80 41.81 -10.92
N ASP C 223 25.94 42.87 -11.71
CA ASP C 223 26.48 42.76 -13.08
C ASP C 223 27.93 42.21 -13.11
N GLN C 224 28.68 42.40 -12.03
CA GLN C 224 30.02 41.83 -11.86
C GLN C 224 30.06 40.35 -11.42
N LEU C 225 28.90 39.70 -11.33
CA LEU C 225 28.85 38.24 -11.19
C LEU C 225 29.18 37.58 -12.52
N GLN C 226 29.35 36.26 -12.48
CA GLN C 226 29.63 35.45 -13.67
C GLN C 226 28.68 34.24 -13.67
N PRO C 227 28.03 33.94 -14.82
CA PRO C 227 27.11 32.81 -14.80
C PRO C 227 27.91 31.52 -14.78
N PRO C 228 27.47 30.55 -13.97
CA PRO C 228 28.24 29.31 -13.86
C PRO C 228 28.11 28.47 -15.11
N ALA C 229 28.92 27.42 -15.17
CA ALA C 229 28.77 26.41 -16.20
C ALA C 229 27.40 25.76 -16.04
N LYS C 230 26.86 25.29 -17.15
CA LYS C 230 25.58 24.63 -17.15
C LYS C 230 25.82 23.16 -17.39
N PRO C 231 25.74 22.36 -16.34
CA PRO C 231 25.99 20.92 -16.52
C PRO C 231 24.89 20.21 -17.33
N VAL C 232 24.87 20.47 -18.64
CA VAL C 232 24.01 19.76 -19.59
C VAL C 232 24.80 18.50 -19.96
N ASP C 233 24.09 17.45 -20.39
CA ASP C 233 24.69 16.10 -20.57
C ASP C 233 25.08 15.47 -19.22
N LYS C 234 24.29 15.78 -18.19
CA LYS C 234 24.16 14.99 -16.99
C LYS C 234 22.66 14.78 -16.82
N PRO C 235 22.25 13.66 -16.20
CA PRO C 235 20.82 13.33 -16.10
C PRO C 235 19.94 14.46 -15.57
N LEU C 236 18.71 14.53 -16.06
CA LEU C 236 17.79 15.60 -15.68
C LEU C 236 17.54 15.54 -14.17
N ARG C 237 17.77 16.66 -13.47
CA ARG C 237 17.41 16.78 -12.05
C ARG C 237 16.76 18.14 -11.76
N ILE C 238 15.50 18.10 -11.32
CA ILE C 238 14.75 19.29 -10.90
C ILE C 238 14.22 19.03 -9.50
N PRO C 239 14.98 19.43 -8.47
CA PRO C 239 14.40 19.41 -7.13
C PRO C 239 13.17 20.33 -7.08
N VAL C 240 12.04 19.81 -6.63
CA VAL C 240 10.79 20.61 -6.61
C VAL C 240 10.72 21.44 -5.33
N GLN C 241 10.30 22.70 -5.46
CA GLN C 241 10.19 23.66 -4.34
C GLN C 241 8.74 23.77 -3.87
N ASN C 242 7.83 23.91 -4.82
CA ASN C 242 6.41 23.92 -4.53
C ASN C 242 5.67 23.13 -5.59
N VAL C 243 4.40 22.87 -5.30
CA VAL C 243 3.49 22.23 -6.23
C VAL C 243 2.19 23.00 -6.11
N TYR C 244 1.95 23.90 -7.05
CA TYR C 244 0.70 24.67 -7.10
C TYR C 244 -0.30 23.96 -8.02
N SER C 245 -1.58 24.23 -7.80
CA SER C 245 -2.65 23.79 -8.70
C SER C 245 -3.27 25.03 -9.30
N ILE C 246 -2.83 25.36 -10.49
CA ILE C 246 -3.30 26.52 -11.22
C ILE C 246 -4.36 26.03 -12.19
N PRO C 247 -5.57 26.64 -12.17
CA PRO C 247 -6.53 26.32 -13.22
C PRO C 247 -6.08 27.02 -14.51
N GLY C 248 -6.12 26.28 -15.61
CA GLY C 248 -5.51 26.70 -16.87
C GLY C 248 -4.28 25.87 -17.20
N ALA C 249 -3.55 25.44 -16.17
CA ALA C 249 -2.36 24.60 -16.36
C ALA C 249 -2.60 23.15 -15.99
N GLY C 250 -3.24 22.93 -14.84
CA GLY C 250 -3.30 21.62 -14.18
C GLY C 250 -2.40 21.70 -12.96
N THR C 251 -1.79 20.57 -12.57
CA THR C 251 -0.88 20.58 -11.42
C THR C 251 0.50 20.90 -11.96
N VAL C 252 1.09 21.95 -11.41
CA VAL C 252 2.34 22.53 -11.91
C VAL C 252 3.33 22.61 -10.74
N PRO C 253 4.29 21.66 -10.70
CA PRO C 253 5.44 21.79 -9.81
C PRO C 253 6.36 22.92 -10.22
N VAL C 254 7.14 23.40 -9.27
CA VAL C 254 8.11 24.48 -9.51
C VAL C 254 9.48 24.04 -9.00
N GLY C 255 10.53 24.42 -9.71
CA GLY C 255 11.87 24.16 -9.21
C GLY C 255 13.00 24.66 -10.10
N ARG C 256 14.19 24.75 -9.53
CA ARG C 256 15.39 24.98 -10.34
C ARG C 256 15.79 23.69 -11.05
N VAL C 257 16.07 23.79 -12.35
CA VAL C 257 16.68 22.71 -13.10
C VAL C 257 18.14 22.72 -12.71
N GLU C 258 18.61 21.65 -12.07
CA GLU C 258 19.98 21.56 -11.58
C GLU C 258 20.93 21.02 -12.65
N THR C 259 20.50 19.97 -13.34
CA THR C 259 21.28 19.33 -14.40
C THR C 259 20.37 18.90 -15.55
N GLY C 260 20.95 18.75 -16.73
CA GLY C 260 20.22 18.30 -17.92
C GLY C 260 19.33 19.36 -18.53
N VAL C 261 18.49 18.93 -19.48
CA VAL C 261 17.54 19.82 -20.20
C VAL C 261 16.15 19.19 -20.21
N LEU C 262 15.14 20.00 -19.87
CA LEU C 262 13.73 19.59 -19.93
C LEU C 262 13.09 20.23 -21.15
N ARG C 263 12.61 19.42 -22.07
CA ARG C 263 11.79 19.89 -23.19
C ARG C 263 10.31 19.66 -22.90
N VAL C 264 9.46 20.42 -23.58
CA VAL C 264 8.02 20.19 -23.56
C VAL C 264 7.75 18.85 -24.24
N GLY C 265 6.77 18.11 -23.72
CA GLY C 265 6.45 16.78 -24.22
C GLY C 265 7.46 15.72 -23.82
N ASP C 266 8.31 16.01 -22.84
CA ASP C 266 9.18 14.99 -22.24
C ASP C 266 8.35 14.26 -21.19
N LYS C 267 8.49 12.94 -21.14
CA LYS C 267 7.96 12.16 -20.04
C LYS C 267 8.97 12.15 -18.89
N VAL C 268 8.46 12.49 -17.73
CA VAL C 268 9.25 12.68 -16.55
C VAL C 268 8.72 11.92 -15.36
N VAL C 269 9.62 11.53 -14.48
CA VAL C 269 9.28 10.75 -13.28
C VAL C 269 9.68 11.54 -12.04
N PHE C 270 8.73 11.68 -11.10
CA PHE C 270 9.00 12.32 -9.80
C PHE C 270 9.35 11.27 -8.78
N MET C 271 10.48 11.45 -8.14
CA MET C 271 11.01 10.53 -7.17
C MET C 271 11.18 11.20 -5.84
N PRO C 272 11.00 10.47 -4.74
CA PRO C 272 10.72 9.04 -4.67
C PRO C 272 9.25 8.54 -4.78
N PRO C 273 8.27 9.41 -5.14
CA PRO C 273 6.93 8.82 -5.36
C PRO C 273 6.84 7.76 -6.45
N GLY C 274 7.65 7.89 -7.51
CA GLY C 274 7.59 7.02 -8.69
C GLY C 274 6.53 7.39 -9.72
N VAL C 275 5.86 8.54 -9.56
CA VAL C 275 4.81 8.95 -10.49
C VAL C 275 5.41 9.59 -11.74
N VAL C 276 4.77 9.32 -12.88
CA VAL C 276 5.23 9.77 -14.19
C VAL C 276 4.18 10.71 -14.79
N GLY C 277 4.65 11.74 -15.48
CA GLY C 277 3.77 12.56 -16.30
C GLY C 277 4.49 13.27 -17.42
N GLU C 278 3.75 13.60 -18.48
CA GLU C 278 4.30 14.36 -19.61
C GLU C 278 4.25 15.84 -19.28
N VAL C 279 5.31 16.56 -19.63
CA VAL C 279 5.38 18.01 -19.46
C VAL C 279 4.58 18.69 -20.59
N ARG C 280 3.55 19.44 -20.23
CA ARG C 280 2.65 20.07 -21.21
C ARG C 280 3.19 21.43 -21.61
N SER C 281 3.59 22.22 -20.61
CA SER C 281 4.15 23.56 -20.82
C SER C 281 5.21 23.85 -19.77
N ILE C 282 6.16 24.71 -20.12
CA ILE C 282 7.18 25.23 -19.18
C ILE C 282 7.03 26.74 -19.11
N GLU C 283 7.06 27.28 -17.89
CA GLU C 283 6.90 28.72 -17.65
C GLU C 283 8.00 29.23 -16.71
N MET C 284 8.67 30.31 -17.13
CA MET C 284 9.61 31.05 -16.29
C MET C 284 9.25 32.52 -16.37
N HIS C 285 8.91 33.11 -15.22
CA HIS C 285 8.58 34.54 -15.11
C HIS C 285 7.49 35.00 -16.08
N TYR C 286 6.41 34.20 -16.15
CA TYR C 286 5.28 34.43 -17.07
C TYR C 286 5.66 34.35 -18.57
N GLN C 287 6.80 33.73 -18.88
CA GLN C 287 7.28 33.62 -20.26
C GLN C 287 7.22 32.16 -20.67
N GLN C 288 6.69 31.90 -21.86
CA GLN C 288 6.50 30.55 -22.37
C GLN C 288 7.82 29.99 -22.89
N LEU C 289 8.18 28.78 -22.46
CA LEU C 289 9.40 28.12 -22.90
C LEU C 289 9.09 26.80 -23.57
N GLN C 290 9.94 26.42 -24.52
CA GLN C 290 9.92 25.10 -25.14
C GLN C 290 10.95 24.19 -24.50
N GLN C 291 12.01 24.77 -23.95
CA GLN C 291 12.93 24.01 -23.10
C GLN C 291 13.53 24.85 -21.99
N ALA C 292 14.06 24.17 -20.98
CA ALA C 292 14.69 24.79 -19.81
C ALA C 292 15.99 24.06 -19.51
N GLU C 293 17.07 24.84 -19.45
CA GLU C 293 18.44 24.34 -19.21
C GLU C 293 18.79 24.59 -17.74
N PRO C 294 19.99 24.16 -17.28
CA PRO C 294 20.36 24.39 -15.88
C PRO C 294 20.46 25.87 -15.54
N GLY C 295 19.89 26.26 -14.40
CA GLY C 295 19.76 27.66 -14.02
C GLY C 295 18.30 28.06 -14.01
N ASP C 296 17.58 27.71 -15.09
CA ASP C 296 16.18 28.10 -15.26
C ASP C 296 15.35 27.65 -14.07
N ASN C 297 14.64 28.59 -13.44
CA ASN C 297 13.73 28.31 -12.34
C ASN C 297 12.31 28.37 -12.89
N ILE C 298 11.71 27.19 -13.05
CA ILE C 298 10.57 27.00 -13.91
C ILE C 298 9.37 26.42 -13.18
N GLY C 299 8.18 26.84 -13.60
CA GLY C 299 6.93 26.15 -13.25
C GLY C 299 6.57 25.30 -14.45
N PHE C 300 6.44 23.98 -14.27
CA PHE C 300 6.22 23.07 -15.38
C PHE C 300 5.02 22.16 -15.13
N ALA C 301 3.98 22.34 -15.95
CA ALA C 301 2.73 21.61 -15.83
C ALA C 301 2.91 20.18 -16.31
N VAL C 302 2.41 19.22 -15.53
CA VAL C 302 2.62 17.80 -15.81
C VAL C 302 1.27 17.07 -15.96
N ARG C 303 1.06 16.44 -17.11
CA ARG C 303 -0.19 15.70 -17.37
C ARG C 303 -0.23 14.41 -16.57
N GLY C 304 -1.37 14.14 -15.94
CA GLY C 304 -1.59 12.90 -15.22
C GLY C 304 -0.79 12.73 -13.93
N VAL C 305 -0.63 13.84 -13.20
CA VAL C 305 -0.05 13.83 -11.85
C VAL C 305 -0.89 14.76 -10.98
N SER C 306 -1.45 14.23 -9.89
CA SER C 306 -2.26 15.06 -8.99
C SER C 306 -1.34 15.86 -8.09
N LYS C 307 -1.91 16.91 -7.51
CA LYS C 307 -1.19 17.78 -6.56
C LYS C 307 -0.62 16.98 -5.38
N SER C 308 -1.40 16.03 -4.87
CA SER C 308 -1.01 15.24 -3.70
C SER C 308 -0.06 14.05 -3.98
N ASP C 309 0.29 13.81 -5.24
CA ASP C 309 1.33 12.81 -5.58
C ASP C 309 2.75 13.28 -5.27
N ILE C 310 2.99 14.58 -5.35
CA ILE C 310 4.33 15.14 -5.31
C ILE C 310 4.40 16.38 -4.43
N LYS C 311 5.59 16.65 -3.88
CA LYS C 311 5.79 17.81 -3.01
C LYS C 311 7.26 18.16 -2.87
N ARG C 312 7.51 19.34 -2.29
CA ARG C 312 8.85 19.81 -1.92
C ARG C 312 9.71 18.69 -1.35
N GLY C 313 10.92 18.57 -1.88
CA GLY C 313 11.81 17.47 -1.53
C GLY C 313 11.94 16.48 -2.66
N ASP C 314 10.87 16.27 -3.43
CA ASP C 314 10.88 15.29 -4.53
C ASP C 314 11.68 15.82 -5.70
N VAL C 315 12.27 14.90 -6.46
CA VAL C 315 13.14 15.24 -7.58
C VAL C 315 12.53 14.69 -8.87
N ALA C 316 12.53 15.51 -9.92
CA ALA C 316 12.06 15.12 -11.25
C ALA C 316 13.25 14.81 -12.16
N GLY C 317 13.25 13.62 -12.77
CA GLY C 317 14.21 13.26 -13.81
C GLY C 317 13.57 12.53 -14.97
N HIS C 318 14.38 12.20 -15.98
CA HIS C 318 13.93 11.37 -17.09
C HIS C 318 13.86 9.90 -16.68
N LEU C 319 13.08 9.11 -17.41
CA LEU C 319 12.90 7.69 -17.10
C LEU C 319 14.13 6.83 -17.37
N ASP C 320 15.04 7.28 -18.23
CA ASP C 320 16.16 6.44 -18.72
C ASP C 320 17.10 6.09 -17.58
N LYS C 321 17.46 7.12 -16.81
CA LYS C 321 18.22 6.98 -15.58
C LYS C 321 17.62 7.97 -14.55
N PRO C 322 16.54 7.53 -13.86
CA PRO C 322 15.81 8.44 -12.98
C PRO C 322 16.56 8.71 -11.67
N PRO C 323 16.12 9.72 -10.89
CA PRO C 323 16.80 10.06 -9.64
C PRO C 323 16.91 8.87 -8.70
N THR C 324 18.07 8.71 -8.06
CA THR C 324 18.29 7.62 -7.13
C THR C 324 17.54 7.90 -5.83
N VAL C 325 16.77 6.91 -5.39
CA VAL C 325 16.18 6.93 -4.06
C VAL C 325 17.13 6.15 -3.18
N ALA C 326 17.66 6.79 -2.14
CA ALA C 326 18.55 6.12 -1.20
C ALA C 326 17.75 5.28 -0.20
N GLU C 327 17.91 3.96 -0.28
CA GLU C 327 17.48 3.06 0.80
C GLU C 327 18.42 3.30 1.97
N GLU C 328 19.71 3.33 1.64
CA GLU C 328 20.76 3.79 2.53
C GLU C 328 21.75 4.58 1.69
N PHE C 329 22.57 5.39 2.35
CA PHE C 329 23.66 6.06 1.65
C PHE C 329 24.85 6.29 2.57
N GLU C 330 26.04 6.31 1.96
CA GLU C 330 27.29 6.57 2.64
C GLU C 330 27.70 8.01 2.37
N ALA C 331 28.48 8.58 3.28
CA ALA C 331 28.88 9.98 3.17
C ALA C 331 30.08 10.30 4.06
N ARG C 332 30.91 11.21 3.57
CA ARG C 332 31.95 11.83 4.39
C ARG C 332 31.31 13.04 5.04
N ILE C 333 31.39 13.11 6.37
CA ILE C 333 30.83 14.23 7.12
C ILE C 333 31.91 14.91 7.95
N PHE C 334 31.60 16.11 8.41
CA PHE C 334 32.43 16.84 9.36
C PHE C 334 31.52 17.50 10.38
N VAL C 335 31.77 17.25 11.67
CA VAL C 335 30.85 17.69 12.73
C VAL C 335 31.22 19.11 13.20
N ILE C 336 30.24 20.02 13.14
CA ILE C 336 30.39 21.40 13.57
C ILE C 336 30.08 21.53 15.06
N TRP C 337 28.88 21.08 15.43
CA TRP C 337 28.39 21.19 16.81
C TRP C 337 27.59 19.96 17.21
N HIS C 338 27.84 19.47 18.42
CA HIS C 338 26.95 18.51 19.08
C HIS C 338 27.24 18.59 20.57
N PRO C 339 26.18 18.64 21.41
CA PRO C 339 26.40 18.86 22.85
C PRO C 339 27.18 17.74 23.53
N SER C 340 26.87 16.49 23.18
CA SER C 340 27.47 15.31 23.81
C SER C 340 28.35 14.54 22.80
N ALA C 341 27.84 13.44 22.24
CA ALA C 341 28.58 12.60 21.29
C ALA C 341 27.64 11.93 20.30
N ILE C 342 28.12 11.78 19.06
CA ILE C 342 27.34 11.21 17.98
C ILE C 342 27.63 9.70 17.92
N THR C 343 26.56 8.91 17.83
CA THR C 343 26.63 7.46 17.93
C THR C 343 25.75 6.80 16.85
N VAL C 344 25.93 5.49 16.69
CA VAL C 344 25.03 4.70 15.84
C VAL C 344 23.64 4.79 16.47
N GLY C 345 22.65 5.15 15.67
CA GLY C 345 21.29 5.45 16.15
C GLY C 345 20.93 6.94 16.10
N TYR C 346 21.93 7.82 16.09
CA TYR C 346 21.69 9.26 15.96
C TYR C 346 20.95 9.52 14.67
N THR C 347 19.88 10.31 14.76
CA THR C 347 18.96 10.53 13.64
C THR C 347 18.73 12.03 13.43
N PRO C 348 19.73 12.71 12.84
CA PRO C 348 19.57 14.13 12.54
C PRO C 348 18.71 14.30 11.30
N VAL C 349 18.38 15.54 10.97
CA VAL C 349 17.60 15.84 9.77
C VAL C 349 18.57 16.28 8.68
N ILE C 350 18.52 15.55 7.56
CA ILE C 350 19.42 15.75 6.42
C ILE C 350 18.77 16.71 5.43
N HIS C 351 19.48 17.79 5.08
CA HIS C 351 18.97 18.81 4.17
C HIS C 351 19.77 18.78 2.87
N VAL C 352 19.24 18.09 1.86
CA VAL C 352 19.85 18.00 0.52
C VAL C 352 18.88 18.57 -0.47
N HIS C 353 19.39 19.28 -1.48
CA HIS C 353 18.56 20.04 -2.42
C HIS C 353 17.34 20.62 -1.69
N THR C 354 16.12 20.41 -2.18
CA THR C 354 14.90 20.87 -1.50
C THR C 354 14.40 19.96 -0.36
N ALA C 355 15.05 18.81 -0.15
CA ALA C 355 14.59 17.83 0.83
C ALA C 355 15.10 18.13 2.24
N SER C 356 14.23 17.91 3.23
CA SER C 356 14.59 17.91 4.66
C SER C 356 13.99 16.63 5.27
N VAL C 357 14.81 15.58 5.30
CA VAL C 357 14.38 14.22 5.67
C VAL C 357 15.35 13.66 6.72
N SER C 358 14.80 13.13 7.81
CA SER C 358 15.63 12.51 8.86
C SER C 358 16.27 11.20 8.39
N SER C 359 17.46 10.90 8.93
CA SER C 359 18.23 9.72 8.51
C SER C 359 19.05 9.18 9.67
N ARG C 360 18.82 7.92 10.01
CA ARG C 360 19.49 7.30 11.15
C ARG C 360 20.88 6.84 10.76
N ILE C 361 21.87 7.15 11.60
CA ILE C 361 23.20 6.60 11.42
C ILE C 361 23.12 5.12 11.79
N ILE C 362 23.45 4.25 10.84
CA ILE C 362 23.43 2.79 11.04
C ILE C 362 24.82 2.18 11.22
N GLU C 363 25.85 2.89 10.73
CA GLU C 363 27.26 2.53 10.98
C GLU C 363 28.13 3.78 10.90
N ILE C 364 29.19 3.83 11.70
CA ILE C 364 30.23 4.85 11.60
C ILE C 364 31.52 4.12 11.20
N LYS C 365 31.83 4.11 9.90
CA LYS C 365 32.86 3.23 9.36
C LYS C 365 34.28 3.62 9.76
N ALA C 366 34.55 4.92 9.87
CA ALA C 366 35.86 5.40 10.30
C ALA C 366 35.83 6.86 10.73
N LYS C 367 36.78 7.23 11.59
CA LYS C 367 37.14 8.64 11.78
C LYS C 367 38.17 9.01 10.72
N LEU C 368 38.14 10.25 10.26
CA LEU C 368 39.08 10.78 9.27
C LEU C 368 39.88 11.94 9.83
N ASP C 369 41.12 12.07 9.37
CA ASP C 369 41.90 13.26 9.65
C ASP C 369 41.14 14.40 8.98
N PRO C 370 40.60 15.36 9.78
CA PRO C 370 39.78 16.40 9.15
C PRO C 370 40.50 17.27 8.11
N LYS C 371 41.83 17.36 8.18
CA LYS C 371 42.62 18.18 7.25
C LYS C 371 42.97 17.46 5.93
N THR C 372 43.64 16.30 6.00
CA THR C 372 44.04 15.54 4.79
C THR C 372 43.11 14.38 4.41
N GLY C 373 42.19 13.99 5.30
CA GLY C 373 41.14 13.02 4.95
C GLY C 373 41.48 11.54 5.01
N GLN C 374 42.63 11.19 5.60
CA GLN C 374 43.02 9.78 5.75
C GLN C 374 42.24 9.10 6.86
N VAL C 375 42.09 7.78 6.76
CA VAL C 375 41.40 6.99 7.76
C VAL C 375 42.33 6.81 8.97
N VAL C 376 41.85 7.21 10.15
CA VAL C 376 42.64 7.20 11.38
C VAL C 376 42.23 6.00 12.25
N GLU C 377 40.96 5.99 12.65
CA GLU C 377 40.37 4.92 13.45
C GLU C 377 39.30 4.21 12.61
N GLN C 378 39.15 2.91 12.80
CA GLN C 378 38.12 2.12 12.13
C GLN C 378 37.04 1.73 13.14
N ASN C 379 35.78 1.95 12.78
CA ASN C 379 34.63 1.82 13.70
C ASN C 379 34.82 2.49 15.08
N PRO C 380 34.88 3.83 15.11
CA PRO C 380 34.90 4.56 16.38
C PRO C 380 33.52 4.57 17.03
N GLN C 381 33.48 4.38 18.35
CA GLN C 381 32.21 4.22 19.08
C GLN C 381 31.40 5.52 19.07
N PHE C 382 32.08 6.65 18.91
CA PHE C 382 31.41 7.93 18.80
C PHE C 382 32.25 8.95 18.03
N LEU C 383 31.58 10.02 17.64
CA LEU C 383 32.21 11.19 17.05
C LEU C 383 31.81 12.39 17.90
N LYS C 384 32.76 13.25 18.23
CA LYS C 384 32.52 14.51 18.94
C LYS C 384 32.75 15.67 17.99
N ALA C 385 32.19 16.83 18.31
CA ALA C 385 32.32 18.01 17.44
C ALA C 385 33.78 18.30 17.13
N GLY C 386 34.07 18.52 15.84
CA GLY C 386 35.43 18.67 15.33
C GLY C 386 35.92 17.48 14.51
N ASP C 387 35.29 16.32 14.67
CA ASP C 387 35.68 15.10 13.95
C ASP C 387 35.12 15.06 12.53
N ALA C 388 35.82 14.32 11.65
CA ALA C 388 35.34 13.98 10.32
C ALA C 388 35.24 12.47 10.23
N ALA C 389 34.31 11.97 9.41
CA ALA C 389 33.98 10.53 9.42
C ALA C 389 33.31 10.02 8.15
N ILE C 390 33.52 8.72 7.88
CA ILE C 390 32.75 7.98 6.91
C ILE C 390 31.60 7.38 7.72
N VAL C 391 30.37 7.76 7.40
CA VAL C 391 29.19 7.17 8.07
C VAL C 391 28.16 6.78 7.04
N ARG C 392 27.42 5.72 7.33
CA ARG C 392 26.29 5.30 6.50
C ARG C 392 24.99 5.79 7.15
N PHE C 393 24.11 6.34 6.33
CA PHE C 393 22.79 6.79 6.76
C PHE C 393 21.71 5.86 6.22
N LYS C 394 20.56 5.86 6.87
CA LYS C 394 19.37 5.16 6.40
C LYS C 394 18.16 6.08 6.59
N PRO C 395 17.76 6.79 5.53
CA PRO C 395 16.62 7.69 5.61
C PRO C 395 15.40 7.08 6.28
N VAL C 396 14.79 7.83 7.20
CA VAL C 396 13.59 7.41 7.92
C VAL C 396 12.39 7.35 6.98
N LYS C 397 12.38 8.23 5.98
CA LYS C 397 11.39 8.22 4.89
C LYS C 397 12.14 8.12 3.56
N PRO C 398 11.42 7.91 2.44
CA PRO C 398 12.10 7.90 1.14
C PRO C 398 12.83 9.20 0.81
N LEU C 399 14.12 9.11 0.47
CA LEU C 399 14.95 10.28 0.19
C LEU C 399 15.73 10.12 -1.10
N VAL C 400 15.67 11.14 -1.96
CA VAL C 400 16.51 11.21 -3.14
C VAL C 400 17.84 11.87 -2.77
N VAL C 401 18.93 11.17 -3.07
CA VAL C 401 20.27 11.75 -3.05
C VAL C 401 21.10 11.11 -4.16
N GLU C 402 22.19 11.78 -4.51
CA GLU C 402 23.06 11.37 -5.60
C GLU C 402 24.50 11.50 -5.10
N LYS C 403 25.40 10.66 -5.63
CA LYS C 403 26.84 10.80 -5.35
C LYS C 403 27.35 12.21 -5.69
N PHE C 404 28.20 12.76 -4.83
CA PHE C 404 28.79 14.09 -5.02
C PHE C 404 29.65 14.15 -6.29
N SER C 405 30.45 13.09 -6.51
CA SER C 405 31.29 12.96 -7.71
C SER C 405 30.51 12.86 -9.03
N GLU C 406 29.25 12.44 -8.96
CA GLU C 406 28.39 12.36 -10.15
C GLU C 406 27.53 13.62 -10.32
N ILE C 407 26.71 13.95 -9.33
CA ILE C 407 25.82 15.13 -9.38
C ILE C 407 25.93 15.93 -8.08
N PRO C 408 27.00 16.76 -7.94
CA PRO C 408 27.35 17.38 -6.65
C PRO C 408 26.23 18.20 -6.00
N GLN C 409 25.41 18.83 -6.84
CA GLN C 409 24.28 19.64 -6.35
C GLN C 409 23.20 18.82 -5.60
N LEU C 410 23.04 17.54 -5.91
CA LEU C 410 22.19 16.64 -5.11
C LEU C 410 22.98 15.73 -4.16
N GLY C 411 24.26 16.03 -3.95
CA GLY C 411 25.15 15.21 -3.16
C GLY C 411 25.86 15.90 -1.99
N ARG C 412 25.36 17.06 -1.60
CA ARG C 412 25.97 17.86 -0.54
C ARG C 412 24.88 18.27 0.44
N PHE C 413 25.15 18.18 1.74
CA PHE C 413 24.07 18.33 2.73
C PHE C 413 24.48 18.85 4.10
N ALA C 414 23.50 19.47 4.77
CA ALA C 414 23.62 19.89 6.16
C ALA C 414 22.95 18.86 7.08
N MET C 415 23.61 18.59 8.20
CA MET C 415 23.04 17.81 9.29
C MET C 415 22.51 18.79 10.31
N ARG C 416 21.25 18.64 10.73
CA ARG C 416 20.67 19.52 11.74
C ARG C 416 19.90 18.73 12.78
N ASP C 417 19.88 19.28 13.99
CA ASP C 417 19.16 18.71 15.10
C ASP C 417 19.02 19.77 16.19
N MET C 418 17.89 19.74 16.89
CA MET C 418 17.63 20.68 17.99
C MET C 418 17.81 22.14 17.57
N ASN C 419 17.32 22.50 16.39
CA ASN C 419 17.38 23.88 15.90
C ASN C 419 18.81 24.43 15.74
N ARG C 420 19.76 23.54 15.44
CA ARG C 420 21.18 23.89 15.27
C ARG C 420 21.77 23.13 14.10
N THR C 421 22.69 23.76 13.37
CA THR C 421 23.44 23.07 12.33
C THR C 421 24.55 22.23 12.99
N VAL C 422 24.38 20.92 12.92
CA VAL C 422 25.26 19.95 13.58
C VAL C 422 26.47 19.58 12.73
N GLY C 423 26.32 19.60 11.42
CA GLY C 423 27.41 19.19 10.53
C GLY C 423 27.17 19.42 9.06
N ILE C 424 28.13 18.98 8.26
CA ILE C 424 28.05 19.05 6.82
C ILE C 424 28.61 17.77 6.26
N GLY C 425 28.27 17.49 5.02
CA GLY C 425 28.71 16.26 4.39
C GLY C 425 28.44 16.17 2.91
N ILE C 426 29.05 15.18 2.27
CA ILE C 426 28.88 14.90 0.86
C ILE C 426 28.64 13.41 0.77
N VAL C 427 27.77 13.00 -0.13
CA VAL C 427 27.46 11.57 -0.27
C VAL C 427 28.44 10.89 -1.20
N THR C 428 28.97 9.77 -0.74
CA THR C 428 30.01 9.03 -1.45
C THR C 428 29.54 7.69 -1.99
N ASP C 429 28.41 7.18 -1.53
CA ASP C 429 27.81 5.98 -2.12
C ASP C 429 26.33 5.98 -1.82
N VAL C 430 25.53 5.35 -2.68
CA VAL C 430 24.09 5.25 -2.51
C VAL C 430 23.64 3.83 -2.80
N LYS C 431 22.93 3.21 -1.85
CA LYS C 431 22.30 1.91 -2.06
C LYS C 431 20.89 2.20 -2.57
N PRO C 432 20.66 2.04 -3.89
CA PRO C 432 19.38 2.46 -4.45
C PRO C 432 18.20 1.60 -4.00
N ALA C 433 17.06 2.23 -3.79
CA ALA C 433 15.81 1.54 -3.45
C ALA C 433 15.22 0.92 -4.72
N LYS C 434 14.30 -0.03 -4.52
CA LYS C 434 13.70 -0.75 -5.64
C LYS C 434 12.83 0.18 -6.47
N VAL C 435 13.08 0.22 -7.78
CA VAL C 435 12.26 1.01 -8.73
C VAL C 435 10.78 0.59 -8.65
N ASP C 436 9.89 1.58 -8.68
CA ASP C 436 8.47 1.34 -8.39
C ASP C 436 7.58 2.26 -9.25
N ILE C 437 7.67 2.07 -10.56
CA ILE C 437 7.04 2.98 -11.54
C ILE C 437 5.55 2.72 -11.69
N LYS C 438 4.75 3.79 -11.66
CA LYS C 438 3.31 3.72 -11.92
C LYS C 438 3.06 3.73 -13.43
N SER D 19 -5.14 2.74 39.98
CA SER D 19 -4.49 2.18 41.21
C SER D 19 -3.39 1.16 40.87
N HIS D 20 -2.59 0.80 41.87
CA HIS D 20 -1.47 -0.15 41.70
C HIS D 20 -1.93 -1.60 41.57
N MET D 21 -0.99 -2.47 41.21
CA MET D 21 -1.27 -3.89 41.07
C MET D 21 -1.39 -4.57 42.44
N ARG D 22 -2.45 -5.37 42.60
CA ARG D 22 -2.64 -6.15 43.83
C ARG D 22 -1.66 -7.31 43.85
N VAL D 23 -0.53 -7.13 44.53
CA VAL D 23 0.42 -8.22 44.78
C VAL D 23 0.06 -8.93 46.09
N GLU D 24 0.17 -10.25 46.11
CA GLU D 24 -0.12 -11.05 47.31
C GLU D 24 0.59 -12.41 47.26
N VAL D 25 1.73 -12.50 47.94
CA VAL D 25 2.44 -13.76 48.10
C VAL D 25 1.58 -14.78 48.88
N LEU D 26 1.67 -16.05 48.50
CA LEU D 26 0.71 -17.08 48.91
C LEU D 26 1.24 -18.19 49.82
N ASP D 27 2.56 -18.38 49.90
CA ASP D 27 3.16 -19.51 50.64
C ASP D 27 4.33 -19.09 51.57
N ASN D 28 4.79 -20.03 52.40
CA ASN D 28 5.93 -19.77 53.30
C ASN D 28 7.23 -19.54 52.53
N LYS D 29 7.48 -20.38 51.53
CA LYS D 29 8.70 -20.28 50.73
C LYS D 29 8.76 -19.02 49.85
N ARG D 30 7.63 -18.33 49.68
CA ARG D 30 7.52 -17.13 48.86
C ARG D 30 7.78 -17.42 47.37
N ARG D 31 7.37 -18.60 46.93
CA ARG D 31 7.50 -19.05 45.55
C ARG D 31 6.29 -18.67 44.69
N ILE D 32 5.12 -18.50 45.31
CA ILE D 32 3.84 -18.32 44.59
C ILE D 32 3.25 -16.95 44.91
N VAL D 33 2.96 -16.18 43.86
CA VAL D 33 2.37 -14.83 43.99
C VAL D 33 1.13 -14.73 43.11
N ARG D 34 0.09 -14.11 43.67
CA ARG D 34 -1.14 -13.81 42.97
C ARG D 34 -1.20 -12.34 42.67
N LEU D 35 -1.69 -11.98 41.47
CA LEU D 35 -1.79 -10.58 41.08
C LEU D 35 -2.78 -10.31 39.93
N ARG D 36 -3.12 -9.03 39.77
CA ARG D 36 -4.15 -8.58 38.85
C ARG D 36 -3.83 -7.16 38.37
N PRO D 37 -3.35 -7.02 37.11
CA PRO D 37 -2.98 -5.69 36.64
C PRO D 37 -4.21 -4.78 36.47
N GLU D 38 -4.21 -3.64 37.15
CA GLU D 38 -5.33 -2.69 37.12
C GLU D 38 -5.24 -1.74 35.93
N SER D 39 -4.03 -1.56 35.40
CA SER D 39 -3.78 -0.63 34.28
C SER D 39 -2.82 -1.27 33.29
N GLU D 40 -2.54 -0.55 32.19
CA GLU D 40 -1.59 -1.02 31.17
C GLU D 40 -0.13 -0.87 31.64
N GLU D 41 0.13 0.11 32.50
CA GLU D 41 1.43 0.20 33.16
C GLU D 41 1.75 -1.12 33.89
N ASP D 42 0.75 -1.69 34.56
CA ASP D 42 0.91 -2.94 35.28
C ASP D 42 1.17 -4.15 34.35
N LEU D 43 0.61 -4.13 33.14
CA LEU D 43 0.96 -5.13 32.11
C LEU D 43 2.42 -5.00 31.70
N TRP D 44 2.91 -3.77 31.56
CA TRP D 44 4.33 -3.52 31.28
C TRP D 44 5.23 -4.02 32.42
N LEU D 45 4.78 -3.89 33.65
CA LEU D 45 5.57 -4.35 34.78
C LEU D 45 5.80 -5.83 34.65
N LEU D 46 4.78 -6.54 34.20
CA LEU D 46 4.86 -7.98 34.01
C LEU D 46 5.80 -8.37 32.86
N ARG D 47 5.86 -7.59 31.79
CA ARG D 47 6.87 -7.83 30.73
C ARG D 47 8.27 -7.79 31.31
N ILE D 48 8.55 -6.75 32.11
CA ILE D 48 9.88 -6.59 32.72
C ILE D 48 10.12 -7.40 34.01
N THR D 49 9.10 -8.14 34.47
CA THR D 49 9.24 -9.03 35.63
C THR D 49 9.15 -10.53 35.27
N LEU D 50 8.16 -10.92 34.46
CA LEU D 50 7.96 -12.33 34.09
C LEU D 50 9.13 -12.84 33.26
N ARG D 51 9.32 -14.17 33.27
CA ARG D 51 10.55 -14.77 32.73
C ARG D 51 10.33 -16.26 32.39
N PRO D 52 10.95 -16.76 31.29
CA PRO D 52 10.87 -18.20 30.97
C PRO D 52 11.23 -19.13 32.13
N GLY D 53 10.35 -20.08 32.44
CA GLY D 53 10.48 -20.92 33.64
C GLY D 53 9.40 -20.66 34.69
N ASP D 54 8.89 -19.42 34.76
CA ASP D 54 7.77 -19.08 35.64
C ASP D 54 6.53 -19.80 35.17
N VAL D 55 5.70 -20.24 36.12
CA VAL D 55 4.48 -21.01 35.84
C VAL D 55 3.23 -20.21 36.26
N VAL D 56 2.42 -19.78 35.27
CA VAL D 56 1.19 -19.01 35.56
C VAL D 56 -0.03 -19.94 35.60
N ARG D 57 -0.90 -19.68 36.57
CA ARG D 57 -2.20 -20.31 36.69
C ARG D 57 -3.20 -19.26 36.24
N ILE D 58 -3.97 -19.57 35.18
CA ILE D 58 -5.05 -18.70 34.72
C ILE D 58 -6.24 -19.50 34.26
N ARG D 59 -7.36 -18.79 34.11
CA ARG D 59 -8.58 -19.31 33.51
C ARG D 59 -8.65 -18.80 32.07
N THR D 60 -8.35 -19.69 31.11
CA THR D 60 -8.67 -19.49 29.68
C THR D 60 -9.36 -20.73 29.13
N SER D 61 -9.89 -20.61 27.92
CA SER D 61 -10.46 -21.74 27.20
C SER D 61 -9.49 -22.29 26.15
N ARG D 62 -9.81 -23.48 25.67
CA ARG D 62 -9.25 -24.00 24.43
C ARG D 62 -10.21 -25.02 23.80
N ASP D 63 -10.08 -25.25 22.49
CA ASP D 63 -10.91 -26.21 21.78
C ASP D 63 -10.43 -27.63 22.07
N VAL D 64 -11.38 -28.55 22.22
CA VAL D 64 -11.07 -29.91 22.63
C VAL D 64 -12.07 -30.91 22.00
N PRO D 65 -11.61 -32.12 21.65
CA PRO D 65 -12.56 -33.11 21.09
C PRO D 65 -13.69 -33.49 22.03
N VAL D 66 -14.92 -33.49 21.52
CA VAL D 66 -16.08 -33.95 22.28
C VAL D 66 -16.75 -35.14 21.57
N GLY D 67 -16.00 -35.78 20.65
CA GLY D 67 -16.52 -36.92 19.89
C GLY D 67 -17.52 -36.57 18.80
N SER D 68 -17.82 -37.56 17.97
CA SER D 68 -18.81 -37.46 16.87
C SER D 68 -18.40 -36.48 15.76
N GLY D 69 -17.09 -36.31 15.56
CA GLY D 69 -16.55 -35.37 14.58
C GLY D 69 -16.81 -33.89 14.86
N ARG D 70 -17.10 -33.57 16.13
CA ARG D 70 -17.36 -32.20 16.59
C ARG D 70 -16.48 -31.90 17.82
N LYS D 71 -16.24 -30.61 18.08
CA LYS D 71 -15.38 -30.16 19.18
C LYS D 71 -16.01 -28.94 19.89
N GLU D 72 -15.68 -28.76 21.17
CA GLU D 72 -16.26 -27.68 22.00
C GLU D 72 -15.20 -26.77 22.60
N ARG D 73 -15.49 -25.49 22.61
CA ARG D 73 -14.62 -24.54 23.24
C ARG D 73 -14.92 -24.59 24.69
N VAL D 74 -14.24 -25.45 25.39
CA VAL D 74 -14.37 -25.64 26.85
C VAL D 74 -13.45 -24.68 27.61
N VAL D 75 -13.98 -24.06 28.66
CA VAL D 75 -13.23 -23.14 29.52
C VAL D 75 -12.60 -23.92 30.68
N MET D 76 -11.37 -23.57 31.05
CA MET D 76 -10.61 -24.33 32.05
C MET D 76 -9.49 -23.52 32.69
N THR D 77 -9.11 -23.93 33.90
CA THR D 77 -7.99 -23.33 34.64
C THR D 77 -6.75 -24.18 34.43
N LEU D 78 -5.76 -23.63 33.73
CA LEU D 78 -4.51 -24.33 33.43
C LEU D 78 -3.33 -23.79 34.23
N ARG D 79 -2.23 -24.54 34.22
CA ARG D 79 -0.92 -24.06 34.67
C ARG D 79 0.07 -24.22 33.52
N ILE D 80 0.66 -23.11 33.10
CA ILE D 80 1.49 -23.05 31.90
C ILE D 80 2.90 -22.63 32.30
N ARG D 81 3.91 -23.43 31.95
CA ARG D 81 5.30 -23.02 32.08
C ARG D 81 5.69 -22.11 30.91
N LEU D 82 5.72 -20.80 31.18
CA LEU D 82 6.04 -19.77 30.19
C LEU D 82 7.35 -20.03 29.48
N ASP D 83 7.33 -19.96 28.14
CA ASP D 83 8.55 -19.81 27.34
C ASP D 83 8.43 -18.67 26.33
N SER D 84 7.52 -17.72 26.59
CA SER D 84 7.31 -16.58 25.70
C SER D 84 6.50 -15.50 26.42
N ILE D 85 7.06 -14.29 26.49
CA ILE D 85 6.37 -13.14 27.09
C ILE D 85 6.57 -11.99 26.13
N GLU D 86 5.47 -11.47 25.58
CA GLU D 86 5.54 -10.34 24.65
C GLU D 86 4.47 -9.32 24.96
N PHE D 87 4.83 -8.05 24.76
CA PHE D 87 3.97 -6.91 25.04
C PHE D 87 4.07 -5.93 23.88
N GLN D 88 2.95 -5.38 23.46
CA GLN D 88 2.91 -4.28 22.49
C GLN D 88 2.17 -3.13 23.14
N PRO D 89 2.76 -1.91 23.14
CA PRO D 89 2.10 -0.75 23.71
C PRO D 89 0.73 -0.45 23.11
N PHE D 90 -0.18 0.02 23.96
CA PHE D 90 -1.49 0.52 23.56
C PHE D 90 -2.43 -0.54 22.97
N THR D 91 -2.23 -1.81 23.35
CA THR D 91 -3.18 -2.91 23.03
C THR D 91 -3.87 -3.50 24.27
N GLY D 92 -3.44 -3.11 25.47
CA GLY D 92 -4.04 -3.62 26.72
C GLY D 92 -4.01 -5.13 26.91
N LYS D 93 -3.02 -5.80 26.33
CA LYS D 93 -2.91 -7.26 26.39
C LYS D 93 -1.47 -7.74 26.38
N LEU D 94 -1.18 -8.71 27.24
CA LEU D 94 0.15 -9.28 27.43
C LEU D 94 0.11 -10.71 26.85
N ARG D 95 0.77 -10.92 25.72
CA ARG D 95 0.75 -12.22 25.03
C ARG D 95 1.73 -13.19 25.70
N ILE D 96 1.19 -14.28 26.23
CA ILE D 96 1.98 -15.31 26.92
C ILE D 96 1.74 -16.66 26.27
N SER D 97 2.82 -17.40 26.01
CA SER D 97 2.74 -18.78 25.56
C SER D 97 3.68 -19.65 26.39
N GLY D 98 3.41 -20.95 26.37
CA GLY D 98 4.20 -21.92 27.12
C GLY D 98 3.63 -23.31 27.03
N ILE D 99 4.21 -24.23 27.78
CA ILE D 99 3.77 -25.63 27.78
C ILE D 99 2.99 -25.93 29.07
N VAL D 100 1.92 -26.71 28.93
CA VAL D 100 0.98 -26.95 30.00
C VAL D 100 1.58 -27.96 30.97
N VAL D 101 1.84 -27.51 32.19
CA VAL D 101 2.30 -28.39 33.26
C VAL D 101 1.13 -29.07 33.97
N GLU D 102 0.01 -28.35 34.16
CA GLU D 102 -1.19 -28.90 34.80
C GLU D 102 -2.47 -28.50 34.06
N GLY D 103 -3.38 -29.46 33.95
CA GLY D 103 -4.73 -29.23 33.43
C GLY D 103 -5.67 -30.34 33.87
N PRO D 104 -6.93 -30.32 33.40
CA PRO D 104 -7.83 -31.43 33.69
C PRO D 104 -7.42 -32.69 32.91
N ASP D 105 -7.44 -33.84 33.58
CA ASP D 105 -6.93 -35.10 33.03
C ASP D 105 -7.70 -35.59 31.81
N GLU D 106 -9.03 -35.50 31.89
CA GLU D 106 -9.94 -35.90 30.80
C GLU D 106 -9.61 -35.34 29.41
N PHE D 107 -9.17 -34.07 29.35
CA PHE D 107 -8.95 -33.37 28.07
C PHE D 107 -7.63 -33.66 27.34
N GLY D 108 -6.63 -34.19 28.04
CA GLY D 108 -5.34 -34.54 27.44
C GLY D 108 -4.44 -33.35 27.08
N VAL D 109 -4.65 -32.23 27.79
CA VAL D 109 -3.99 -30.96 27.46
C VAL D 109 -2.58 -30.83 28.03
N LYS D 110 -2.23 -31.69 28.99
CA LYS D 110 -0.91 -31.66 29.62
C LYS D 110 0.17 -32.01 28.57
N GLY D 111 1.18 -31.14 28.46
CA GLY D 111 2.27 -31.31 27.49
C GLY D 111 2.15 -30.46 26.24
N ARG D 112 0.93 -30.05 25.89
CA ARG D 112 0.67 -29.24 24.71
C ARG D 112 0.91 -27.77 24.97
N ARG D 113 1.04 -27.00 23.89
CA ARG D 113 1.30 -25.56 23.98
C ARG D 113 0.01 -24.81 24.30
N HIS D 114 0.14 -23.73 25.07
CA HIS D 114 -0.97 -22.81 25.31
C HIS D 114 -0.53 -21.37 25.15
N SER D 115 -0.79 -20.79 23.98
CA SER D 115 -0.64 -19.37 23.74
C SER D 115 -1.95 -18.67 24.13
N THR D 116 -1.87 -17.59 24.89
CA THR D 116 -3.06 -16.80 25.26
C THR D 116 -2.61 -15.39 25.67
N ALA D 117 -3.45 -14.67 26.43
CA ALA D 117 -3.12 -13.29 26.84
C ALA D 117 -3.78 -12.82 28.14
N VAL D 118 -3.02 -12.03 28.90
CA VAL D 118 -3.50 -11.39 30.12
C VAL D 118 -4.03 -10.00 29.74
N SER D 119 -5.27 -9.71 30.12
CA SER D 119 -5.85 -8.39 29.95
C SER D 119 -5.86 -7.64 31.29
N ILE D 120 -6.27 -6.37 31.26
CA ILE D 120 -6.46 -5.58 32.47
C ILE D 120 -7.63 -6.17 33.24
N GLY D 121 -7.42 -6.47 34.51
CA GLY D 121 -8.43 -7.13 35.36
C GLY D 121 -8.28 -8.65 35.47
N THR D 122 -7.59 -9.28 34.51
CA THR D 122 -7.43 -10.73 34.50
C THR D 122 -6.60 -11.20 35.70
N TRP D 123 -7.22 -12.00 36.56
CA TRP D 123 -6.50 -12.61 37.68
C TRP D 123 -5.50 -13.64 37.18
N LEU D 124 -4.30 -13.63 37.76
CA LEU D 124 -3.35 -14.71 37.55
C LEU D 124 -2.47 -14.93 38.78
N VAL D 125 -1.96 -16.16 38.89
CA VAL D 125 -1.14 -16.60 40.00
C VAL D 125 0.07 -17.25 39.37
N VAL D 126 1.24 -16.70 39.63
CA VAL D 126 2.47 -17.14 38.97
C VAL D 126 3.49 -17.58 40.02
N GLU D 127 4.20 -18.67 39.73
CA GLU D 127 5.18 -19.21 40.68
C GLU D 127 6.59 -19.30 40.09
N ARG D 128 7.57 -18.97 40.92
CA ARG D 128 8.99 -19.03 40.56
C ARG D 128 9.64 -20.04 41.49
N ASP D 129 10.34 -21.01 40.92
CA ASP D 129 10.93 -22.09 41.69
C ASP D 129 12.00 -21.59 42.67
N LYS D 130 12.82 -20.65 42.21
CA LYS D 130 13.86 -20.04 43.05
C LYS D 130 13.33 -19.05 44.10
N GLY D 131 12.02 -18.80 44.13
CA GLY D 131 11.43 -17.86 45.08
C GLY D 131 11.44 -16.43 44.55
N TRP D 132 10.44 -15.65 44.92
CA TRP D 132 10.35 -14.24 44.54
C TRP D 132 11.12 -13.41 45.56
N SER D 133 12.07 -12.59 45.10
CA SER D 133 12.82 -11.70 45.99
C SER D 133 11.97 -10.53 46.40
N GLU D 134 12.33 -9.90 47.53
CA GLU D 134 11.60 -8.75 48.03
C GLU D 134 11.77 -7.52 47.14
N GLN D 135 12.85 -7.47 46.34
CA GLN D 135 13.02 -6.46 45.28
C GLN D 135 12.02 -6.61 44.14
N GLU D 136 11.88 -7.84 43.66
CA GLU D 136 10.98 -8.16 42.54
C GLU D 136 9.51 -7.83 42.87
N LEU D 137 9.11 -8.04 44.13
CA LEU D 137 7.79 -7.62 44.62
C LEU D 137 7.62 -6.09 44.66
N GLU D 138 8.67 -5.35 45.03
CA GLU D 138 8.66 -3.87 44.96
C GLU D 138 8.28 -3.48 43.54
N ARG D 139 9.05 -3.97 42.58
CA ARG D 139 8.92 -3.62 41.15
C ARG D 139 7.50 -3.85 40.65
N LEU D 140 6.96 -5.01 41.01
CA LEU D 140 5.62 -5.45 40.59
C LEU D 140 4.51 -4.54 41.14
N ALA D 141 4.61 -4.20 42.41
CA ALA D 141 3.62 -3.33 43.07
C ALA D 141 3.85 -1.84 42.81
N SER D 142 5.06 -1.47 42.37
CA SER D 142 5.41 -0.07 42.10
C SER D 142 4.86 0.39 40.76
N GLY D 143 3.58 0.72 40.76
CA GLY D 143 2.92 1.29 39.59
C GLY D 143 1.81 2.19 40.06
N ARG D 144 1.94 3.49 39.85
CA ARG D 144 0.89 4.45 40.19
C ARG D 144 -0.13 4.66 39.05
N ALA D 145 -0.24 3.68 38.15
CA ALA D 145 -1.15 3.72 37.00
C ALA D 145 -1.02 5.01 36.18
N ARG D 146 0.23 5.43 35.96
CA ARG D 146 0.52 6.66 35.24
C ARG D 146 -0.04 6.56 33.83
N GLY D 147 -0.70 7.62 33.39
CA GLY D 147 -1.48 7.62 32.16
C GLY D 147 -0.62 7.76 30.93
N THR D 148 -1.17 8.44 29.93
CA THR D 148 -0.51 8.58 28.64
C THR D 148 -0.70 10.01 28.12
N ALA D 149 0.38 10.60 27.60
CA ALA D 149 0.36 11.95 27.03
C ALA D 149 0.19 11.88 25.52
N VAL D 150 -0.33 12.95 24.92
CA VAL D 150 -0.26 13.11 23.46
C VAL D 150 0.71 14.25 23.16
N ILE D 151 1.57 14.01 22.17
CA ILE D 151 2.56 15.00 21.74
C ILE D 151 2.33 15.18 20.25
N ALA D 152 2.28 16.45 19.82
CA ALA D 152 2.01 16.80 18.44
C ALA D 152 2.94 17.93 18.00
N ALA D 153 3.31 17.93 16.71
CA ALA D 153 4.18 18.94 16.15
C ALA D 153 3.59 19.51 14.86
N VAL D 154 3.66 20.82 14.72
CA VAL D 154 3.13 21.45 13.55
C VAL D 154 3.78 22.71 13.05
N ASP D 155 4.22 22.63 11.81
CA ASP D 155 4.65 23.78 11.02
C ASP D 155 3.75 23.87 9.77
N TYR D 156 4.10 24.79 8.85
CA TYR D 156 3.31 25.00 7.62
C TYR D 156 3.42 23.87 6.57
N ASP D 157 4.41 22.99 6.72
CA ASP D 157 4.60 21.85 5.81
C ASP D 157 4.09 20.49 6.34
N GLU D 158 4.20 20.25 7.64
CA GLU D 158 3.91 18.92 8.23
C GLU D 158 3.14 18.99 9.55
N PHE D 159 2.36 17.94 9.82
CA PHE D 159 1.71 17.71 11.12
C PHE D 159 1.91 16.25 11.51
N ALA D 160 2.23 16.03 12.77
CA ALA D 160 2.21 14.68 13.34
C ALA D 160 1.68 14.71 14.75
N LEU D 161 1.07 13.59 15.16
CA LEU D 161 0.53 13.40 16.49
C LEU D 161 1.01 12.04 16.96
N ALA D 162 1.41 11.97 18.22
CA ALA D 162 1.86 10.71 18.81
C ALA D 162 1.27 10.58 20.22
N VAL D 163 0.95 9.35 20.58
CA VAL D 163 0.58 8.99 21.95
C VAL D 163 1.84 8.46 22.64
N LEU D 164 1.95 8.69 23.94
CA LEU D 164 3.20 8.52 24.68
C LEU D 164 2.92 8.06 26.11
N ALA D 165 3.32 6.82 26.42
CA ALA D 165 3.26 6.27 27.78
C ALA D 165 4.68 6.03 28.28
N GLY D 166 4.80 5.79 29.59
CA GLY D 166 6.10 5.46 30.21
C GLY D 166 6.79 4.24 29.61
N HIS D 167 6.00 3.35 29.02
CA HIS D 167 6.49 2.11 28.38
C HIS D 167 6.56 2.11 26.84
N GLY D 168 6.11 3.18 26.19
CA GLY D 168 6.14 3.23 24.72
C GLY D 168 5.60 4.49 24.06
N MET D 169 5.91 4.61 22.78
CA MET D 169 5.50 5.72 21.94
C MET D 169 4.94 5.15 20.64
N LYS D 170 3.84 5.74 20.16
CA LYS D 170 3.23 5.29 18.90
C LYS D 170 2.81 6.50 18.08
N ILE D 171 3.24 6.55 16.82
CA ILE D 171 2.89 7.64 15.91
C ILE D 171 1.50 7.31 15.40
N LEU D 172 0.60 8.29 15.47
CA LEU D 172 -0.82 8.10 15.13
C LEU D 172 -1.24 8.86 13.88
N GLU D 173 -0.74 10.08 13.71
CA GLU D 173 -0.93 10.84 12.49
C GLU D 173 0.43 11.30 11.95
N ASP D 174 0.52 11.45 10.62
CA ASP D 174 1.74 11.90 9.96
C ASP D 174 1.40 12.38 8.54
N THR D 175 0.93 13.63 8.44
CA THR D 175 0.41 14.20 7.19
C THR D 175 1.23 15.42 6.77
N SER D 176 1.31 15.64 5.46
CA SER D 176 1.81 16.90 4.90
C SER D 176 0.61 17.80 4.60
N ALA D 177 0.74 19.08 4.90
CA ALA D 177 -0.35 20.04 4.72
C ALA D 177 -0.69 20.25 3.25
N ARG D 178 0.36 20.32 2.40
CA ARG D 178 0.23 20.58 0.97
C ARG D 178 -0.63 21.82 0.73
N LEU D 179 -0.26 22.91 1.41
CA LEU D 179 -1.00 24.16 1.36
C LEU D 179 -0.89 24.83 -0.02
N PRO D 180 -1.86 25.68 -0.36
CA PRO D 180 -1.70 26.57 -1.52
C PRO D 180 -0.59 27.59 -1.29
N GLY D 181 -0.16 28.26 -2.36
CA GLY D 181 0.88 29.27 -2.26
C GLY D 181 0.42 30.50 -1.50
N LYS D 182 1.39 31.32 -1.07
CA LYS D 182 1.12 32.57 -0.36
C LYS D 182 0.22 33.46 -1.23
N ASP D 183 0.66 33.67 -2.47
CA ASP D 183 -0.12 34.26 -3.57
C ASP D 183 -1.59 33.78 -3.70
N ASP D 184 -1.79 32.46 -3.59
CA ASP D 184 -3.05 31.77 -3.90
C ASP D 184 -4.28 32.35 -3.18
N PRO D 185 -5.44 32.46 -3.86
CA PRO D 185 -6.72 32.78 -3.23
C PRO D 185 -7.11 31.80 -2.11
N SER D 186 -7.58 32.34 -0.99
CA SER D 186 -8.00 31.56 0.19
C SER D 186 -6.95 30.57 0.70
N ARG D 187 -5.73 31.06 0.93
CA ARG D 187 -4.76 30.33 1.74
C ARG D 187 -5.17 30.43 3.21
N GLU D 188 -5.72 31.59 3.61
CA GLU D 188 -6.16 31.80 4.98
C GLU D 188 -7.30 30.86 5.40
N GLN D 189 -8.05 30.37 4.44
CA GLN D 189 -9.10 29.44 4.76
C GLN D 189 -8.51 28.05 4.82
N GLU D 190 -7.63 27.75 3.89
CA GLU D 190 -7.02 26.42 3.83
C GLU D 190 -6.10 26.12 5.02
N VAL D 191 -5.40 27.14 5.53
CA VAL D 191 -4.72 27.03 6.83
C VAL D 191 -5.68 26.97 8.01
N GLU D 192 -6.84 27.62 7.89
CA GLU D 192 -7.94 27.46 8.88
C GLU D 192 -8.39 26.01 8.96
N LYS D 193 -8.53 25.36 7.80
CA LYS D 193 -8.88 23.94 7.73
C LYS D 193 -7.78 23.03 8.30
N TYR D 194 -6.52 23.35 7.99
CA TYR D 194 -5.35 22.61 8.46
C TYR D 194 -5.23 22.57 9.99
N VAL D 195 -5.39 23.72 10.63
CA VAL D 195 -5.34 23.79 12.11
C VAL D 195 -6.54 23.06 12.77
N ASP D 196 -7.72 23.14 12.15
CA ASP D 196 -8.92 22.48 12.69
C ASP D 196 -8.81 20.95 12.69
N ARG D 197 -8.41 20.38 11.55
CA ARG D 197 -8.14 18.93 11.45
C ARG D 197 -7.15 18.48 12.52
N ALA D 198 -6.08 19.26 12.70
CA ALA D 198 -5.05 19.01 13.71
C ALA D 198 -5.59 19.10 15.13
N ALA D 199 -6.40 20.11 15.40
CA ALA D 199 -7.02 20.30 16.71
C ALA D 199 -7.98 19.16 17.05
N LYS D 200 -8.81 18.78 16.09
CA LYS D 200 -9.74 17.66 16.26
C LYS D 200 -9.00 16.32 16.41
N ARG D 201 -7.99 16.10 15.57
CA ARG D 201 -7.14 14.91 15.65
C ARG D 201 -6.43 14.76 17.01
N ILE D 202 -5.94 15.87 17.56
CA ILE D 202 -5.36 15.90 18.92
C ILE D 202 -6.43 15.55 19.97
N VAL D 203 -7.62 16.12 19.82
CA VAL D 203 -8.74 15.88 20.73
C VAL D 203 -9.22 14.42 20.69
N GLU D 204 -9.39 13.89 19.48
CA GLU D 204 -9.84 12.51 19.31
C GLU D 204 -8.97 11.52 20.09
N GLU D 205 -7.67 11.53 19.81
CA GLU D 205 -6.74 10.54 20.38
C GLU D 205 -6.45 10.77 21.88
N ALA D 206 -6.60 12.00 22.38
CA ALA D 206 -6.46 12.30 23.80
C ALA D 206 -7.56 11.61 24.63
N ALA D 207 -8.78 11.67 24.10
CA ALA D 207 -9.92 10.94 24.66
C ALA D 207 -9.79 9.44 24.39
N ARG D 208 -9.38 9.10 23.16
CA ARG D 208 -9.19 7.69 22.75
C ARG D 208 -8.11 6.94 23.57
N HIS D 209 -7.22 7.67 24.26
CA HIS D 209 -6.20 7.07 25.12
C HIS D 209 -6.24 7.50 26.61
N ARG D 210 -7.16 8.41 26.97
CA ARG D 210 -7.25 8.98 28.33
C ARG D 210 -5.98 9.78 28.69
N SER D 211 -5.84 10.94 28.04
CA SER D 211 -4.68 11.82 28.27
C SER D 211 -5.05 13.05 29.08
N PRO D 212 -4.35 13.27 30.22
CA PRO D 212 -4.49 14.55 30.94
C PRO D 212 -3.65 15.69 30.35
N ILE D 213 -2.53 15.35 29.69
CA ILE D 213 -1.61 16.36 29.11
C ILE D 213 -1.57 16.22 27.60
N ALA D 214 -1.51 17.37 26.93
CA ALA D 214 -1.27 17.42 25.49
C ALA D 214 -0.17 18.46 25.21
N VAL D 215 1.01 17.96 24.86
CA VAL D 215 2.10 18.81 24.42
C VAL D 215 1.89 19.10 22.92
N ILE D 216 1.92 20.39 22.56
CA ILE D 216 1.79 20.82 21.16
C ILE D 216 3.01 21.65 20.77
N ALA D 217 3.94 21.00 20.06
CA ALA D 217 5.18 21.62 19.63
C ALA D 217 5.03 22.27 18.26
N GLY D 218 5.95 23.19 17.95
CA GLY D 218 6.08 23.74 16.60
C GLY D 218 6.75 25.10 16.58
N PRO D 219 7.08 25.60 15.37
CA PRO D 219 7.65 26.93 15.24
C PRO D 219 6.57 28.00 14.98
N GLY D 220 6.48 28.98 15.88
CA GLY D 220 5.60 30.12 15.71
C GLY D 220 4.19 29.90 16.21
N GLN D 221 3.22 30.44 15.48
CA GLN D 221 1.85 30.59 15.97
C GLN D 221 0.92 29.39 15.67
N LEU D 222 1.25 28.58 14.66
CA LEU D 222 0.40 27.43 14.31
C LEU D 222 0.10 26.53 15.50
N LYS D 223 1.12 26.26 16.31
CA LYS D 223 0.92 25.49 17.54
C LYS D 223 -0.09 26.15 18.49
N THR D 224 0.03 27.47 18.69
CA THR D 224 -0.84 28.21 19.61
C THR D 224 -2.25 28.41 19.06
N SER D 225 -2.38 28.52 17.74
CA SER D 225 -3.70 28.47 17.08
C SER D 225 -4.38 27.12 17.34
N VAL D 226 -3.64 26.05 17.09
CA VAL D 226 -4.10 24.68 17.34
C VAL D 226 -4.36 24.45 18.84
N ALA D 227 -3.50 25.00 19.69
CA ALA D 227 -3.63 24.85 21.16
C ALA D 227 -4.84 25.58 21.72
N GLU D 228 -5.09 26.80 21.23
CA GLU D 228 -6.28 27.55 21.59
C GLU D 228 -7.58 26.82 21.23
N LYS D 229 -7.59 26.13 20.08
CA LYS D 229 -8.77 25.40 19.61
C LYS D 229 -9.02 24.05 20.29
N VAL D 230 -7.97 23.33 20.70
CA VAL D 230 -8.16 22.08 21.48
C VAL D 230 -8.62 22.36 22.91
N GLN D 231 -8.09 23.44 23.52
CA GLN D 231 -8.55 23.86 24.86
C GLN D 231 -10.07 24.11 24.91
N ARG D 232 -10.63 24.68 23.84
CA ARG D 232 -12.08 24.83 23.71
C ARG D 232 -12.77 23.48 23.75
N ALA D 233 -12.27 22.53 22.96
CA ALA D 233 -12.85 21.19 22.86
C ALA D 233 -12.69 20.33 24.14
N MET D 234 -11.69 20.62 24.96
CA MET D 234 -11.44 19.90 26.21
C MET D 234 -10.82 20.85 27.24
N PRO D 235 -11.66 21.68 27.90
CA PRO D 235 -11.13 22.58 28.95
C PRO D 235 -10.52 21.85 30.15
N SER D 236 -11.02 20.63 30.42
CA SER D 236 -10.42 19.71 31.39
C SER D 236 -8.95 19.43 31.11
N LEU D 237 -8.62 19.19 29.83
CA LEU D 237 -7.26 18.85 29.38
C LEU D 237 -6.24 19.97 29.61
N LYS D 238 -5.08 19.59 30.17
CA LYS D 238 -3.91 20.47 30.27
C LYS D 238 -3.22 20.49 28.89
N VAL D 239 -2.91 21.69 28.41
CA VAL D 239 -2.36 21.89 27.06
C VAL D 239 -1.14 22.82 27.14
N ALA D 240 0.05 22.24 26.99
CA ALA D 240 1.31 23.01 26.95
C ALA D 240 1.78 23.17 25.51
N THR D 241 2.31 24.35 25.17
CA THR D 241 2.86 24.61 23.84
C THR D 241 4.38 24.74 23.95
N VAL D 242 5.10 24.19 22.97
CA VAL D 242 6.55 24.06 23.04
C VAL D 242 7.22 24.66 21.80
N ASP D 243 8.22 25.50 22.00
CA ASP D 243 9.03 26.02 20.90
C ASP D 243 9.92 24.91 20.34
N THR D 244 10.06 24.92 19.02
CA THR D 244 10.59 23.78 18.28
C THR D 244 10.85 24.23 16.84
N SER D 245 11.88 23.67 16.21
CA SER D 245 12.34 24.09 14.88
C SER D 245 11.45 23.62 13.72
N MET D 246 10.79 22.47 13.89
CA MET D 246 9.93 21.93 12.84
C MET D 246 8.71 21.19 13.39
N GLY D 247 7.81 20.81 12.48
CA GLY D 247 6.63 20.01 12.80
C GLY D 247 6.91 18.53 12.57
N GLY D 248 5.84 17.76 12.33
CA GLY D 248 5.97 16.36 11.96
C GLY D 248 6.64 15.51 13.02
N VAL D 249 7.12 14.34 12.61
CA VAL D 249 7.64 13.35 13.57
C VAL D 249 8.97 13.82 14.17
N ALA D 250 9.86 14.38 13.34
CA ALA D 250 11.10 14.97 13.85
C ALA D 250 10.82 16.00 14.93
N GLY D 251 9.83 16.87 14.68
CA GLY D 251 9.37 17.88 15.63
C GLY D 251 8.77 17.33 16.91
N VAL D 252 8.07 16.20 16.82
CA VAL D 252 7.59 15.49 18.00
C VAL D 252 8.79 15.02 18.83
N ARG D 253 9.75 14.35 18.19
CA ARG D 253 10.91 13.83 18.88
C ARG D 253 11.77 14.93 19.45
N GLU D 254 11.93 16.01 18.72
CA GLU D 254 12.66 17.19 19.19
C GLU D 254 12.00 17.77 20.45
N ALA D 255 10.67 17.77 20.48
CA ALA D 255 9.91 18.21 21.65
C ALA D 255 10.23 17.41 22.91
N LEU D 256 10.50 16.11 22.76
CA LEU D 256 10.90 15.27 23.89
C LEU D 256 12.19 15.75 24.58
N ARG D 257 13.15 16.24 23.80
CA ARG D 257 14.43 16.70 24.35
C ARG D 257 14.34 18.04 25.08
N ARG D 258 13.46 18.94 24.61
CA ARG D 258 13.33 20.29 25.20
C ARG D 258 12.96 20.25 26.69
N GLU D 259 13.41 21.27 27.42
CA GLU D 259 13.32 21.30 28.88
C GLU D 259 11.88 21.40 29.37
N SER D 260 11.07 22.24 28.71
CA SER D 260 9.65 22.38 29.01
C SER D 260 8.98 21.01 29.20
N VAL D 261 9.21 20.12 28.23
CA VAL D 261 8.57 18.79 28.22
C VAL D 261 9.18 17.82 29.23
N THR D 262 10.50 17.80 29.36
CA THR D 262 11.18 16.86 30.28
C THR D 262 10.78 17.04 31.76
N ARG D 263 10.46 18.28 32.15
CA ARG D 263 9.91 18.56 33.49
C ARG D 263 8.43 18.16 33.59
N ILE D 264 7.64 18.52 32.58
CA ILE D 264 6.19 18.23 32.56
C ILE D 264 5.90 16.72 32.41
N LEU D 265 6.79 15.99 31.73
CA LEU D 265 6.67 14.53 31.54
C LEU D 265 7.81 13.76 32.22
N ARG D 266 8.24 14.18 33.42
CA ARG D 266 9.37 13.52 34.10
C ARG D 266 9.05 12.12 34.65
N GLU D 267 7.76 11.82 34.83
CA GLU D 267 7.33 10.49 35.29
C GLU D 267 7.58 9.38 34.27
N LEU D 268 7.46 9.71 32.98
CA LEU D 268 7.59 8.71 31.91
C LEU D 268 9.04 8.30 31.66
N SER D 269 9.30 7.00 31.71
CA SER D 269 10.66 6.45 31.55
C SER D 269 11.24 6.79 30.18
N ILE D 270 10.43 6.61 29.13
CA ILE D 270 10.75 7.03 27.76
C ILE D 270 11.40 8.42 27.72
N VAL D 271 10.84 9.37 28.48
CA VAL D 271 11.32 10.76 28.53
C VAL D 271 12.54 10.89 29.45
N GLU D 272 12.48 10.25 30.62
CA GLU D 272 13.59 10.23 31.57
C GLU D 272 14.87 9.68 30.93
N ALA D 273 14.70 8.63 30.13
CA ALA D 273 15.79 7.97 29.40
C ALA D 273 16.68 8.91 28.56
N GLU D 274 16.06 9.91 27.94
CA GLU D 274 16.82 10.84 27.09
C GLU D 274 17.82 11.67 27.92
N GLY D 275 17.43 12.07 29.13
CA GLY D 275 18.28 12.87 30.02
C GLY D 275 19.50 12.13 30.56
N VAL D 276 19.30 10.88 30.95
CA VAL D 276 20.41 10.00 31.37
C VAL D 276 21.27 9.61 30.15
N LEU D 277 20.63 9.34 29.02
CA LEU D 277 21.37 9.05 27.78
C LEU D 277 22.30 10.20 27.42
N GLU D 278 21.78 11.41 27.42
CA GLU D 278 22.59 12.60 27.10
C GLU D 278 23.78 12.72 28.07
N GLU D 279 23.53 12.50 29.36
CA GLU D 279 24.61 12.49 30.35
C GLU D 279 25.62 11.38 30.05
N PHE D 280 25.14 10.17 29.78
CA PHE D 280 26.02 9.08 29.36
C PHE D 280 26.95 9.50 28.21
N LEU D 281 26.38 10.17 27.21
CA LEU D 281 27.14 10.58 26.03
C LEU D 281 28.08 11.76 26.32
N ARG D 282 27.61 12.74 27.10
CA ARG D 282 28.48 13.83 27.57
C ARG D 282 29.76 13.24 28.16
N ARG D 283 29.58 12.24 29.03
CA ARG D 283 30.69 11.58 29.70
C ARG D 283 31.57 10.79 28.74
N ILE D 284 30.95 10.11 27.79
CA ILE D 284 31.65 9.39 26.72
C ILE D 284 32.64 10.29 25.96
N ALA D 285 32.23 11.53 25.69
CA ALA D 285 33.11 12.51 25.07
C ALA D 285 34.36 12.80 25.91
N LYS D 286 34.19 13.30 27.14
CA LYS D 286 35.33 13.59 28.02
C LYS D 286 35.80 12.33 28.76
N SER D 287 35.17 12.06 29.90
CA SER D 287 35.70 11.17 30.93
C SER D 287 35.13 9.77 30.72
N ARG D 288 35.84 8.99 29.92
CA ARG D 288 35.34 7.68 29.46
C ARG D 288 35.28 6.60 30.56
N ASP D 289 35.71 6.94 31.79
CA ASP D 289 35.71 6.01 32.92
C ASP D 289 34.52 6.17 33.89
N THR D 290 33.81 7.29 33.84
CA THR D 290 32.62 7.48 34.69
C THR D 290 31.33 6.88 34.10
N VAL D 291 31.45 6.00 33.10
CA VAL D 291 30.32 5.26 32.52
C VAL D 291 30.69 3.81 32.16
N ALA D 292 29.68 3.01 31.86
CA ALA D 292 29.87 1.62 31.38
C ALA D 292 28.71 1.16 30.52
N TYR D 293 28.97 0.13 29.69
CA TYR D 293 27.96 -0.40 28.77
C TYR D 293 28.27 -1.83 28.28
N THR D 294 27.23 -2.48 27.77
CA THR D 294 27.16 -3.94 27.50
C THR D 294 26.99 -4.73 28.80
N PRO D 295 26.14 -5.78 28.80
CA PRO D 295 25.84 -6.55 30.02
C PRO D 295 27.06 -6.94 30.88
N GLY D 296 28.14 -7.36 30.24
CA GLY D 296 29.36 -7.73 30.94
C GLY D 296 29.89 -6.63 31.85
N GLU D 297 30.13 -5.45 31.29
CA GLU D 297 30.69 -4.33 32.06
C GLU D 297 29.72 -3.79 33.11
N VAL D 298 28.43 -3.67 32.76
CA VAL D 298 27.43 -3.19 33.72
C VAL D 298 27.31 -4.14 34.94
N LEU D 299 27.44 -5.45 34.71
CA LEU D 299 27.50 -6.41 35.82
C LEU D 299 28.74 -6.21 36.68
N ALA D 300 29.91 -6.20 36.04
CA ALA D 300 31.20 -6.08 36.73
C ALA D 300 31.29 -4.86 37.65
N VAL D 301 30.79 -3.72 37.17
CA VAL D 301 30.81 -2.47 37.94
C VAL D 301 29.63 -2.35 38.92
N ALA D 302 28.52 -3.06 38.67
CA ALA D 302 27.40 -3.10 39.63
C ALA D 302 27.81 -3.81 40.92
N ARG D 303 28.58 -4.89 40.80
CA ARG D 303 29.21 -5.58 41.95
C ARG D 303 30.02 -4.61 42.81
N MET D 304 30.76 -3.71 42.16
CA MET D 304 31.57 -2.69 42.84
C MET D 304 30.77 -1.65 43.64
N GLY D 305 29.47 -1.56 43.38
CA GLY D 305 28.63 -0.52 43.98
C GLY D 305 28.87 0.81 43.30
N ALA D 306 29.29 0.76 42.04
CA ALA D 306 29.63 1.96 41.28
C ALA D 306 28.44 2.55 40.54
N VAL D 307 27.43 1.73 40.23
CA VAL D 307 26.34 2.15 39.33
C VAL D 307 25.33 3.07 40.00
N ASP D 308 25.37 4.34 39.58
CA ASP D 308 24.46 5.38 40.09
C ASP D 308 23.06 5.22 39.50
N THR D 309 23.03 4.98 38.19
CA THR D 309 21.79 4.73 37.48
C THR D 309 22.08 3.92 36.23
N VAL D 310 21.17 3.03 35.87
CA VAL D 310 21.29 2.17 34.68
C VAL D 310 20.05 2.34 33.78
N LEU D 311 20.30 2.50 32.48
CA LEU D 311 19.24 2.60 31.46
C LEU D 311 19.41 1.37 30.56
N LEU D 312 18.31 0.67 30.24
CA LEU D 312 18.41 -0.51 29.37
C LEU D 312 17.18 -0.95 28.59
N VAL D 313 17.44 -1.61 27.45
CA VAL D 313 16.41 -2.12 26.54
C VAL D 313 15.82 -3.42 27.10
N ASP D 314 14.49 -3.43 27.25
CA ASP D 314 13.78 -4.55 27.89
C ASP D 314 13.99 -5.91 27.22
N THR D 315 14.28 -5.92 25.92
CA THR D 315 14.57 -7.16 25.17
C THR D 315 15.73 -7.97 25.79
N LEU D 316 16.70 -7.30 26.42
CA LEU D 316 17.80 -7.98 27.11
C LEU D 316 17.36 -8.91 28.24
N LEU D 317 16.28 -8.52 28.92
CA LEU D 317 15.68 -9.33 29.99
C LEU D 317 15.14 -10.68 29.47
N HIS D 318 14.71 -10.71 28.21
CA HIS D 318 14.18 -11.95 27.59
C HIS D 318 15.10 -12.63 26.55
N SER D 319 16.24 -12.01 26.25
CA SER D 319 17.19 -12.55 25.30
C SER D 319 17.14 -14.06 25.21
N PRO D 320 17.49 -14.62 24.04
CA PRO D 320 17.52 -16.09 23.87
C PRO D 320 18.69 -16.78 24.61
N ASP D 321 19.80 -16.06 24.79
CA ASP D 321 20.93 -16.56 25.57
C ASP D 321 20.61 -16.48 27.07
N ASP D 322 20.79 -17.60 27.77
CA ASP D 322 20.54 -17.66 29.21
C ASP D 322 21.56 -16.87 30.04
N ALA D 323 22.80 -16.77 29.54
CA ALA D 323 23.90 -16.10 30.27
C ALA D 323 23.61 -14.62 30.51
N VAL D 324 23.30 -13.89 29.43
CA VAL D 324 22.98 -12.46 29.54
C VAL D 324 21.66 -12.19 30.30
N ARG D 325 20.69 -13.09 30.18
CA ARG D 325 19.44 -13.02 30.99
C ARG D 325 19.74 -13.00 32.50
N GLU D 326 20.52 -13.97 32.94
CA GLU D 326 20.89 -14.10 34.35
C GLU D 326 21.92 -13.06 34.77
N ALA D 327 22.76 -12.61 33.82
CA ALA D 327 23.77 -11.57 34.09
C ALA D 327 23.15 -10.18 34.16
N VAL D 328 22.16 -9.90 33.31
CA VAL D 328 21.46 -8.62 33.34
C VAL D 328 20.64 -8.48 34.64
N ASP D 329 20.00 -9.58 35.04
CA ASP D 329 19.22 -9.61 36.29
C ASP D 329 20.08 -9.41 37.54
N GLU D 330 21.21 -10.07 37.62
CA GLU D 330 22.04 -9.90 38.79
C GLU D 330 22.39 -8.46 38.88
N ALA D 331 22.99 -7.94 37.83
CA ALA D 331 23.43 -6.55 37.82
C ALA D 331 22.34 -5.61 38.34
N LEU D 332 21.14 -5.76 37.76
CA LEU D 332 19.97 -4.99 38.19
C LEU D 332 19.65 -5.18 39.68
N ARG D 333 19.84 -6.41 40.17
CA ARG D 333 19.70 -6.70 41.61
C ARG D 333 20.77 -5.91 42.37
N LEU D 334 22.02 -6.04 41.93
CA LEU D 334 23.13 -5.30 42.53
C LEU D 334 22.91 -3.78 42.58
N VAL D 335 22.60 -3.15 41.45
CA VAL D 335 22.52 -1.67 41.41
C VAL D 335 21.40 -1.14 42.31
N GLU D 336 20.29 -1.87 42.36
CA GLU D 336 19.12 -1.48 43.15
C GLU D 336 19.37 -1.76 44.63
N SER D 337 20.07 -2.85 44.92
CA SER D 337 20.44 -3.21 46.30
C SER D 337 21.41 -2.21 46.94
N MET D 338 22.23 -1.56 46.11
CA MET D 338 23.24 -0.60 46.58
C MET D 338 22.86 0.86 46.24
N GLY D 339 21.60 1.21 46.48
CA GLY D 339 21.13 2.60 46.43
C GLY D 339 20.96 3.25 45.06
N GLY D 340 21.05 2.46 43.99
CA GLY D 340 21.04 2.97 42.62
C GLY D 340 19.68 2.89 41.97
N ARG D 341 19.59 3.47 40.78
CA ARG D 341 18.34 3.57 40.02
C ARG D 341 18.41 2.73 38.75
N VAL D 342 17.27 2.16 38.36
CA VAL D 342 17.19 1.28 37.18
C VAL D 342 16.01 1.68 36.30
N ILE D 343 16.32 2.19 35.10
CA ILE D 343 15.32 2.64 34.13
C ILE D 343 15.24 1.65 32.97
N ILE D 344 14.07 1.05 32.77
CA ILE D 344 13.83 0.12 31.67
C ILE D 344 12.89 0.78 30.65
N ILE D 345 13.23 0.62 29.38
CA ILE D 345 12.44 1.15 28.27
C ILE D 345 12.50 0.20 27.07
N PRO D 346 11.57 0.33 26.09
CA PRO D 346 11.62 -0.47 24.87
C PRO D 346 12.69 -0.05 23.85
N GLY D 347 13.04 -0.95 22.94
CA GLY D 347 13.81 -0.60 21.74
C GLY D 347 13.02 0.31 20.80
N ASP D 348 11.71 0.08 20.73
CA ASP D 348 10.74 0.99 20.05
C ASP D 348 10.57 2.33 20.79
N SER D 349 11.61 3.15 20.76
CA SER D 349 11.62 4.46 21.41
C SER D 349 12.81 5.28 20.93
N PRO D 350 12.69 6.62 20.93
CA PRO D 350 13.79 7.48 20.50
C PRO D 350 15.12 7.21 21.19
N ALA D 351 15.09 7.02 22.51
CA ALA D 351 16.30 6.74 23.30
C ALA D 351 16.82 5.33 23.10
N GLY D 352 15.90 4.36 23.07
CA GLY D 352 16.24 2.95 22.90
C GLY D 352 16.99 2.61 21.63
N GLU D 353 16.74 3.38 20.57
CA GLU D 353 17.43 3.20 19.30
C GLU D 353 18.94 3.44 19.39
N ARG D 354 19.36 4.38 20.23
CA ARG D 354 20.78 4.75 20.33
C ARG D 354 21.58 3.82 21.26
N LEU D 355 20.87 3.03 22.07
CA LEU D 355 21.51 2.05 22.96
C LEU D 355 22.05 0.79 22.24
N VAL D 356 21.65 0.56 21.00
CA VAL D 356 22.07 -0.65 20.25
C VAL D 356 23.58 -0.75 20.02
N SER D 357 24.24 0.39 19.82
CA SER D 357 25.71 0.46 19.73
C SER D 357 26.42 0.10 21.05
N PHE D 358 25.69 0.25 22.16
CA PHE D 358 26.19 -0.01 23.50
C PHE D 358 25.63 -1.31 24.13
N GLY D 359 25.13 -2.22 23.30
CA GLY D 359 24.75 -3.56 23.74
C GLY D 359 23.45 -3.68 24.51
N GLY D 360 22.61 -2.64 24.43
CA GLY D 360 21.31 -2.63 25.11
C GLY D 360 21.27 -2.03 26.51
N VAL D 361 22.44 -1.84 27.15
CA VAL D 361 22.55 -1.27 28.52
C VAL D 361 23.60 -0.16 28.60
N ILE D 362 23.29 0.89 29.35
CA ILE D 362 24.28 1.91 29.72
C ILE D 362 24.19 2.22 31.21
N ALA D 363 25.32 2.51 31.84
CA ALA D 363 25.35 2.87 33.25
C ALA D 363 26.15 4.13 33.45
N LEU D 364 25.63 5.02 34.28
CA LEU D 364 26.38 6.16 34.82
C LEU D 364 27.00 5.71 36.14
N LEU D 365 28.29 6.00 36.32
CA LEU D 365 29.00 5.58 37.52
C LEU D 365 29.18 6.72 38.52
N ARG D 366 29.34 6.34 39.78
CA ARG D 366 29.60 7.28 40.88
C ARG D 366 31.09 7.63 40.97
N TYR D 367 31.94 6.84 40.31
CA TYR D 367 33.36 7.16 40.23
C TYR D 367 34.02 6.53 39.01
N PRO D 368 35.19 7.05 38.60
CA PRO D 368 35.98 6.44 37.53
C PRO D 368 36.40 5.00 37.81
N VAL D 369 36.20 4.13 36.82
CA VAL D 369 36.61 2.73 36.87
C VAL D 369 37.32 2.45 35.54
N PRO D 370 38.68 2.39 35.55
CA PRO D 370 39.43 2.03 34.35
C PRO D 370 39.01 0.69 33.71
N GLN D 371 39.34 0.53 32.43
CA GLN D 371 38.91 -0.64 31.63
C GLN D 371 39.49 -1.96 32.15
N GLU D 372 40.74 -1.91 32.61
CA GLU D 372 41.41 -3.04 33.27
C GLU D 372 40.54 -3.72 34.36
N ALA D 373 39.79 -2.91 35.10
CA ALA D 373 38.99 -3.37 36.23
C ALA D 373 37.65 -4.04 35.90
N ARG D 374 37.26 -4.08 34.62
CA ARG D 374 35.92 -4.56 34.24
C ARG D 374 35.89 -5.99 33.69
N ARG D 375 36.01 -6.97 34.61
CA ARG D 375 35.86 -8.40 34.30
C ARG D 375 34.37 -8.76 34.35
N SER E 9 -16.60 -34.23 -28.37
CA SER E 9 -15.87 -34.11 -27.08
C SER E 9 -14.41 -34.58 -27.20
N GLY E 10 -14.21 -35.89 -27.46
CA GLY E 10 -12.90 -36.50 -27.75
C GLY E 10 -11.75 -36.10 -26.84
N LEU E 11 -11.70 -36.69 -25.64
CA LEU E 11 -10.78 -36.25 -24.57
C LEU E 11 -9.76 -37.32 -24.13
N SER E 12 -8.80 -37.60 -25.03
CA SER E 12 -7.66 -38.46 -24.72
C SER E 12 -6.38 -37.62 -24.72
N GLY E 13 -6.16 -36.91 -23.61
CA GLY E 13 -5.03 -36.00 -23.45
C GLY E 13 -4.27 -36.26 -22.17
N MET E 14 -3.02 -36.71 -22.32
CA MET E 14 -2.08 -36.89 -21.19
C MET E 14 -0.92 -35.89 -21.30
N PHE E 15 -0.67 -35.22 -20.17
CA PHE E 15 0.40 -34.27 -20.00
C PHE E 15 1.42 -34.94 -19.08
N GLY E 16 1.69 -36.22 -19.35
CA GLY E 16 2.39 -37.09 -18.42
C GLY E 16 1.61 -37.39 -17.16
N PHE E 17 0.28 -37.51 -17.27
CA PHE E 17 -0.59 -37.78 -16.12
C PHE E 17 -0.70 -39.29 -15.83
PG GTP F . -24.12 -33.11 -2.17
O1G GTP F . -24.04 -33.48 -3.63
O2G GTP F . -22.87 -33.39 -1.37
O3G GTP F . -24.73 -31.75 -1.97
O3B GTP F . -25.15 -34.19 -1.60
PB GTP F . -24.64 -35.70 -1.37
O1B GTP F . -24.13 -36.28 -2.66
O2B GTP F . -23.75 -35.77 -0.15
O3A GTP F . -26.01 -36.47 -1.02
PA GTP F . -26.56 -36.63 0.47
O1A GTP F . -26.79 -35.26 1.05
O2A GTP F . -25.67 -37.64 1.20
O5' GTP F . -28.01 -37.28 0.19
C5' GTP F . -28.96 -36.56 -0.62
C4' GTP F . -30.26 -37.35 -0.73
O4' GTP F . -30.01 -38.65 -1.26
C3' GTP F . -30.93 -37.54 0.61
O3' GTP F . -32.33 -37.29 0.49
C2' GTP F . -30.61 -38.97 0.97
O2' GTP F . -31.62 -39.57 1.78
C1' GTP F . -30.53 -39.65 -0.38
N9 GTP F . -29.66 -40.83 -0.35
C8 GTP F . -28.33 -40.80 -0.16
N7 GTP F . -27.82 -42.06 -0.18
C5 GTP F . -28.83 -42.91 -0.40
C6 GTP F . -28.98 -44.38 -0.55
O6 GTP F . -27.98 -45.13 -0.47
N1 GTP F . -30.21 -44.86 -0.78
C2 GTP F . -31.30 -44.06 -0.87
N2 GTP F . -32.52 -44.63 -1.09
N3 GTP F . -31.23 -42.70 -0.75
C4 GTP F . -30.05 -42.09 -0.52
MG MG G . -22.00 -34.20 0.28
NA NA H . -26.60 -33.50 -0.32
PG GTP I . 13.54 38.40 8.42
O1G GTP I . 14.90 38.08 8.96
O2G GTP I . 13.32 38.04 6.99
O3G GTP I . 12.43 37.97 9.35
O3B GTP I . 13.53 40.01 8.41
PB GTP I . 14.44 40.83 7.35
O1B GTP I . 15.88 40.49 7.60
O2B GTP I . 13.88 40.66 5.96
O3A GTP I . 14.23 42.38 7.79
PA GTP I . 13.00 43.32 7.30
O1A GTP I . 11.70 42.66 7.67
O2A GTP I . 13.27 43.77 5.88
O5' GTP I . 13.17 44.60 8.26
C5' GTP I . 13.11 44.50 9.68
C4' GTP I . 13.21 45.89 10.33
O4' GTP I . 14.50 46.47 10.07
C3' GTP I . 12.17 46.87 9.79
O3' GTP I . 11.62 47.65 10.85
C2' GTP I . 12.96 47.73 8.83
O2' GTP I . 12.44 49.05 8.68
C1' GTP I . 14.34 47.75 9.47
N9 GTP I . 15.37 48.01 8.46
C8 GTP I . 15.76 47.18 7.48
N7 GTP I . 16.73 47.73 6.71
C5 GTP I . 16.98 48.97 7.21
C6 GTP I . 17.89 50.09 6.88
O6 GTP I . 18.70 50.03 5.92
N1 GTP I . 17.84 51.18 7.65
C2 GTP I . 16.99 51.29 8.69
N2 GTP I . 16.97 52.43 9.43
N3 GTP I . 16.12 50.30 9.05
C4 GTP I . 16.07 49.14 8.36
MG MG J . 11.82 39.76 6.13
NA NA K . 11.65 40.81 9.05
#